data_8FM8
#
_entry.id   8FM8
#
_cell.length_a   71.534
_cell.length_b   121.790
_cell.length_c   194.603
_cell.angle_alpha   90.000
_cell.angle_beta   90.000
_cell.angle_gamma   90.000
#
_symmetry.space_group_name_H-M   'P 21 21 21'
#
loop_
_entity.id
_entity.type
_entity.pdbx_description
1 polymer 'Envelope glycoprotein gp120'
2 non-polymer 2-acetamido-2-deoxy-beta-D-glucopyranose
3 non-polymer '(pentafluorophenyl)methyl (2R,3S)-2-(carbamimidamidomethyl)-3-[2-(4-chloro-3-fluoroanilino)(oxo)acetamido]-6-[(methylamino)methyl]-2,3-dihydro-1H-indole-1-carboxylate'
4 non-polymer IMIDAZOLE
5 water water
#
_entity_poly.entity_id   1
_entity_poly.type   'polypeptide(L)'
_entity_poly.pdbx_seq_one_letter_code
;VWKEAKTTLFCASDAKAYEKEVHNVWATHACVPTDPNPQEMVLANVTENFNMWKNDMVEQMHEDIISLWDESLKPCVKLT
GGSAITQACPKVSFDPIPLHYCAPAGFAILKCNNKTFNGTGPCRNVSTVQCTHGIKPVVSTQLLLNGSLAEEEIIIRSEN
LTNNAKTIIVHLNESVNIVCTRPNNGGSGSGGNIRQAHCNINESKWNNTLQKVGEELAKHFPSKTIKFEPSSGGDLEITT
HSFNCRGEFFYCNTSDLFNGTYRNGTYNHTGRSSNGTITLQCKIKQIINMWQEVGRAIYAPPIEGEITCNSNITGLLLLR
DGGQSNETNDTETFRPGGGDMRDNWRSELYKYKVVEIK
;
_entity_poly.pdbx_strand_id   C,D,A,B
#
# COMPACT_ATOMS: atom_id res chain seq x y z
N LYS A 6 -39.34 0.96 19.16
CA LYS A 6 -39.86 1.34 20.48
C LYS A 6 -40.15 2.86 20.56
N THR A 7 -39.14 3.73 20.40
CA THR A 7 -39.31 5.16 20.62
C THR A 7 -38.25 5.95 19.86
N THR A 8 -38.24 7.28 20.09
CA THR A 8 -37.28 8.19 19.45
C THR A 8 -36.17 8.52 20.47
N LEU A 9 -34.95 8.10 20.18
CA LEU A 9 -33.81 8.44 21.02
C LEU A 9 -33.41 9.90 20.85
N PHE A 10 -32.51 10.36 21.70
CA PHE A 10 -31.92 11.68 21.50
C PHE A 10 -30.41 11.56 21.71
N CYS A 11 -29.64 12.50 21.20
CA CYS A 11 -28.19 12.36 21.30
C CYS A 11 -27.61 13.41 22.21
N ALA A 12 -26.61 12.97 22.99
CA ALA A 12 -25.82 13.82 23.84
C ALA A 12 -24.40 13.80 23.33
N SER A 13 -23.77 14.97 23.26
CA SER A 13 -22.40 15.00 22.78
C SER A 13 -21.66 16.02 23.61
N ASP A 14 -20.37 16.12 23.36
CA ASP A 14 -19.53 17.00 24.15
C ASP A 14 -18.96 18.07 23.23
N ALA A 15 -19.67 18.34 22.13
CA ALA A 15 -19.15 19.27 21.15
C ALA A 15 -19.22 20.70 21.68
N LYS A 16 -18.40 21.59 21.11
CA LYS A 16 -18.53 22.97 21.57
C LYS A 16 -19.00 23.79 20.39
N ALA A 17 -19.72 24.86 20.71
CA ALA A 17 -20.29 25.65 19.64
C ALA A 17 -19.31 26.65 19.02
N TYR A 18 -18.07 26.74 19.49
CA TYR A 18 -17.05 27.55 18.84
C TYR A 18 -16.17 26.76 17.89
N GLU A 19 -16.28 25.44 17.88
CA GLU A 19 -15.55 24.70 16.87
C GLU A 19 -16.20 25.00 15.51
N LYS A 20 -15.36 25.21 14.49
CA LYS A 20 -15.77 25.16 13.08
C LYS A 20 -15.92 23.72 12.58
N GLU A 21 -15.47 22.75 13.36
CA GLU A 21 -15.49 21.38 12.88
C GLU A 21 -16.93 20.91 12.76
N VAL A 22 -17.22 20.20 11.67
CA VAL A 22 -18.61 20.05 11.30
C VAL A 22 -19.36 19.03 12.18
N HIS A 23 -18.69 18.00 12.71
CA HIS A 23 -19.41 17.18 13.69
C HIS A 23 -19.81 18.01 14.90
N ASN A 24 -18.90 18.88 15.37
CA ASN A 24 -19.24 19.77 16.48
C ASN A 24 -20.44 20.64 16.15
N VAL A 25 -20.44 21.26 14.97
CA VAL A 25 -21.56 22.12 14.61
C VAL A 25 -22.87 21.34 14.60
N TRP A 26 -22.90 20.25 13.84
CA TRP A 26 -24.11 19.45 13.81
C TRP A 26 -24.54 19.09 15.21
N ALA A 27 -23.61 18.57 16.02
CA ALA A 27 -23.98 18.10 17.34
C ALA A 27 -24.51 19.24 18.21
N THR A 28 -23.94 20.45 18.07
CA THR A 28 -24.40 21.51 18.96
C THR A 28 -25.80 21.95 18.58
N HIS A 29 -26.26 21.72 17.34
CA HIS A 29 -27.70 21.97 17.24
C HIS A 29 -28.58 20.74 17.35
N ALA A 30 -28.03 19.54 17.25
CA ALA A 30 -28.88 18.37 17.27
C ALA A 30 -28.81 17.57 18.56
N CYS A 31 -27.75 17.74 19.35
CA CYS A 31 -27.61 16.97 20.58
C CYS A 31 -27.64 17.89 21.79
N VAL A 32 -27.94 17.29 22.93
CA VAL A 32 -27.93 17.96 24.21
C VAL A 32 -26.59 17.65 24.87
N PRO A 33 -26.10 18.51 25.77
CA PRO A 33 -24.85 18.20 26.47
C PRO A 33 -25.00 16.94 27.32
N THR A 34 -23.84 16.40 27.71
CA THR A 34 -23.76 15.07 28.30
C THR A 34 -23.76 15.17 29.82
N ASP A 35 -24.45 14.22 30.47
CA ASP A 35 -24.43 14.14 31.92
C ASP A 35 -23.01 13.90 32.44
N PRO A 36 -22.42 14.86 33.16
CA PRO A 36 -21.01 14.70 33.57
C PRO A 36 -20.79 13.46 34.40
N ASN A 37 -21.77 13.06 35.20
CA ASN A 37 -21.78 11.76 35.86
C ASN A 37 -23.08 11.00 35.60
N PRO A 38 -23.08 10.11 34.63
CA PRO A 38 -24.25 9.30 34.35
C PRO A 38 -24.39 8.28 35.47
N GLN A 39 -25.38 7.41 35.33
CA GLN A 39 -25.71 6.51 36.42
C GLN A 39 -26.25 5.20 35.86
N GLU A 40 -25.52 4.14 36.16
CA GLU A 40 -25.75 2.77 35.74
C GLU A 40 -26.54 2.05 36.83
N MET A 41 -26.82 0.78 36.59
CA MET A 41 -27.86 0.12 37.39
C MET A 41 -27.85 -1.36 36.99
N VAL A 42 -27.15 -2.16 37.81
CA VAL A 42 -26.76 -3.53 37.49
C VAL A 42 -28.01 -4.40 37.58
N LEU A 43 -27.92 -5.66 37.18
CA LEU A 43 -29.04 -6.59 37.37
C LEU A 43 -28.59 -7.99 36.95
N ALA A 44 -27.51 -8.50 37.59
CA ALA A 44 -26.73 -9.66 37.12
C ALA A 44 -27.47 -11.00 37.18
N ASN A 45 -28.71 -11.06 37.71
CA ASN A 45 -29.53 -12.27 37.56
C ASN A 45 -30.49 -12.19 36.36
N VAL A 46 -30.75 -10.99 35.83
CA VAL A 46 -31.94 -10.73 35.02
C VAL A 46 -31.94 -11.61 33.76
N THR A 47 -30.88 -11.50 32.95
CA THR A 47 -30.86 -12.21 31.66
C THR A 47 -31.99 -11.78 30.71
N GLU A 48 -31.64 -10.98 29.69
CA GLU A 48 -32.57 -10.63 28.60
C GLU A 48 -31.86 -10.85 27.26
N ASN A 49 -32.63 -11.03 26.17
CA ASN A 49 -32.01 -11.32 24.88
C ASN A 49 -31.81 -10.05 24.08
N PHE A 50 -30.74 -10.01 23.29
CA PHE A 50 -30.77 -8.96 22.30
C PHE A 50 -30.54 -9.55 20.93
N ASN A 51 -30.71 -8.71 19.90
CA ASN A 51 -30.34 -9.08 18.53
C ASN A 51 -29.74 -7.86 17.85
N MET A 52 -28.41 -7.79 17.89
CA MET A 52 -27.68 -6.69 17.26
C MET A 52 -28.11 -6.47 15.82
N TRP A 53 -28.53 -7.51 15.11
CA TRP A 53 -28.86 -7.40 13.69
C TRP A 53 -30.24 -6.83 13.43
N LYS A 54 -31.06 -6.71 14.44
CA LYS A 54 -32.39 -6.16 14.24
C LYS A 54 -32.65 -5.09 15.31
N ASN A 55 -31.82 -4.06 15.39
CA ASN A 55 -31.79 -3.19 16.57
C ASN A 55 -32.19 -1.81 16.03
N ASP A 56 -33.29 -1.24 16.56
CA ASP A 56 -33.77 0.03 16.00
C ASP A 56 -32.80 1.19 16.21
N MET A 57 -32.03 1.16 17.29
CA MET A 57 -31.03 2.18 17.54
C MET A 57 -30.12 2.38 16.33
N VAL A 58 -29.75 1.29 15.68
CA VAL A 58 -28.94 1.39 14.47
C VAL A 58 -29.64 2.24 13.41
N GLU A 59 -30.90 1.94 13.11
CA GLU A 59 -31.60 2.79 12.14
C GLU A 59 -31.56 4.26 12.54
N GLN A 60 -31.86 4.55 13.82
CA GLN A 60 -31.92 5.96 14.22
C GLN A 60 -30.57 6.65 14.07
N MET A 61 -29.48 5.98 14.49
CA MET A 61 -28.18 6.64 14.33
C MET A 61 -27.80 6.77 12.86
N HIS A 62 -28.16 5.77 12.05
CA HIS A 62 -27.95 5.88 10.61
C HIS A 62 -28.62 7.14 10.06
N GLU A 63 -29.88 7.36 10.42
CA GLU A 63 -30.56 8.60 10.08
C GLU A 63 -29.71 9.79 10.47
N ASP A 64 -29.24 9.80 11.72
CA ASP A 64 -28.57 11.01 12.19
C ASP A 64 -27.30 11.25 11.39
N ILE A 65 -26.54 10.20 11.15
CA ILE A 65 -25.28 10.39 10.43
C ILE A 65 -25.55 10.85 9.01
N ILE A 66 -26.61 10.33 8.37
CA ILE A 66 -26.95 10.86 7.05
C ILE A 66 -27.20 12.36 7.15
N SER A 67 -27.98 12.76 8.16
CA SER A 67 -28.25 14.18 8.38
C SER A 67 -26.95 14.96 8.51
N LEU A 68 -26.08 14.48 9.39
CA LEU A 68 -24.81 15.13 9.65
C LEU A 68 -24.02 15.33 8.35
N TRP A 69 -23.91 14.26 7.56
CA TRP A 69 -23.13 14.37 6.34
C TRP A 69 -23.81 15.31 5.34
N ASP A 70 -25.16 15.33 5.29
CA ASP A 70 -25.81 16.24 4.35
C ASP A 70 -25.57 17.68 4.73
N GLU A 71 -25.47 17.98 6.04
CA GLU A 71 -25.31 19.38 6.40
C GLU A 71 -23.86 19.80 6.38
N SER A 72 -22.93 18.84 6.47
CA SER A 72 -21.50 19.10 6.66
C SER A 72 -20.65 18.88 5.41
N LEU A 73 -20.82 17.75 4.73
CA LEU A 73 -20.01 17.45 3.56
C LEU A 73 -20.85 17.58 2.29
N LYS A 74 -21.28 18.77 1.97
CA LYS A 74 -22.08 18.91 0.74
C LYS A 74 -21.24 18.66 -0.52
N PRO A 75 -21.74 17.88 -1.46
CA PRO A 75 -21.02 17.69 -2.73
C PRO A 75 -21.27 18.84 -3.65
N CYS A 76 -20.30 19.12 -4.51
CA CYS A 76 -20.55 20.04 -5.59
C CYS A 76 -21.69 19.53 -6.45
N VAL A 77 -21.68 18.24 -6.74
CA VAL A 77 -22.78 17.70 -7.54
C VAL A 77 -23.27 16.42 -6.88
N LYS A 78 -24.56 16.18 -6.97
CA LYS A 78 -25.14 14.95 -6.46
C LYS A 78 -26.01 14.42 -7.57
N LEU A 79 -25.70 13.21 -8.05
CA LEU A 79 -26.49 12.54 -9.05
C LEU A 79 -27.30 11.44 -8.39
N THR A 80 -28.63 11.58 -8.40
CA THR A 80 -29.47 10.45 -8.02
C THR A 80 -30.68 10.39 -8.92
N GLY A 81 -31.09 9.18 -9.26
CA GLY A 81 -32.10 9.05 -10.29
C GLY A 81 -31.61 9.76 -11.54
N GLY A 82 -32.50 10.59 -12.11
CA GLY A 82 -32.10 11.36 -13.27
C GLY A 82 -31.52 12.69 -12.85
N SER A 83 -31.90 13.12 -11.65
CA SER A 83 -31.61 14.46 -11.16
C SER A 83 -30.13 14.63 -10.84
N ALA A 84 -29.64 15.86 -11.03
CA ALA A 84 -28.36 16.32 -10.53
C ALA A 84 -28.58 17.59 -9.70
N ILE A 85 -28.09 17.61 -8.47
CA ILE A 85 -28.20 18.79 -7.60
C ILE A 85 -26.84 19.44 -7.55
N THR A 86 -26.77 20.75 -7.72
CA THR A 86 -25.55 21.50 -7.46
C THR A 86 -25.65 22.36 -6.21
N GLN A 87 -24.56 22.36 -5.43
CA GLN A 87 -24.48 23.15 -4.21
C GLN A 87 -23.06 23.65 -4.05
N ALA A 88 -22.89 24.60 -3.16
CA ALA A 88 -21.55 25.00 -2.77
C ALA A 88 -20.92 23.88 -1.98
N CYS A 89 -19.68 23.51 -2.34
CA CYS A 89 -18.95 22.41 -1.70
C CYS A 89 -17.63 22.94 -1.08
N PRO A 90 -17.75 23.80 -0.06
CA PRO A 90 -16.53 24.33 0.57
C PRO A 90 -15.78 23.21 1.24
N LYS A 91 -14.44 23.32 1.24
CA LYS A 91 -13.61 22.48 2.09
C LYS A 91 -13.84 22.83 3.55
N VAL A 92 -13.88 21.81 4.42
CA VAL A 92 -14.31 22.05 5.80
C VAL A 92 -13.42 21.30 6.77
N SER A 93 -13.58 21.62 8.05
CA SER A 93 -12.85 20.97 9.12
C SER A 93 -13.67 19.77 9.57
N PHE A 94 -13.10 18.57 9.38
CA PHE A 94 -13.85 17.32 9.48
C PHE A 94 -13.07 16.32 10.33
N ASP A 95 -13.53 16.12 11.57
CA ASP A 95 -12.92 15.11 12.44
C ASP A 95 -13.95 14.56 13.43
N PRO A 96 -14.41 13.32 13.24
CA PRO A 96 -15.61 12.86 13.96
C PRO A 96 -15.43 12.95 15.46
N ILE A 97 -16.51 13.28 16.17
CA ILE A 97 -16.53 13.35 17.63
C ILE A 97 -17.43 12.24 18.14
N PRO A 98 -17.35 11.83 19.40
CA PRO A 98 -18.25 10.78 19.88
C PRO A 98 -19.63 11.34 20.13
N LEU A 99 -20.63 10.50 19.87
CA LEU A 99 -22.05 10.78 20.07
C LEU A 99 -22.61 9.72 21.00
N HIS A 100 -23.46 10.14 21.92
CA HIS A 100 -24.14 9.24 22.83
C HIS A 100 -25.61 9.20 22.46
N TYR A 101 -26.18 8.00 22.48
CA TYR A 101 -27.61 7.86 22.23
C TYR A 101 -28.30 7.58 23.56
N CYS A 102 -29.38 8.31 23.80
CA CYS A 102 -30.00 8.43 25.11
C CYS A 102 -31.48 8.09 25.00
N ALA A 103 -31.98 7.35 26.00
CA ALA A 103 -33.40 7.02 26.06
C ALA A 103 -34.17 8.20 26.67
N PRO A 104 -35.28 8.59 26.07
CA PRO A 104 -36.06 9.72 26.62
C PRO A 104 -36.85 9.23 27.83
N ALA A 105 -37.51 10.18 28.50
CA ALA A 105 -38.28 9.91 29.73
C ALA A 105 -39.21 8.71 29.59
N GLY A 106 -39.16 7.80 30.57
CA GLY A 106 -40.02 6.62 30.60
C GLY A 106 -39.46 5.41 29.89
N PHE A 107 -38.29 5.56 29.29
CA PHE A 107 -37.55 4.53 28.57
C PHE A 107 -36.17 4.37 29.18
N ALA A 108 -35.62 3.16 29.07
CA ALA A 108 -34.23 2.95 29.48
C ALA A 108 -33.46 2.26 28.36
N ILE A 109 -32.15 2.17 28.54
CA ILE A 109 -31.31 1.39 27.64
C ILE A 109 -30.70 0.27 28.44
N LEU A 110 -31.05 -0.96 28.08
CA LEU A 110 -30.36 -2.10 28.64
C LEU A 110 -29.04 -2.28 27.92
N LYS A 111 -28.01 -2.54 28.72
CA LYS A 111 -26.64 -2.74 28.26
C LYS A 111 -26.26 -4.15 28.67
N CYS A 112 -25.83 -4.95 27.71
CA CYS A 112 -25.35 -6.28 28.05
C CYS A 112 -23.92 -6.19 28.57
N ASN A 113 -23.67 -6.77 29.74
CA ASN A 113 -22.35 -6.66 30.35
C ASN A 113 -21.46 -7.89 30.13
N ASN A 114 -21.97 -8.95 29.50
CA ASN A 114 -21.14 -10.12 29.20
C ASN A 114 -20.02 -9.72 28.24
N LYS A 115 -18.76 -9.72 28.70
CA LYS A 115 -17.80 -9.24 27.71
C LYS A 115 -17.50 -10.20 26.55
N THR A 116 -18.20 -11.32 26.42
CA THR A 116 -17.99 -12.18 25.27
C THR A 116 -19.28 -12.30 24.47
N PHE A 117 -20.32 -11.56 24.86
CA PHE A 117 -21.62 -11.61 24.18
C PHE A 117 -21.44 -11.41 22.67
N ASN A 118 -21.94 -12.37 21.89
CA ASN A 118 -21.68 -12.25 20.47
C ASN A 118 -22.69 -11.33 19.77
N GLY A 119 -23.70 -10.83 20.47
CA GLY A 119 -24.60 -9.85 19.92
C GLY A 119 -26.01 -10.36 19.66
N THR A 120 -26.21 -11.67 19.66
CA THR A 120 -27.56 -12.21 19.54
C THR A 120 -27.76 -13.25 20.63
N GLY A 121 -29.00 -13.33 21.12
CA GLY A 121 -29.35 -14.36 22.07
C GLY A 121 -29.40 -13.80 23.47
N PRO A 122 -29.48 -14.68 24.48
CA PRO A 122 -29.66 -14.21 25.86
C PRO A 122 -28.36 -13.73 26.48
N CYS A 123 -28.46 -12.67 27.27
CA CYS A 123 -27.34 -12.08 27.98
C CYS A 123 -27.67 -12.11 29.47
N ARG A 124 -26.75 -12.69 30.25
CA ARG A 124 -26.82 -12.94 31.69
C ARG A 124 -26.84 -11.68 32.56
N ASN A 125 -25.74 -10.92 32.50
CA ASN A 125 -25.51 -9.74 33.33
C ASN A 125 -25.87 -8.49 32.53
N VAL A 126 -26.82 -7.72 33.04
CA VAL A 126 -27.45 -6.62 32.31
C VAL A 126 -27.50 -5.38 33.18
N SER A 127 -27.37 -4.21 32.57
CA SER A 127 -27.50 -2.96 33.31
C SER A 127 -28.57 -2.10 32.66
N THR A 128 -28.98 -1.08 33.41
CA THR A 128 -29.79 -0.01 32.85
C THR A 128 -28.96 1.26 32.81
N VAL A 129 -29.09 1.99 31.71
CA VAL A 129 -28.35 3.21 31.49
C VAL A 129 -29.25 4.22 30.80
N GLN A 130 -28.89 5.49 30.99
CA GLN A 130 -29.50 6.60 30.27
C GLN A 130 -29.00 6.67 28.83
N CYS A 131 -27.71 6.39 28.61
CA CYS A 131 -27.11 6.58 27.29
C CYS A 131 -26.05 5.52 27.00
N THR A 132 -25.82 5.32 25.72
CA THR A 132 -24.70 4.51 25.24
C THR A 132 -23.40 5.25 25.51
N HIS A 133 -22.29 4.53 25.41
CA HIS A 133 -21.01 5.21 25.42
C HIS A 133 -20.90 6.14 24.22
N GLY A 134 -19.88 6.99 24.24
CA GLY A 134 -19.61 7.85 23.09
C GLY A 134 -19.21 7.01 21.89
N ILE A 135 -19.82 7.28 20.74
CA ILE A 135 -19.60 6.49 19.53
C ILE A 135 -19.18 7.45 18.43
N LYS A 136 -17.97 7.25 17.90
CA LYS A 136 -17.52 8.09 16.79
C LYS A 136 -18.15 7.59 15.49
N PRO A 137 -19.00 8.40 14.83
CA PRO A 137 -19.67 7.90 13.60
C PRO A 137 -18.69 7.84 12.43
N VAL A 138 -17.91 6.77 12.31
CA VAL A 138 -16.81 6.73 11.35
C VAL A 138 -17.22 5.90 10.13
N VAL A 139 -17.34 6.55 8.99
CA VAL A 139 -17.75 5.87 7.76
C VAL A 139 -16.51 5.26 7.13
N SER A 140 -16.51 3.94 6.93
CA SER A 140 -15.44 3.30 6.17
C SER A 140 -15.91 1.93 5.71
N THR A 141 -15.07 1.28 4.91
CA THR A 141 -15.29 -0.09 4.47
C THR A 141 -14.11 -0.96 4.89
N GLN A 142 -14.32 -2.29 4.84
CA GLN A 142 -13.28 -3.29 5.11
C GLN A 142 -12.77 -3.21 6.53
N LEU A 143 -12.15 -2.09 6.92
CA LEU A 143 -11.65 -1.91 8.27
C LEU A 143 -12.55 -0.97 9.02
N LEU A 144 -12.92 -1.33 10.27
CA LEU A 144 -13.61 -0.42 11.18
C LEU A 144 -12.57 0.33 12.03
N LEU A 145 -12.68 1.65 12.09
CA LEU A 145 -11.65 2.52 12.64
C LEU A 145 -12.14 3.24 13.88
N ASN A 146 -11.27 3.39 14.88
CA ASN A 146 -11.53 4.25 16.02
C ASN A 146 -12.74 3.76 16.82
N GLY A 147 -13.00 2.46 16.82
CA GLY A 147 -14.09 1.93 17.62
C GLY A 147 -13.67 1.60 19.04
N SER A 148 -14.40 0.68 19.65
CA SER A 148 -14.20 0.24 21.03
C SER A 148 -13.72 -1.19 21.01
N LEU A 149 -12.53 -1.47 21.55
CA LEU A 149 -12.06 -2.85 21.49
C LEU A 149 -12.91 -3.77 22.37
N ALA A 150 -13.01 -5.03 21.97
CA ALA A 150 -13.57 -6.05 22.87
C ALA A 150 -12.65 -6.18 24.07
N GLU A 151 -13.19 -6.62 25.20
CA GLU A 151 -12.38 -6.50 26.41
C GLU A 151 -11.63 -7.79 26.73
N GLU A 152 -12.30 -8.93 26.52
CA GLU A 152 -11.70 -10.25 26.60
C GLU A 152 -11.01 -10.61 25.30
N GLU A 153 -11.68 -11.37 24.44
CA GLU A 153 -11.03 -11.93 23.26
C GLU A 153 -11.74 -11.49 21.98
N ILE A 154 -11.00 -11.52 20.86
CA ILE A 154 -11.58 -11.23 19.55
C ILE A 154 -12.94 -11.93 19.47
N ILE A 155 -13.96 -11.23 18.90
CA ILE A 155 -15.34 -11.73 18.88
C ILE A 155 -15.90 -11.75 17.46
N ILE A 156 -16.42 -12.89 17.02
CA ILE A 156 -17.03 -13.00 15.69
C ILE A 156 -18.53 -12.76 15.81
N ARG A 157 -19.03 -11.78 15.04
CA ARG A 157 -20.46 -11.46 15.04
C ARG A 157 -21.04 -11.67 13.65
N SER A 158 -22.22 -12.29 13.60
CA SER A 158 -22.91 -12.44 12.33
C SER A 158 -24.37 -12.73 12.58
N GLU A 159 -25.24 -12.17 11.74
CA GLU A 159 -26.67 -12.48 11.78
C GLU A 159 -26.90 -13.99 11.66
N ASN A 160 -26.06 -14.66 10.86
CA ASN A 160 -26.17 -16.08 10.58
C ASN A 160 -24.92 -16.53 9.80
N LEU A 161 -23.94 -17.01 10.55
CA LEU A 161 -22.65 -17.41 10.01
C LEU A 161 -22.73 -18.52 8.98
N THR A 162 -23.82 -19.25 8.92
CA THR A 162 -23.95 -20.25 7.85
C THR A 162 -24.30 -19.60 6.52
N ASN A 163 -25.01 -18.48 6.57
CA ASN A 163 -25.45 -17.78 5.36
C ASN A 163 -24.30 -16.92 4.85
N ASN A 164 -23.58 -17.39 3.85
CA ASN A 164 -22.36 -16.67 3.51
C ASN A 164 -22.64 -15.27 2.95
N ALA A 165 -23.86 -14.98 2.53
CA ALA A 165 -24.23 -13.63 2.13
C ALA A 165 -24.31 -12.64 3.29
N LYS A 166 -24.24 -13.08 4.55
CA LYS A 166 -24.38 -12.18 5.69
C LYS A 166 -23.01 -11.64 6.09
N THR A 167 -22.89 -10.31 6.18
CA THR A 167 -21.63 -9.70 6.63
C THR A 167 -21.19 -10.29 7.96
N ILE A 168 -19.87 -10.45 8.14
CA ILE A 168 -19.27 -10.85 9.42
C ILE A 168 -18.54 -9.65 10.01
N ILE A 169 -18.76 -9.39 11.30
CA ILE A 169 -18.05 -8.31 11.99
C ILE A 169 -17.06 -8.95 12.94
N VAL A 170 -15.78 -8.77 12.70
CA VAL A 170 -14.74 -9.20 13.62
C VAL A 170 -14.48 -8.05 14.58
N HIS A 171 -14.60 -8.31 15.88
CA HIS A 171 -14.38 -7.30 16.92
C HIS A 171 -13.02 -7.57 17.58
N LEU A 172 -12.00 -6.83 17.18
CA LEU A 172 -10.67 -7.04 17.74
C LEU A 172 -10.60 -6.64 19.21
N ASN A 173 -9.69 -7.29 19.95
CA ASN A 173 -9.37 -6.86 21.30
C ASN A 173 -8.07 -6.04 21.37
N GLU A 174 -7.45 -5.71 20.24
CA GLU A 174 -6.22 -4.95 20.36
C GLU A 174 -6.05 -4.09 19.12
N SER A 175 -5.93 -2.78 19.29
CA SER A 175 -5.80 -1.91 18.12
C SER A 175 -4.64 -2.34 17.23
N VAL A 176 -4.81 -2.14 15.93
CA VAL A 176 -3.71 -2.16 14.98
C VAL A 176 -3.64 -0.79 14.34
N ASN A 177 -2.53 -0.07 14.55
CA ASN A 177 -2.36 1.25 13.97
C ASN A 177 -2.45 1.19 12.45
N ILE A 178 -3.08 2.19 11.86
CA ILE A 178 -2.95 2.42 10.42
C ILE A 178 -2.75 3.91 10.22
N VAL A 179 -1.72 4.26 9.46
CA VAL A 179 -1.38 5.68 9.24
C VAL A 179 -1.50 5.96 7.76
N CYS A 180 -2.34 6.91 7.41
CA CYS A 180 -2.60 7.20 6.00
C CYS A 180 -2.24 8.65 5.74
N THR A 181 -1.55 8.86 4.64
CA THR A 181 -1.03 10.18 4.37
C THR A 181 -0.97 10.43 2.88
N ARG A 182 -1.40 11.64 2.52
CA ARG A 182 -1.06 12.27 1.25
C ARG A 182 -0.03 13.32 1.58
N PRO A 183 1.20 13.19 1.12
CA PRO A 183 2.29 14.03 1.59
C PRO A 183 2.27 15.39 0.90
N ASN A 184 3.26 16.20 1.23
CA ASN A 184 3.50 17.52 0.68
C ASN A 184 4.75 17.55 -0.19
N ASN A 193 1.57 13.72 -8.46
CA ASN A 193 0.13 13.51 -8.33
C ASN A 193 -0.45 13.82 -6.95
N ILE A 194 -1.27 14.89 -6.91
CA ILE A 194 -1.82 15.39 -5.66
C ILE A 194 -2.84 14.41 -5.06
N ARG A 195 -3.33 13.47 -5.87
CA ARG A 195 -4.32 12.44 -5.52
C ARG A 195 -3.70 11.11 -5.08
N GLN A 196 -2.36 11.01 -5.02
CA GLN A 196 -1.67 9.82 -4.52
C GLN A 196 -1.43 9.90 -3.01
N ALA A 197 -1.61 8.77 -2.33
CA ALA A 197 -1.33 8.67 -0.90
C ALA A 197 -1.04 7.21 -0.55
N HIS A 198 -0.72 6.97 0.71
CA HIS A 198 -0.34 5.63 1.11
C HIS A 198 -0.60 5.45 2.59
N CYS A 199 -0.81 4.21 2.98
CA CYS A 199 -1.04 3.84 4.38
C CYS A 199 0.03 2.84 4.83
N ASN A 200 0.46 2.99 6.08
CA ASN A 200 1.42 2.08 6.67
C ASN A 200 0.79 1.36 7.85
N ILE A 201 0.88 0.03 7.82
CA ILE A 201 0.59 -0.84 8.96
C ILE A 201 1.83 -1.66 9.30
N ASN A 202 2.11 -1.78 10.60
CA ASN A 202 3.22 -2.59 11.11
C ASN A 202 2.90 -4.06 10.83
N GLU A 203 3.69 -4.71 9.96
CA GLU A 203 3.36 -6.08 9.54
C GLU A 203 3.27 -7.03 10.72
N SER A 204 4.10 -6.86 11.75
CA SER A 204 4.07 -7.82 12.87
C SER A 204 2.74 -7.81 13.56
N LYS A 205 2.22 -6.61 13.80
CA LYS A 205 0.96 -6.61 14.51
C LYS A 205 -0.20 -7.02 13.60
N TRP A 206 -0.14 -6.72 12.31
CA TRP A 206 -1.12 -7.34 11.43
C TRP A 206 -1.03 -8.86 11.47
N ASN A 207 0.19 -9.40 11.32
CA ASN A 207 0.56 -10.82 11.42
C ASN A 207 -0.22 -11.46 12.56
N ASN A 208 0.04 -10.89 13.72
CA ASN A 208 -0.49 -11.37 14.98
C ASN A 208 -2.01 -11.35 14.95
N THR A 209 -2.58 -10.21 14.55
CA THR A 209 -4.02 -10.02 14.61
C THR A 209 -4.71 -11.02 13.73
N LEU A 210 -4.21 -11.19 12.52
CA LEU A 210 -4.88 -12.14 11.66
C LEU A 210 -4.68 -13.55 12.16
N GLN A 211 -3.60 -13.84 12.88
CA GLN A 211 -3.48 -15.20 13.38
C GLN A 211 -4.54 -15.47 14.43
N LYS A 212 -4.69 -14.56 15.38
CA LYS A 212 -5.72 -14.72 16.40
C LYS A 212 -7.13 -14.75 15.79
N VAL A 213 -7.34 -13.96 14.74
CA VAL A 213 -8.64 -13.98 14.07
C VAL A 213 -8.88 -15.33 13.42
N GLY A 214 -7.86 -15.86 12.74
CA GLY A 214 -7.99 -17.18 12.15
C GLY A 214 -8.28 -18.25 13.19
N GLU A 215 -7.64 -18.16 14.35
CA GLU A 215 -8.04 -18.99 15.48
C GLU A 215 -9.55 -18.97 15.69
N GLU A 216 -10.11 -17.78 15.97
CA GLU A 216 -11.55 -17.71 16.25
C GLU A 216 -12.40 -18.22 15.09
N LEU A 217 -12.12 -17.75 13.88
CA LEU A 217 -12.85 -18.24 12.72
C LEU A 217 -12.79 -19.76 12.65
N ALA A 218 -11.67 -20.35 13.09
CA ALA A 218 -11.50 -21.79 13.03
C ALA A 218 -12.43 -22.49 14.00
N LYS A 219 -12.54 -21.95 15.22
CA LYS A 219 -13.57 -22.43 16.13
C LYS A 219 -14.89 -22.49 15.37
N HIS A 220 -15.22 -21.48 14.57
CA HIS A 220 -16.55 -21.58 13.94
C HIS A 220 -16.59 -22.45 12.68
N PHE A 221 -15.48 -22.61 11.97
CA PHE A 221 -15.40 -23.54 10.83
C PHE A 221 -14.21 -24.47 11.07
N PRO A 222 -14.46 -25.71 11.52
CA PRO A 222 -13.40 -26.41 12.26
C PRO A 222 -12.51 -27.33 11.42
N SER A 223 -13.05 -27.94 10.35
CA SER A 223 -12.17 -28.88 9.65
C SER A 223 -11.24 -28.20 8.67
N LYS A 224 -11.38 -26.88 8.45
CA LYS A 224 -11.02 -26.25 7.18
C LYS A 224 -9.86 -25.28 7.42
N THR A 225 -9.02 -25.11 6.39
CA THR A 225 -8.04 -24.05 6.42
C THR A 225 -8.74 -22.72 6.12
N ILE A 226 -8.14 -21.63 6.58
CA ILE A 226 -8.82 -20.34 6.65
C ILE A 226 -7.97 -19.34 5.85
N LYS A 227 -8.49 -18.90 4.71
CA LYS A 227 -7.70 -18.06 3.80
C LYS A 227 -8.26 -16.64 3.82
N PHE A 228 -7.38 -15.65 4.01
CA PHE A 228 -7.69 -14.25 3.82
C PHE A 228 -7.21 -13.83 2.43
N GLU A 229 -8.12 -13.32 1.65
CA GLU A 229 -7.88 -12.81 0.28
C GLU A 229 -8.54 -11.45 0.06
N PRO A 230 -8.07 -10.72 -0.90
CA PRO A 230 -8.58 -9.34 -1.12
C PRO A 230 -9.94 -9.39 -1.79
N SER A 231 -10.69 -8.31 -1.60
CA SER A 231 -12.05 -8.26 -2.08
C SER A 231 -12.12 -8.55 -3.57
N SER A 232 -12.97 -9.50 -3.95
CA SER A 232 -13.20 -9.85 -5.35
C SER A 232 -13.60 -8.63 -6.20
N GLY A 233 -14.88 -8.23 -6.18
CA GLY A 233 -15.31 -7.16 -7.05
C GLY A 233 -16.40 -6.27 -6.45
N GLY A 234 -16.72 -5.22 -7.20
CA GLY A 234 -17.67 -4.21 -6.77
C GLY A 234 -17.14 -2.82 -7.06
N ASP A 235 -17.89 -1.81 -6.61
CA ASP A 235 -17.38 -0.45 -6.69
C ASP A 235 -16.09 -0.29 -5.90
N LEU A 236 -15.27 0.65 -6.33
CA LEU A 236 -14.04 0.92 -5.60
C LEU A 236 -14.28 1.12 -4.11
N GLU A 237 -15.42 1.70 -3.74
CA GLU A 237 -15.64 1.99 -2.33
C GLU A 237 -15.59 0.72 -1.49
N ILE A 238 -15.97 -0.45 -2.04
CA ILE A 238 -15.96 -1.69 -1.26
C ILE A 238 -14.82 -2.64 -1.63
N THR A 239 -14.23 -2.48 -2.81
CA THR A 239 -13.10 -3.34 -3.14
C THR A 239 -11.81 -2.76 -2.62
N THR A 240 -11.83 -1.55 -2.09
CA THR A 240 -10.69 -1.01 -1.37
C THR A 240 -11.18 -0.62 0.00
N HIS A 241 -10.24 -0.32 0.89
CA HIS A 241 -10.54 0.26 2.18
C HIS A 241 -10.72 1.74 1.96
N SER A 242 -11.98 2.19 1.93
CA SER A 242 -12.30 3.58 1.66
C SER A 242 -12.79 4.24 2.94
N PHE A 243 -12.48 5.53 3.07
CA PHE A 243 -12.85 6.26 4.28
C PHE A 243 -12.60 7.73 4.04
N ASN A 244 -13.19 8.58 4.90
CA ASN A 244 -12.97 10.03 4.80
C ASN A 244 -11.96 10.49 5.83
N CYS A 245 -10.92 11.16 5.38
CA CYS A 245 -9.86 11.67 6.23
C CYS A 245 -9.81 13.16 6.04
N ARG A 246 -10.16 13.94 7.06
CA ARG A 246 -9.88 15.37 6.96
C ARG A 246 -10.62 15.97 5.75
N GLY A 247 -11.84 15.46 5.48
CA GLY A 247 -12.64 15.90 4.37
C GLY A 247 -12.42 15.16 3.06
N GLU A 248 -11.26 14.58 2.82
CA GLU A 248 -10.98 13.95 1.53
C GLU A 248 -11.27 12.45 1.58
N PHE A 249 -11.68 11.91 0.42
CA PHE A 249 -12.12 10.51 0.33
C PHE A 249 -10.95 9.66 -0.13
N PHE A 250 -10.36 8.91 0.81
CA PHE A 250 -9.25 8.01 0.52
C PHE A 250 -9.79 6.65 0.10
N TYR A 251 -9.14 6.07 -0.90
CA TYR A 251 -9.40 4.72 -1.37
C TYR A 251 -8.07 3.98 -1.31
N CYS A 252 -7.94 2.97 -0.44
CA CYS A 252 -6.65 2.34 -0.18
C CYS A 252 -6.71 0.87 -0.56
N ASN A 253 -5.73 0.43 -1.32
CA ASN A 253 -5.69 -0.95 -1.80
C ASN A 253 -5.35 -1.87 -0.64
N THR A 254 -6.12 -2.94 -0.44
CA THR A 254 -5.85 -3.82 0.69
C THR A 254 -5.36 -5.19 0.27
N SER A 255 -4.98 -5.38 -1.00
CA SER A 255 -4.56 -6.71 -1.42
C SER A 255 -3.28 -7.15 -0.75
N ASP A 256 -2.41 -6.25 -0.31
CA ASP A 256 -1.38 -6.87 0.50
C ASP A 256 -1.78 -6.99 1.96
N LEU A 257 -3.02 -6.69 2.31
CA LEU A 257 -3.47 -6.83 3.68
C LEU A 257 -4.32 -8.08 3.89
N PHE A 258 -5.36 -8.25 3.07
CA PHE A 258 -6.19 -9.45 3.16
C PHE A 258 -5.62 -10.47 2.20
N ASN A 259 -4.59 -11.16 2.68
CA ASN A 259 -3.70 -11.98 1.87
C ASN A 259 -2.82 -12.84 2.77
N GLY A 260 -3.29 -14.05 3.07
CA GLY A 260 -2.58 -14.91 4.00
C GLY A 260 -3.38 -16.12 4.25
N THR A 261 -2.74 -17.19 4.76
CA THR A 261 -3.38 -18.44 5.09
C THR A 261 -3.11 -18.84 6.53
N TYR A 262 -4.14 -19.39 7.18
CA TYR A 262 -4.04 -19.95 8.52
C TYR A 262 -4.49 -21.41 8.43
N ARG A 263 -3.53 -22.32 8.53
CA ARG A 263 -3.72 -23.74 8.23
C ARG A 263 -3.50 -24.64 9.45
N ASN A 264 -2.32 -24.63 10.05
CA ASN A 264 -2.18 -25.62 11.11
C ASN A 264 -2.08 -24.92 12.45
N GLY A 265 -3.17 -24.29 12.87
CA GLY A 265 -3.06 -23.39 14.01
C GLY A 265 -1.94 -22.36 13.84
N THR A 266 -1.50 -22.12 12.59
CA THR A 266 -0.51 -21.09 12.29
C THR A 266 -1.02 -20.13 11.22
N TYR A 267 -0.72 -18.84 11.37
CA TYR A 267 -0.95 -17.87 10.31
C TYR A 267 0.35 -17.58 9.54
N ASN A 268 0.27 -17.68 8.21
CA ASN A 268 1.28 -17.29 7.25
C ASN A 268 0.75 -16.07 6.49
N HIS A 269 1.48 -14.95 6.51
CA HIS A 269 1.06 -13.80 5.71
C HIS A 269 1.64 -13.88 4.30
N THR A 270 0.78 -13.70 3.31
CA THR A 270 1.13 -13.86 1.91
C THR A 270 1.31 -12.54 1.15
N GLY A 271 0.70 -11.45 1.61
CA GLY A 271 0.81 -10.21 0.88
C GLY A 271 2.19 -9.60 1.02
N ARG A 272 2.60 -8.85 -0.01
CA ARG A 272 3.95 -8.32 0.03
C ARG A 272 4.10 -7.29 1.15
N SER A 273 5.15 -7.40 1.93
CA SER A 273 5.50 -6.38 2.91
C SER A 273 6.90 -5.84 2.55
N SER A 274 7.46 -5.03 3.47
CA SER A 274 8.76 -4.43 3.19
C SER A 274 9.33 -3.64 4.36
N ASN A 275 10.58 -3.86 4.74
CA ASN A 275 11.16 -3.27 5.96
C ASN A 275 10.22 -3.44 7.15
N GLY A 276 9.36 -4.47 7.10
CA GLY A 276 8.49 -4.81 8.21
C GLY A 276 7.19 -4.03 8.32
N THR A 277 6.73 -3.38 7.23
CA THR A 277 5.45 -2.67 7.21
C THR A 277 4.75 -2.94 5.89
N ILE A 278 3.44 -3.21 5.97
CA ILE A 278 2.60 -3.26 4.78
C ILE A 278 2.26 -1.83 4.41
N THR A 279 2.29 -1.52 3.12
CA THR A 279 2.00 -0.18 2.65
C THR A 279 0.95 -0.24 1.57
N LEU A 280 -0.22 0.33 1.88
CA LEU A 280 -1.33 0.42 0.95
C LEU A 280 -1.15 1.63 0.03
N GLN A 281 -1.30 1.40 -1.26
CA GLN A 281 -1.39 2.50 -2.21
C GLN A 281 -2.82 3.06 -2.19
N CYS A 282 -2.96 4.38 -2.07
CA CYS A 282 -4.25 5.05 -2.02
C CYS A 282 -4.38 6.12 -3.09
N LYS A 283 -5.61 6.30 -3.56
CA LYS A 283 -6.04 7.42 -4.39
C LYS A 283 -7.00 8.30 -3.57
N ILE A 284 -6.89 9.62 -3.70
CA ILE A 284 -7.93 10.51 -3.21
C ILE A 284 -8.86 10.78 -4.37
N LYS A 285 -10.16 10.74 -4.12
CA LYS A 285 -11.07 10.73 -5.25
C LYS A 285 -12.11 11.83 -5.15
N GLN A 286 -12.61 12.26 -6.31
CA GLN A 286 -13.64 13.29 -6.35
C GLN A 286 -15.02 12.72 -6.60
N ILE A 287 -15.12 11.62 -7.34
CA ILE A 287 -16.41 11.03 -7.66
C ILE A 287 -16.66 9.84 -6.75
N ILE A 288 -17.72 9.91 -5.95
CA ILE A 288 -17.95 8.99 -4.86
C ILE A 288 -19.27 8.27 -5.09
N ASN A 289 -19.27 6.95 -4.97
CA ASN A 289 -20.54 6.24 -4.80
C ASN A 289 -21.00 6.40 -3.36
N MET A 290 -22.23 6.87 -3.20
CA MET A 290 -22.71 7.31 -1.90
C MET A 290 -23.05 6.12 -1.02
N TRP A 291 -22.71 6.22 0.27
CA TRP A 291 -23.18 5.21 1.21
C TRP A 291 -24.59 5.49 1.66
N GLN A 292 -25.00 6.78 1.62
CA GLN A 292 -26.31 7.14 2.16
C GLN A 292 -27.46 6.58 1.34
N GLU A 293 -27.29 6.52 0.02
CA GLU A 293 -28.34 6.08 -0.89
C GLU A 293 -27.64 5.70 -2.18
N VAL A 294 -28.42 5.22 -3.15
CA VAL A 294 -27.85 4.82 -4.44
C VAL A 294 -27.70 6.09 -5.27
N GLY A 295 -26.48 6.51 -5.49
CA GLY A 295 -26.26 7.77 -6.16
C GLY A 295 -24.79 8.09 -6.15
N ARG A 296 -24.43 9.08 -6.96
CA ARG A 296 -23.05 9.51 -7.07
C ARG A 296 -22.90 10.93 -6.57
N ALA A 297 -21.70 11.27 -6.09
CA ALA A 297 -21.47 12.58 -5.46
C ALA A 297 -20.11 13.10 -5.88
N ILE A 298 -20.04 14.33 -6.38
CA ILE A 298 -18.79 14.87 -6.89
C ILE A 298 -18.34 16.00 -5.98
N TYR A 299 -17.05 15.96 -5.61
CA TYR A 299 -16.40 16.87 -4.68
C TYR A 299 -15.24 17.60 -5.35
N ALA A 300 -14.78 18.64 -4.68
CA ALA A 300 -13.71 19.43 -5.27
C ALA A 300 -12.37 18.75 -5.05
N PRO A 301 -11.34 19.16 -5.80
CA PRO A 301 -10.02 18.51 -5.69
C PRO A 301 -9.43 18.72 -4.32
N PRO A 302 -8.42 17.95 -3.95
CA PRO A 302 -8.00 17.91 -2.55
C PRO A 302 -7.39 19.22 -2.10
N ILE A 303 -7.59 19.52 -0.82
CA ILE A 303 -6.86 20.61 -0.17
C ILE A 303 -5.36 20.44 -0.36
N GLU A 304 -4.58 21.33 0.26
CA GLU A 304 -3.15 21.34 -0.02
C GLU A 304 -2.37 21.03 1.24
N GLY A 305 -1.17 20.54 1.04
CA GLY A 305 -0.34 20.16 2.17
C GLY A 305 -0.53 18.70 2.53
N GLU A 306 -0.02 18.38 3.71
CA GLU A 306 -0.03 17.01 4.20
C GLU A 306 -1.40 16.67 4.79
N ILE A 307 -2.06 15.70 4.18
CA ILE A 307 -3.32 15.18 4.69
C ILE A 307 -2.99 13.87 5.37
N THR A 308 -3.11 13.83 6.70
CA THR A 308 -2.73 12.61 7.40
C THR A 308 -3.74 12.24 8.48
N CYS A 309 -4.14 10.98 8.48
CA CYS A 309 -4.98 10.41 9.53
C CYS A 309 -4.23 9.26 10.18
N ASN A 310 -4.17 9.30 11.50
CA ASN A 310 -3.53 8.26 12.29
C ASN A 310 -4.65 7.56 13.06
N SER A 311 -5.03 6.36 12.63
CA SER A 311 -6.26 5.75 13.10
C SER A 311 -5.95 4.40 13.74
N ASN A 312 -6.89 3.91 14.54
CA ASN A 312 -6.83 2.58 15.16
C ASN A 312 -7.77 1.63 14.40
N ILE A 313 -7.22 0.64 13.67
CA ILE A 313 -8.08 -0.45 13.22
C ILE A 313 -8.55 -1.21 14.44
N THR A 314 -9.86 -1.21 14.70
CA THR A 314 -10.43 -1.90 15.86
C THR A 314 -11.45 -2.97 15.48
N GLY A 315 -11.64 -3.25 14.19
CA GLY A 315 -12.48 -4.39 13.80
C GLY A 315 -12.41 -4.58 12.30
N LEU A 316 -12.97 -5.68 11.84
CA LEU A 316 -12.97 -5.99 10.41
C LEU A 316 -14.39 -6.27 9.94
N LEU A 317 -14.62 -6.05 8.64
CA LEU A 317 -15.87 -6.43 7.98
C LEU A 317 -15.50 -7.48 6.92
N LEU A 318 -15.98 -8.71 7.09
CA LEU A 318 -15.59 -9.82 6.24
C LEU A 318 -16.80 -10.44 5.55
N LEU A 319 -16.54 -11.08 4.42
CA LEU A 319 -17.52 -11.88 3.70
C LEU A 319 -16.85 -13.19 3.32
N ARG A 320 -17.51 -14.30 3.65
CA ARG A 320 -17.04 -15.64 3.31
C ARG A 320 -17.56 -16.05 1.94
N ASP A 321 -16.69 -16.65 1.12
CA ASP A 321 -17.17 -17.23 -0.14
C ASP A 321 -18.14 -18.39 0.12
N ASP A 330 -11.43 -29.10 3.88
CA ASP A 330 -11.50 -28.18 2.74
C ASP A 330 -11.21 -26.73 3.20
N THR A 331 -11.48 -25.72 2.37
CA THR A 331 -11.11 -24.34 2.71
C THR A 331 -12.31 -23.41 2.82
N GLU A 332 -12.22 -22.48 3.79
CA GLU A 332 -13.10 -21.31 3.85
C GLU A 332 -12.25 -20.07 3.60
N THR A 333 -12.76 -19.16 2.76
CA THR A 333 -12.05 -17.95 2.37
C THR A 333 -12.84 -16.71 2.75
N PHE A 334 -12.16 -15.75 3.37
CA PHE A 334 -12.75 -14.51 3.83
C PHE A 334 -12.13 -13.33 3.07
N ARG A 335 -12.98 -12.49 2.47
CA ARG A 335 -12.48 -11.27 1.87
C ARG A 335 -13.07 -10.05 2.57
N PRO A 336 -12.42 -8.90 2.48
CA PRO A 336 -12.97 -7.70 3.09
C PRO A 336 -14.30 -7.33 2.45
N GLY A 337 -15.23 -6.88 3.29
CA GLY A 337 -16.54 -6.43 2.85
C GLY A 337 -16.87 -5.01 3.30
N GLY A 338 -18.16 -4.67 3.32
CA GLY A 338 -18.59 -3.35 3.71
C GLY A 338 -19.52 -2.73 2.69
N GLY A 339 -19.99 -1.55 2.98
CA GLY A 339 -20.82 -0.83 2.03
C GLY A 339 -22.12 -0.36 2.66
N ASP A 340 -22.59 -1.10 3.68
CA ASP A 340 -23.82 -0.79 4.40
C ASP A 340 -23.39 -0.19 5.72
N MET A 341 -23.38 1.14 5.81
CA MET A 341 -22.80 1.77 7.00
C MET A 341 -23.53 1.39 8.28
N ARG A 342 -24.74 0.83 8.19
CA ARG A 342 -25.40 0.39 9.42
C ARG A 342 -24.53 -0.62 10.18
N ASP A 343 -23.82 -1.48 9.45
CA ASP A 343 -22.96 -2.44 10.12
C ASP A 343 -21.94 -1.73 10.99
N ASN A 344 -21.39 -0.60 10.51
CA ASN A 344 -20.46 0.13 11.36
C ASN A 344 -21.15 0.53 12.66
N TRP A 345 -22.31 1.16 12.58
CA TRP A 345 -23.03 1.50 13.79
C TRP A 345 -23.32 0.23 14.63
N ARG A 346 -23.74 -0.86 13.97
CA ARG A 346 -24.00 -2.10 14.71
C ARG A 346 -22.81 -2.47 15.57
N SER A 347 -21.60 -2.37 15.01
CA SER A 347 -20.43 -2.86 15.69
C SER A 347 -20.28 -2.19 17.06
N GLU A 348 -20.75 -0.94 17.20
CA GLU A 348 -20.74 -0.29 18.51
C GLU A 348 -22.06 -0.44 19.28
N LEU A 349 -23.19 -0.59 18.60
CA LEU A 349 -24.47 -0.56 19.30
C LEU A 349 -24.92 -1.94 19.75
N TYR A 350 -24.13 -2.99 19.51
CA TYR A 350 -24.65 -4.35 19.59
C TYR A 350 -25.14 -4.67 21.00
N LYS A 351 -24.45 -4.17 22.02
CA LYS A 351 -24.73 -4.48 23.41
C LYS A 351 -25.86 -3.65 24.00
N TYR A 352 -26.68 -2.96 23.21
CA TYR A 352 -27.70 -2.10 23.78
C TYR A 352 -29.05 -2.38 23.14
N LYS A 353 -30.11 -2.33 23.94
CA LYS A 353 -31.47 -2.21 23.38
C LYS A 353 -32.26 -1.21 24.21
N VAL A 354 -33.36 -0.72 23.64
CA VAL A 354 -34.21 0.27 24.29
C VAL A 354 -35.42 -0.44 24.86
N VAL A 355 -35.74 -0.18 26.12
CA VAL A 355 -36.84 -0.92 26.72
C VAL A 355 -37.84 0.07 27.34
N GLU A 356 -39.12 -0.36 27.29
CA GLU A 356 -40.24 0.06 28.18
C GLU A 356 -41.05 1.23 27.63
N LYS B 6 8.76 43.81 19.68
CA LYS B 6 8.42 44.43 18.40
C LYS B 6 7.10 45.27 18.50
N THR B 7 5.96 44.64 18.83
CA THR B 7 4.67 45.34 18.79
C THR B 7 3.66 44.64 19.70
N THR B 8 2.41 45.10 19.64
CA THR B 8 1.30 44.55 20.43
C THR B 8 0.45 43.64 19.53
N LEU B 9 0.44 42.35 19.81
CA LEU B 9 -0.40 41.41 19.08
C LEU B 9 -1.87 41.59 19.46
N PHE B 10 -2.73 40.91 18.72
CA PHE B 10 -4.14 40.85 19.11
C PHE B 10 -4.60 39.41 18.96
N CYS B 11 -5.69 39.03 19.63
CA CYS B 11 -6.10 37.64 19.57
C CYS B 11 -7.41 37.48 18.82
N ALA B 12 -7.47 36.41 18.06
CA ALA B 12 -8.66 35.98 17.35
C ALA B 12 -9.09 34.65 17.92
N SER B 13 -10.38 34.49 18.17
CA SER B 13 -10.84 33.22 18.71
C SER B 13 -12.16 32.92 18.07
N ASP B 14 -12.70 31.76 18.38
CA ASP B 14 -13.92 31.30 17.76
C ASP B 14 -14.98 31.16 18.83
N ALA B 15 -14.82 31.90 19.92
CA ALA B 15 -15.74 31.76 21.04
C ALA B 15 -17.10 32.35 20.71
N LYS B 16 -18.14 31.91 21.42
CA LYS B 16 -19.43 32.54 21.15
C LYS B 16 -19.85 33.27 22.41
N ALA B 17 -20.62 34.33 22.20
CA ALA B 17 -20.99 35.15 23.33
C ALA B 17 -22.17 34.60 24.12
N TYR B 18 -22.77 33.48 23.72
CA TYR B 18 -23.80 32.82 24.52
C TYR B 18 -23.26 31.72 25.40
N GLU B 19 -22.00 31.33 25.22
CA GLU B 19 -21.44 30.37 26.16
C GLU B 19 -21.28 31.08 27.52
N LYS B 20 -21.65 30.36 28.60
CA LYS B 20 -21.25 30.73 29.97
C LYS B 20 -19.81 30.32 30.26
N GLU B 21 -19.19 29.55 29.38
CA GLU B 21 -17.85 29.07 29.68
C GLU B 21 -16.87 30.23 29.67
N VAL B 22 -15.96 30.23 30.64
CA VAL B 22 -15.26 31.48 30.92
C VAL B 22 -14.18 31.80 29.88
N HIS B 23 -13.55 30.81 29.24
CA HIS B 23 -12.66 31.17 28.14
C HIS B 23 -13.45 31.87 27.04
N ASN B 24 -14.65 31.34 26.72
CA ASN B 24 -15.51 31.99 25.73
C ASN B 24 -15.81 33.42 26.12
N VAL B 25 -16.23 33.64 27.37
CA VAL B 25 -16.56 35.00 27.79
C VAL B 25 -15.36 35.92 27.64
N TRP B 26 -14.24 35.55 28.24
CA TRP B 26 -13.06 36.38 28.12
C TRP B 26 -12.77 36.66 26.65
N ALA B 27 -12.74 35.61 25.84
CA ALA B 27 -12.35 35.79 24.44
C ALA B 27 -13.34 36.71 23.71
N THR B 28 -14.64 36.61 24.04
CA THR B 28 -15.57 37.44 23.28
C THR B 28 -15.42 38.90 23.65
N HIS B 29 -14.86 39.24 24.83
CA HIS B 29 -14.57 40.67 24.89
C HIS B 29 -13.13 41.04 24.58
N ALA B 30 -12.20 40.09 24.54
CA ALA B 30 -10.81 40.45 24.33
C ALA B 30 -10.29 40.10 22.95
N CYS B 31 -10.93 39.18 22.24
CA CYS B 31 -10.45 38.78 20.93
C CYS B 31 -11.46 39.15 19.86
N VAL B 32 -10.96 39.22 18.63
CA VAL B 32 -11.75 39.47 17.44
C VAL B 32 -12.05 38.11 16.80
N PRO B 33 -13.14 37.98 16.05
CA PRO B 33 -13.41 36.70 15.38
C PRO B 33 -12.32 36.38 14.37
N THR B 34 -12.30 35.11 13.96
CA THR B 34 -11.20 34.56 13.20
C THR B 34 -11.49 34.60 11.71
N ASP B 35 -10.46 34.90 10.90
CA ASP B 35 -10.59 34.87 9.45
C ASP B 35 -10.96 33.46 8.98
N PRO B 36 -12.16 33.27 8.41
CA PRO B 36 -12.58 31.90 8.06
C PRO B 36 -11.65 31.24 7.08
N ASN B 37 -11.03 32.02 6.18
CA ASN B 37 -9.91 31.54 5.36
C ASN B 37 -8.72 32.48 5.46
N PRO B 38 -7.76 32.15 6.31
CA PRO B 38 -6.55 32.94 6.42
C PRO B 38 -5.71 32.70 5.17
N GLN B 39 -4.54 33.31 5.15
CA GLN B 39 -3.74 33.29 3.94
C GLN B 39 -2.25 33.30 4.28
N GLU B 40 -1.58 32.23 3.89
CA GLU B 40 -0.18 31.96 4.10
C GLU B 40 0.61 32.43 2.90
N MET B 41 1.92 32.23 2.95
CA MET B 41 2.80 32.95 2.03
C MET B 41 4.21 32.40 2.22
N VAL B 42 4.58 31.46 1.34
CA VAL B 42 5.75 30.59 1.49
C VAL B 42 6.99 31.44 1.23
N LEU B 43 8.18 30.88 1.47
CA LEU B 43 9.41 31.59 1.10
C LEU B 43 10.59 30.65 1.35
N ALA B 44 10.58 29.47 0.69
CA ALA B 44 11.42 28.32 1.04
C ALA B 44 12.93 28.51 0.77
N ASN B 45 13.36 29.64 0.19
CA ASN B 45 14.78 29.97 0.14
C ASN B 45 15.24 30.87 1.29
N VAL B 46 14.29 31.55 1.96
CA VAL B 46 14.61 32.74 2.76
C VAL B 46 15.58 32.42 3.88
N THR B 47 15.22 31.47 4.75
CA THR B 47 16.05 31.19 5.92
C THR B 47 16.20 32.38 6.87
N GLU B 48 15.48 32.34 8.00
CA GLU B 48 15.64 33.32 9.08
C GLU B 48 15.77 32.58 10.41
N ASN B 49 16.37 33.22 11.44
CA ASN B 49 16.59 32.53 12.70
C ASN B 49 15.46 32.81 13.67
N PHE B 50 15.15 31.82 14.51
CA PHE B 50 14.33 32.22 15.64
C PHE B 50 14.98 31.78 16.93
N ASN B 51 14.41 32.24 18.05
CA ASN B 51 14.81 31.75 19.36
C ASN B 51 13.56 31.63 20.22
N MET B 52 13.00 30.42 20.26
CA MET B 52 11.82 30.15 21.06
C MET B 52 11.97 30.61 22.50
N TRP B 53 13.19 30.62 23.04
CA TRP B 53 13.40 30.95 24.45
C TRP B 53 13.41 32.44 24.72
N LYS B 54 13.46 33.26 23.70
CA LYS B 54 13.46 34.69 23.91
C LYS B 54 12.44 35.33 22.97
N ASN B 55 11.17 34.95 23.08
CA ASN B 55 10.19 35.24 22.03
C ASN B 55 9.14 36.12 22.72
N ASP B 56 8.94 37.36 22.23
CA ASP B 56 8.03 38.26 22.93
C ASP B 56 6.58 37.78 22.93
N MET B 57 6.18 37.07 21.87
CA MET B 57 4.83 36.51 21.81
C MET B 57 4.48 35.74 23.07
N VAL B 58 5.45 34.98 23.60
CA VAL B 58 5.23 34.25 24.85
C VAL B 58 4.85 35.21 25.97
N GLU B 59 5.62 36.28 26.18
CA GLU B 59 5.25 37.22 27.21
C GLU B 59 3.82 37.74 27.01
N GLN B 60 3.48 38.12 25.78
CA GLN B 60 2.15 38.70 25.56
C GLN B 60 1.04 37.70 25.87
N MET B 61 1.20 36.44 25.41
CA MET B 61 0.14 35.47 25.71
C MET B 61 0.10 35.15 27.20
N HIS B 62 1.26 35.12 27.86
CA HIS B 62 1.27 34.96 29.30
C HIS B 62 0.43 36.03 29.98
N GLU B 63 0.65 37.29 29.60
CA GLU B 63 -0.20 38.38 30.08
C GLU B 63 -1.66 38.03 29.88
N ASP B 64 -2.01 37.60 28.67
CA ASP B 64 -3.44 37.42 28.40
C ASP B 64 -4.01 36.33 29.27
N ILE B 65 -3.28 35.22 29.41
CA ILE B 65 -3.82 34.13 30.19
C ILE B 65 -3.95 34.53 31.65
N ILE B 66 -2.99 35.33 32.18
CA ILE B 66 -3.18 35.82 33.54
C ILE B 66 -4.47 36.61 33.62
N SER B 67 -4.70 37.49 32.65
CA SER B 67 -5.95 38.26 32.61
C SER B 67 -7.15 37.35 32.64
N LEU B 68 -7.15 36.36 31.75
CA LEU B 68 -8.26 35.42 31.63
C LEU B 68 -8.54 34.75 32.97
N TRP B 69 -7.49 34.24 33.62
CA TRP B 69 -7.69 33.56 34.88
C TRP B 69 -8.17 34.52 35.97
N ASP B 70 -7.70 35.78 35.95
CA ASP B 70 -8.16 36.72 36.98
C ASP B 70 -9.64 37.02 36.79
N GLU B 71 -10.12 37.04 35.54
CA GLU B 71 -11.52 37.42 35.38
C GLU B 71 -12.43 36.23 35.51
N SER B 72 -11.91 35.00 35.35
CA SER B 72 -12.69 33.77 35.27
C SER B 72 -12.63 32.90 36.50
N LEU B 73 -11.43 32.63 37.03
CA LEU B 73 -11.28 31.76 38.18
C LEU B 73 -10.90 32.58 39.41
N LYS B 74 -11.80 33.41 39.87
CA LYS B 74 -11.47 34.21 41.07
C LYS B 74 -11.38 33.32 42.32
N PRO B 75 -10.35 33.49 43.13
CA PRO B 75 -10.24 32.74 44.39
C PRO B 75 -11.09 33.40 45.45
N CYS B 76 -11.58 32.58 46.37
CA CYS B 76 -12.18 33.15 47.56
C CYS B 76 -11.17 34.01 48.29
N VAL B 77 -9.95 33.54 48.41
CA VAL B 77 -8.94 34.35 49.07
C VAL B 77 -7.67 34.34 48.24
N LYS B 78 -6.98 35.45 48.23
CA LYS B 78 -5.71 35.55 47.53
C LYS B 78 -4.74 36.15 48.53
N LEU B 79 -3.68 35.42 48.86
CA LEU B 79 -2.62 35.90 49.72
C LEU B 79 -1.41 36.26 48.89
N THR B 80 -1.05 37.54 48.85
CA THR B 80 0.24 37.91 48.28
C THR B 80 0.85 39.00 49.13
N GLY B 81 2.17 38.94 49.26
CA GLY B 81 2.79 39.82 50.23
C GLY B 81 2.15 39.62 51.59
N GLY B 82 1.78 40.75 52.22
CA GLY B 82 1.09 40.65 53.50
C GLY B 82 -0.41 40.60 53.28
N SER B 83 -0.84 41.13 52.12
CA SER B 83 -2.24 41.34 51.84
C SER B 83 -2.98 40.03 51.60
N ALA B 84 -4.26 40.03 51.98
CA ALA B 84 -5.22 39.01 51.61
C ALA B 84 -6.43 39.68 50.94
N ILE B 85 -6.79 39.25 49.74
CA ILE B 85 -7.96 39.79 49.04
C ILE B 85 -9.07 38.76 49.13
N THR B 86 -10.27 39.18 49.49
CA THR B 86 -11.45 38.33 49.38
C THR B 86 -12.38 38.73 48.25
N GLN B 87 -12.89 37.73 47.53
CA GLN B 87 -13.81 37.95 46.43
C GLN B 87 -14.80 36.83 46.41
N ALA B 88 -15.88 37.02 45.65
CA ALA B 88 -16.79 35.92 45.38
C ALA B 88 -16.09 34.92 44.48
N CYS B 89 -16.16 33.63 44.83
CA CYS B 89 -15.50 32.56 44.08
C CYS B 89 -16.54 31.53 43.61
N PRO B 90 -17.44 31.96 42.70
CA PRO B 90 -18.46 31.03 42.21
C PRO B 90 -17.80 29.91 41.43
N LYS B 91 -18.38 28.72 41.50
CA LYS B 91 -18.02 27.64 40.58
C LYS B 91 -18.47 28.00 39.17
N VAL B 92 -17.65 27.67 38.18
CA VAL B 92 -17.91 28.16 36.83
C VAL B 92 -17.68 27.06 35.80
N SER B 93 -18.10 27.34 34.57
CA SER B 93 -17.91 26.43 33.46
C SER B 93 -16.56 26.75 32.82
N PHE B 94 -15.64 25.79 32.87
CA PHE B 94 -14.23 26.03 32.57
C PHE B 94 -13.71 24.94 31.64
N ASP B 95 -13.53 25.29 30.37
CA ASP B 95 -12.95 24.37 29.40
C ASP B 95 -12.21 25.13 28.29
N PRO B 96 -10.87 25.12 28.30
CA PRO B 96 -10.11 26.06 27.47
C PRO B 96 -10.47 25.92 26.00
N ILE B 97 -10.47 27.06 25.30
CA ILE B 97 -10.74 27.11 23.87
C ILE B 97 -9.45 27.56 23.17
N PRO B 98 -9.29 27.33 21.87
CA PRO B 98 -8.06 27.79 21.20
C PRO B 98 -8.11 29.29 20.97
N LEU B 99 -6.93 29.90 21.08
CA LEU B 99 -6.71 31.33 20.86
C LEU B 99 -5.66 31.47 19.77
N HIS B 100 -5.87 32.42 18.88
CA HIS B 100 -4.92 32.73 17.83
C HIS B 100 -4.29 34.07 18.12
N TYR B 101 -2.97 34.17 17.92
CA TYR B 101 -2.31 35.45 18.08
C TYR B 101 -1.98 35.99 16.69
N CYS B 102 -2.28 37.27 16.50
CA CYS B 102 -2.35 37.90 15.19
C CYS B 102 -1.48 39.15 15.19
N ALA B 103 -0.76 39.35 14.08
CA ALA B 103 0.05 40.55 13.93
C ALA B 103 -0.84 41.71 13.44
N PRO B 104 -0.72 42.89 14.03
CA PRO B 104 -1.54 44.02 13.60
C PRO B 104 -0.98 44.59 12.30
N ALA B 105 -1.70 45.56 11.73
CA ALA B 105 -1.35 46.17 10.45
C ALA B 105 0.12 46.61 10.39
N GLY B 106 0.79 46.23 9.29
CA GLY B 106 2.19 46.61 9.07
C GLY B 106 3.20 45.63 9.64
N PHE B 107 2.72 44.59 10.30
CA PHE B 107 3.50 43.52 10.91
C PHE B 107 3.06 42.18 10.35
N ALA B 108 3.99 41.23 10.32
CA ALA B 108 3.62 39.87 9.95
C ALA B 108 4.13 38.89 11.00
N ILE B 109 3.71 37.63 10.87
CA ILE B 109 4.24 36.56 11.70
C ILE B 109 4.95 35.59 10.78
N LEU B 110 6.25 35.45 10.97
CA LEU B 110 6.98 34.40 10.28
C LEU B 110 6.76 33.10 11.03
N LYS B 111 6.51 32.06 10.26
CA LYS B 111 6.26 30.70 10.73
C LYS B 111 7.37 29.83 10.17
N CYS B 112 8.09 29.14 11.03
CA CYS B 112 9.08 28.20 10.55
C CYS B 112 8.40 26.90 10.10
N ASN B 113 8.69 26.46 8.87
CA ASN B 113 8.02 25.29 8.34
C ASN B 113 8.86 24.01 8.44
N ASN B 114 10.11 24.08 8.90
CA ASN B 114 10.93 22.89 9.07
C ASN B 114 10.30 21.99 10.13
N LYS B 115 9.75 20.82 9.72
CA LYS B 115 9.11 20.09 10.82
C LYS B 115 10.05 19.45 11.85
N THR B 116 11.35 19.68 11.80
CA THR B 116 12.23 19.17 12.84
C THR B 116 12.92 20.32 13.56
N PHE B 117 12.57 21.56 13.21
CA PHE B 117 13.17 22.74 13.83
C PHE B 117 13.14 22.65 15.35
N ASN B 118 14.31 22.75 15.98
CA ASN B 118 14.31 22.55 17.42
C ASN B 118 13.92 23.81 18.18
N GLY B 119 13.73 24.94 17.51
CA GLY B 119 13.24 26.14 18.14
C GLY B 119 14.26 27.26 18.26
N THR B 120 15.54 26.97 18.09
CA THR B 120 16.55 28.02 18.06
C THR B 120 17.43 27.83 16.85
N GLY B 121 17.88 28.96 16.29
CA GLY B 121 18.82 28.91 15.20
C GLY B 121 18.12 29.18 13.88
N PRO B 122 18.82 28.93 12.77
CA PRO B 122 18.26 29.29 11.45
C PRO B 122 17.26 28.26 10.97
N CYS B 123 16.22 28.75 10.31
CA CYS B 123 15.16 27.92 9.74
C CYS B 123 15.09 28.23 8.25
N ARG B 124 15.18 27.16 7.44
CA ARG B 124 15.24 27.15 5.98
C ARG B 124 13.97 27.63 5.28
N ASN B 125 12.88 26.90 5.48
CA ASN B 125 11.58 27.11 4.85
C ASN B 125 10.68 27.90 5.78
N VAL B 126 10.23 29.08 5.34
CA VAL B 126 9.57 30.06 6.19
C VAL B 126 8.32 30.57 5.48
N SER B 127 7.28 30.87 6.24
CA SER B 127 6.07 31.46 5.67
C SER B 127 5.76 32.76 6.38
N THR B 128 4.87 33.53 5.76
CA THR B 128 4.25 34.67 6.41
C THR B 128 2.79 34.37 6.67
N VAL B 129 2.33 34.75 7.86
CA VAL B 129 0.96 34.49 8.26
C VAL B 129 0.45 35.70 9.04
N GLN B 130 -0.87 35.84 9.03
CA GLN B 130 -1.58 36.80 9.86
C GLN B 130 -1.62 36.36 11.32
N CYS B 131 -1.81 35.05 11.56
CA CYS B 131 -2.00 34.55 12.92
C CYS B 131 -1.39 33.18 13.10
N THR B 132 -1.10 32.88 14.37
CA THR B 132 -0.70 31.54 14.78
C THR B 132 -1.89 30.60 14.68
N HIS B 133 -1.61 29.30 14.72
CA HIS B 133 -2.71 28.36 14.86
C HIS B 133 -3.44 28.60 16.18
N GLY B 134 -4.59 27.95 16.32
CA GLY B 134 -5.32 28.01 17.58
C GLY B 134 -4.52 27.33 18.68
N ILE B 135 -4.39 27.98 19.83
CA ILE B 135 -3.58 27.48 20.93
C ILE B 135 -4.45 27.42 22.16
N LYS B 136 -4.63 26.22 22.72
CA LYS B 136 -5.41 26.11 23.94
C LYS B 136 -4.54 26.51 25.13
N PRO B 137 -4.88 27.58 25.87
CA PRO B 137 -4.02 28.01 26.98
C PRO B 137 -4.15 27.07 28.18
N VAL B 138 -3.44 25.96 28.20
CA VAL B 138 -3.67 24.91 29.18
C VAL B 138 -2.58 24.98 30.26
N VAL B 139 -2.97 25.33 31.48
CA VAL B 139 -2.03 25.44 32.58
C VAL B 139 -1.83 24.05 33.18
N SER B 140 -0.59 23.57 33.20
CA SER B 140 -0.28 22.33 33.91
C SER B 140 1.22 22.27 34.17
N THR B 141 1.62 21.25 34.91
CA THR B 141 3.03 20.94 35.15
C THR B 141 3.34 19.53 34.68
N GLN B 142 4.65 19.24 34.53
CA GLN B 142 5.14 17.89 34.19
C GLN B 142 4.69 17.47 32.81
N LEU B 143 3.38 17.31 32.61
CA LEU B 143 2.84 16.91 31.31
C LEU B 143 2.20 18.11 30.65
N LEU B 144 2.49 18.32 29.36
CA LEU B 144 1.77 19.31 28.55
C LEU B 144 0.59 18.62 27.84
N LEU B 145 -0.59 19.21 27.96
CA LEU B 145 -1.85 18.57 27.58
C LEU B 145 -2.51 19.30 26.42
N ASN B 146 -3.09 18.55 25.50
CA ASN B 146 -3.95 19.12 24.47
C ASN B 146 -3.18 20.07 23.56
N GLY B 147 -1.89 19.85 23.36
CA GLY B 147 -1.12 20.67 22.45
C GLY B 147 -1.18 20.16 21.03
N SER B 148 -0.14 20.51 20.26
CA SER B 148 0.00 20.17 18.85
C SER B 148 1.16 19.20 18.71
N LEU B 149 0.90 18.00 18.19
CA LEU B 149 2.00 17.05 18.08
C LEU B 149 3.03 17.50 17.05
N ALA B 150 4.30 17.14 17.27
CA ALA B 150 5.31 17.29 16.23
C ALA B 150 4.93 16.39 15.05
N GLU B 151 5.37 16.75 13.85
CA GLU B 151 4.79 16.04 12.72
C GLU B 151 5.66 14.87 12.26
N GLU B 152 6.99 15.08 12.28
CA GLU B 152 7.97 14.04 12.05
C GLU B 152 8.24 13.26 13.32
N GLU B 153 9.29 13.59 14.05
CA GLU B 153 9.75 12.77 15.16
C GLU B 153 9.78 13.57 16.46
N ILE B 154 9.69 12.89 17.60
CA ILE B 154 9.82 13.52 18.90
C ILE B 154 10.96 14.53 18.84
N ILE B 155 10.77 15.72 19.44
CA ILE B 155 11.75 16.82 19.34
C ILE B 155 12.17 17.32 20.71
N ILE B 156 13.47 17.38 20.97
CA ILE B 156 13.97 17.91 22.25
C ILE B 156 14.27 19.39 22.11
N ARG B 157 13.67 20.22 22.96
CA ARG B 157 13.90 21.65 22.95
C ARG B 157 14.50 22.12 24.27
N SER B 158 15.50 22.98 24.19
CA SER B 158 16.07 23.56 25.40
C SER B 158 16.83 24.81 25.04
N GLU B 159 16.75 25.82 25.91
CA GLU B 159 17.55 27.04 25.76
C GLU B 159 19.04 26.70 25.67
N ASN B 160 19.47 25.66 26.41
CA ASN B 160 20.86 25.24 26.50
C ASN B 160 20.93 23.91 27.26
N LEU B 161 20.91 22.82 26.50
CA LEU B 161 20.87 21.47 27.04
C LEU B 161 22.07 21.13 27.91
N THR B 162 23.15 21.89 27.81
CA THR B 162 24.26 21.63 28.74
C THR B 162 23.98 22.17 30.12
N ASN B 163 23.20 23.25 30.20
CA ASN B 163 22.89 23.91 31.47
C ASN B 163 21.75 23.16 32.13
N ASN B 164 22.07 22.30 33.11
CA ASN B 164 21.01 21.43 33.60
C ASN B 164 19.88 22.20 34.31
N ALA B 165 20.13 23.43 34.71
CA ALA B 165 19.07 24.28 35.27
C ALA B 165 18.03 24.73 34.25
N LYS B 166 18.23 24.50 32.95
CA LYS B 166 17.29 24.98 31.93
C LYS B 166 16.25 23.90 31.68
N THR B 167 14.96 24.27 31.76
CA THR B 167 13.88 23.33 31.45
C THR B 167 14.08 22.70 30.07
N ILE B 168 13.72 21.43 29.95
CA ILE B 168 13.69 20.74 28.65
C ILE B 168 12.23 20.50 28.25
N ILE B 169 11.90 20.80 27.00
CA ILE B 169 10.55 20.54 26.50
C ILE B 169 10.65 19.39 25.50
N VAL B 170 10.04 18.28 25.84
CA VAL B 170 9.93 17.16 24.91
C VAL B 170 8.64 17.34 24.12
N HIS B 171 8.74 17.37 22.81
CA HIS B 171 7.59 17.54 21.91
C HIS B 171 7.26 16.19 21.28
N LEU B 172 6.25 15.50 21.82
CA LEU B 172 5.89 14.19 21.30
C LEU B 172 5.29 14.28 19.89
N ASN B 173 5.44 13.20 19.12
CA ASN B 173 4.74 13.07 17.86
C ASN B 173 3.52 12.17 17.96
N GLU B 174 3.14 11.71 19.14
CA GLU B 174 1.98 10.84 19.18
C GLU B 174 1.30 10.98 20.54
N SER B 175 0.01 11.35 20.55
CA SER B 175 -0.66 11.55 21.82
C SER B 175 -0.57 10.30 22.69
N VAL B 176 -0.51 10.53 24.00
CA VAL B 176 -0.76 9.49 25.00
C VAL B 176 -1.96 9.92 25.82
N ASN B 177 -3.05 9.15 25.74
CA ASN B 177 -4.25 9.48 26.51
C ASN B 177 -3.95 9.53 27.99
N ILE B 178 -4.55 10.47 28.69
CA ILE B 178 -4.61 10.43 30.15
C ILE B 178 -6.02 10.79 30.55
N VAL B 179 -6.63 9.95 31.41
CA VAL B 179 -8.01 10.16 31.83
C VAL B 179 -8.03 10.35 33.33
N CYS B 180 -8.55 11.49 33.76
CA CYS B 180 -8.52 11.83 35.18
C CYS B 180 -9.95 12.03 35.64
N THR B 181 -10.24 11.44 36.80
CA THR B 181 -11.61 11.44 37.25
C THR B 181 -11.65 11.47 38.76
N ARG B 182 -12.57 12.30 39.27
CA ARG B 182 -13.09 12.21 40.62
C ARG B 182 -14.48 11.65 40.48
N PRO B 183 -14.74 10.45 40.97
CA PRO B 183 -15.97 9.74 40.68
C PRO B 183 -17.12 10.26 41.53
N ASN B 184 -18.27 9.63 41.36
CA ASN B 184 -19.50 9.89 42.09
C ASN B 184 -19.86 8.74 43.01
N ASN B 193 -14.02 10.22 50.55
CA ASN B 193 -13.32 11.50 50.33
C ASN B 193 -13.59 12.16 48.97
N ILE B 194 -14.28 13.30 49.04
CA ILE B 194 -14.70 14.02 47.85
C ILE B 194 -13.52 14.61 47.07
N ARG B 195 -12.36 14.72 47.73
CA ARG B 195 -11.11 15.26 47.20
C ARG B 195 -10.17 14.20 46.61
N GLN B 196 -10.57 12.92 46.60
CA GLN B 196 -9.80 11.84 45.98
C GLN B 196 -10.17 11.66 44.51
N ALA B 197 -9.15 11.43 43.68
CA ALA B 197 -9.37 11.12 42.26
C ALA B 197 -8.18 10.32 41.73
N HIS B 198 -8.25 9.96 40.46
CA HIS B 198 -7.20 9.10 39.91
C HIS B 198 -7.16 9.30 38.41
N CYS B 199 -5.99 9.04 37.85
CA CYS B 199 -5.77 9.12 36.41
C CYS B 199 -5.31 7.77 35.87
N ASN B 200 -5.77 7.43 34.68
CA ASN B 200 -5.36 6.21 34.01
C ASN B 200 -4.64 6.54 32.72
N ILE B 201 -3.44 5.97 32.58
CA ILE B 201 -2.70 5.93 31.32
C ILE B 201 -2.44 4.47 30.93
N ASN B 202 -2.62 4.18 29.63
CA ASN B 202 -2.34 2.86 29.08
C ASN B 202 -0.84 2.60 29.14
N GLU B 203 -0.40 1.63 29.96
CA GLU B 203 1.04 1.44 30.17
C GLU B 203 1.78 1.17 28.87
N SER B 204 1.17 0.47 27.91
CA SER B 204 1.91 0.16 26.68
C SER B 204 2.29 1.40 25.94
N LYS B 205 1.35 2.34 25.83
CA LYS B 205 1.71 3.51 25.07
C LYS B 205 2.64 4.42 25.86
N TRP B 206 2.52 4.46 27.18
CA TRP B 206 3.57 5.16 27.93
C TRP B 206 4.93 4.50 27.68
N ASN B 207 5.01 3.17 27.83
CA ASN B 207 6.16 2.31 27.56
C ASN B 207 6.88 2.82 26.31
N ASN B 208 6.09 2.78 25.25
CA ASN B 208 6.55 3.11 23.91
C ASN B 208 7.08 4.53 23.87
N THR B 209 6.30 5.49 24.40
CA THR B 209 6.64 6.89 24.29
C THR B 209 7.95 7.15 25.00
N LEU B 210 8.08 6.62 26.20
CA LEU B 210 9.32 6.90 26.90
C LEU B 210 10.49 6.19 26.23
N GLN B 211 10.25 5.08 25.53
CA GLN B 211 11.38 4.47 24.85
C GLN B 211 11.88 5.37 23.73
N LYS B 212 10.96 5.86 22.90
CA LYS B 212 11.35 6.77 21.83
C LYS B 212 11.97 8.05 22.37
N VAL B 213 11.47 8.53 23.51
CA VAL B 213 12.05 9.73 24.09
C VAL B 213 13.47 9.45 24.55
N GLY B 214 13.69 8.30 25.20
CA GLY B 214 15.03 7.94 25.60
C GLY B 214 15.97 7.83 24.42
N GLU B 215 15.49 7.28 23.31
CA GLU B 215 16.25 7.35 22.06
C GLU B 215 16.75 8.77 21.79
N GLU B 216 15.81 9.72 21.65
CA GLU B 216 16.23 11.08 21.32
C GLU B 216 17.18 11.69 22.37
N LEU B 217 16.81 11.57 23.63
CA LEU B 217 17.69 12.07 24.68
C LEU B 217 19.09 11.45 24.56
N ALA B 218 19.15 10.20 24.09
CA ALA B 218 20.43 9.51 23.97
C ALA B 218 21.28 10.14 22.87
N LYS B 219 20.64 10.44 21.72
CA LYS B 219 21.33 11.24 20.71
C LYS B 219 21.98 12.43 21.39
N HIS B 220 21.28 13.11 22.31
CA HIS B 220 21.93 14.30 22.86
C HIS B 220 22.93 14.00 23.99
N PHE B 221 22.78 12.91 24.73
CA PHE B 221 23.77 12.49 25.73
C PHE B 221 24.16 11.05 25.42
N PRO B 222 25.33 10.82 24.81
CA PRO B 222 25.49 9.58 24.02
C PRO B 222 26.12 8.42 24.78
N SER B 223 27.03 8.68 25.73
CA SER B 223 27.67 7.52 26.33
C SER B 223 26.84 6.88 27.45
N LYS B 224 25.71 7.50 27.82
CA LYS B 224 25.18 7.40 29.18
C LYS B 224 23.84 6.68 29.13
N THR B 225 23.52 5.95 30.20
CA THR B 225 22.17 5.42 30.36
C THR B 225 21.25 6.56 30.81
N ILE B 226 19.95 6.41 30.52
CA ILE B 226 19.01 7.51 30.60
C ILE B 226 17.89 7.08 31.56
N LYS B 227 17.84 7.71 32.73
CA LYS B 227 16.90 7.29 33.76
C LYS B 227 15.80 8.34 33.91
N PHE B 228 14.54 7.87 33.90
CA PHE B 228 13.38 8.68 34.26
C PHE B 228 13.02 8.37 35.72
N GLU B 229 12.99 9.40 36.51
CA GLU B 229 12.63 9.35 37.94
C GLU B 229 11.64 10.46 38.31
N PRO B 230 10.94 10.29 39.38
CA PRO B 230 9.89 11.27 39.76
C PRO B 230 10.52 12.51 40.36
N SER B 231 9.76 13.60 40.27
CA SER B 231 10.30 14.89 40.70
C SER B 231 10.79 14.83 42.13
N SER B 232 12.03 15.28 42.34
CA SER B 232 12.62 15.34 43.67
C SER B 232 11.77 16.16 44.66
N GLY B 233 11.87 17.50 44.63
CA GLY B 233 11.16 18.29 45.63
C GLY B 233 10.65 19.62 45.10
N GLY B 234 9.90 20.31 45.97
CA GLY B 234 9.26 21.56 45.62
C GLY B 234 7.82 21.57 46.12
N ASP B 235 7.11 22.64 45.78
CA ASP B 235 5.69 22.68 46.06
C ASP B 235 4.96 21.54 45.35
N LEU B 236 3.85 21.11 45.95
CA LEU B 236 3.06 20.08 45.32
C LEU B 236 2.75 20.38 43.86
N GLU B 237 2.57 21.66 43.52
CA GLU B 237 2.19 21.98 42.16
C GLU B 237 3.23 21.48 41.15
N ILE B 238 4.52 21.41 41.52
CA ILE B 238 5.54 20.94 40.59
C ILE B 238 6.05 19.53 40.88
N THR B 239 5.86 19.02 42.09
CA THR B 239 6.28 17.66 42.35
C THR B 239 5.21 16.67 41.97
N THR B 240 4.03 17.14 41.61
CA THR B 240 3.02 16.28 41.03
C THR B 240 2.63 16.89 39.69
N HIS B 241 1.90 16.13 38.90
CA HIS B 241 1.30 16.64 37.68
C HIS B 241 0.03 17.35 38.08
N SER B 242 0.08 18.67 38.13
CA SER B 242 -1.05 19.48 38.57
C SER B 242 -1.66 20.19 37.36
N PHE B 243 -2.98 20.38 37.42
CA PHE B 243 -3.68 21.00 36.29
C PHE B 243 -5.10 21.31 36.74
N ASN B 244 -5.79 22.17 35.98
CA ASN B 244 -7.18 22.50 36.28
C ASN B 244 -8.13 21.74 35.36
N CYS B 245 -9.05 21.01 35.95
CA CYS B 245 -10.02 20.22 35.22
C CYS B 245 -11.40 20.72 35.61
N ARG B 246 -12.13 21.34 34.68
CA ARG B 246 -13.53 21.60 34.99
C ARG B 246 -13.64 22.49 36.23
N GLY B 247 -12.69 23.44 36.37
CA GLY B 247 -12.65 24.34 37.50
C GLY B 247 -11.86 23.86 38.71
N GLU B 248 -11.72 22.56 38.91
CA GLU B 248 -11.05 22.06 40.12
C GLU B 248 -9.58 21.78 39.87
N PHE B 249 -8.77 21.96 40.92
CA PHE B 249 -7.32 21.86 40.81
C PHE B 249 -6.89 20.45 41.21
N PHE B 250 -6.55 19.63 40.20
CA PHE B 250 -6.07 18.27 40.41
C PHE B 250 -4.57 18.26 40.62
N TYR B 251 -4.14 17.45 41.57
CA TYR B 251 -2.73 17.19 41.84
C TYR B 251 -2.54 15.67 41.75
N CYS B 252 -1.79 15.19 40.75
CA CYS B 252 -1.71 13.76 40.47
C CYS B 252 -0.27 13.27 40.64
N ASN B 253 -0.12 12.19 41.39
CA ASN B 253 1.20 11.66 41.67
C ASN B 253 1.77 11.00 40.41
N THR B 254 3.00 11.33 40.06
CA THR B 254 3.55 10.77 38.83
C THR B 254 4.69 9.80 39.08
N SER B 255 4.91 9.38 40.33
CA SER B 255 6.04 8.49 40.59
C SER B 255 5.89 7.14 39.92
N ASP B 256 4.69 6.66 39.65
CA ASP B 256 4.77 5.48 38.81
C ASP B 256 4.81 5.82 37.32
N LEU B 257 4.94 7.09 36.97
CA LEU B 257 5.04 7.47 35.56
C LEU B 257 6.47 7.80 35.16
N PHE B 258 7.12 8.70 35.90
CA PHE B 258 8.51 9.05 35.61
C PHE B 258 9.39 8.12 36.45
N ASN B 259 9.57 6.91 35.93
CA ASN B 259 10.12 5.78 36.66
C ASN B 259 10.47 4.65 35.70
N GLY B 260 11.71 4.64 35.21
CA GLY B 260 12.11 3.68 34.21
C GLY B 260 13.49 3.98 33.77
N THR B 261 14.16 2.99 33.15
CA THR B 261 15.50 3.13 32.63
C THR B 261 15.57 2.75 31.17
N TYR B 262 16.35 3.51 30.40
CA TYR B 262 16.65 3.22 29.00
C TYR B 262 18.17 3.11 28.89
N ARG B 263 18.64 1.87 28.71
CA ARG B 263 20.06 1.53 28.80
C ARG B 263 20.63 1.00 27.49
N ASN B 264 20.11 -0.09 26.95
CA ASN B 264 20.83 -0.58 25.77
C ASN B 264 19.97 -0.39 24.54
N GLY B 265 19.71 0.85 24.16
CA GLY B 265 18.69 1.08 23.15
C GLY B 265 17.36 0.42 23.51
N THR B 266 17.16 0.10 24.80
CA THR B 266 15.89 -0.46 25.28
C THR B 266 15.34 0.36 26.45
N TYR B 267 14.02 0.56 26.48
CA TYR B 267 13.36 1.12 27.65
C TYR B 267 12.73 0.01 28.50
N ASN B 268 13.04 0.04 29.81
CA ASN B 268 12.43 -0.77 30.86
C ASN B 268 11.62 0.18 31.74
N HIS B 269 10.32 -0.09 31.92
CA HIS B 269 9.52 0.72 32.83
C HIS B 269 9.58 0.14 34.24
N THR B 270 9.86 1.00 35.21
CA THR B 270 10.08 0.60 36.59
C THR B 270 8.91 0.90 37.52
N GLY B 271 8.07 1.87 37.19
CA GLY B 271 6.98 2.23 38.08
C GLY B 271 5.90 1.16 38.09
N ARG B 272 5.21 1.05 39.23
CA ARG B 272 4.22 -0.01 39.31
C ARG B 272 3.05 0.24 38.36
N SER B 273 2.67 -0.77 37.60
CA SER B 273 1.47 -0.72 36.80
C SER B 273 0.51 -1.82 37.27
N SER B 274 -0.57 -2.04 36.51
CA SER B 274 -1.56 -3.04 36.93
C SER B 274 -2.66 -3.25 35.89
N ASN B 275 -2.95 -4.51 35.54
CA ASN B 275 -3.89 -4.82 34.44
C ASN B 275 -3.56 -4.00 33.19
N GLY B 276 -2.28 -3.58 33.07
CA GLY B 276 -1.81 -2.88 31.88
C GLY B 276 -2.07 -1.38 31.82
N THR B 277 -2.34 -0.73 32.96
CA THR B 277 -2.53 0.71 33.02
C THR B 277 -1.84 1.27 34.26
N ILE B 278 -1.13 2.39 34.10
CA ILE B 278 -0.61 3.14 35.22
C ILE B 278 -1.76 3.98 35.76
N THR B 279 -1.87 4.05 37.09
CA THR B 279 -2.94 4.80 37.72
C THR B 279 -2.34 5.76 38.73
N LEU B 280 -2.49 7.06 38.46
CA LEU B 280 -2.04 8.12 39.33
C LEU B 280 -3.09 8.38 40.41
N GLN B 281 -2.64 8.42 41.65
CA GLN B 281 -3.49 8.91 42.74
C GLN B 281 -3.49 10.44 42.73
N CYS B 282 -4.67 11.06 42.78
CA CYS B 282 -4.82 12.51 42.75
C CYS B 282 -5.62 13.02 43.96
N LYS B 283 -5.25 14.23 44.38
CA LYS B 283 -6.02 15.03 45.34
C LYS B 283 -6.59 16.25 44.60
N ILE B 284 -7.83 16.62 44.91
CA ILE B 284 -8.34 17.93 44.51
C ILE B 284 -8.09 18.89 45.64
N LYS B 285 -7.61 20.08 45.33
CA LYS B 285 -7.11 20.92 46.41
C LYS B 285 -7.75 22.29 46.41
N GLN B 286 -7.80 22.91 47.59
CA GLN B 286 -8.39 24.23 47.72
C GLN B 286 -7.32 25.31 47.82
N ILE B 287 -6.16 24.99 48.40
CA ILE B 287 -5.10 25.97 48.60
C ILE B 287 -4.05 25.79 47.52
N ILE B 288 -3.85 26.79 46.69
CA ILE B 288 -3.05 26.68 45.47
C ILE B 288 -1.88 27.64 45.55
N ASN B 289 -0.68 27.16 45.25
CA ASN B 289 0.40 28.07 44.94
C ASN B 289 0.23 28.58 43.51
N MET B 290 0.21 29.89 43.37
CA MET B 290 -0.20 30.51 42.11
C MET B 290 0.90 30.39 41.06
N TRP B 291 0.50 30.12 39.82
CA TRP B 291 1.48 30.20 38.74
C TRP B 291 1.67 31.62 38.27
N GLN B 292 0.64 32.47 38.46
CA GLN B 292 0.70 33.83 37.90
C GLN B 292 1.76 34.67 38.60
N GLU B 293 1.93 34.50 39.90
CA GLU B 293 2.85 35.31 40.70
C GLU B 293 3.13 34.50 41.97
N VAL B 294 3.99 35.04 42.82
CA VAL B 294 4.32 34.37 44.07
C VAL B 294 3.23 34.68 45.06
N GLY B 295 2.42 33.69 45.39
CA GLY B 295 1.27 33.95 46.23
C GLY B 295 0.44 32.71 46.34
N ARG B 296 -0.48 32.72 47.29
CA ARG B 296 -1.37 31.61 47.51
C ARG B 296 -2.81 31.98 47.21
N ALA B 297 -3.62 30.99 46.83
CA ALA B 297 -4.99 31.26 46.41
C ALA B 297 -5.91 30.18 46.95
N ILE B 298 -6.99 30.57 47.62
CA ILE B 298 -7.89 29.60 48.24
C ILE B 298 -9.22 29.60 47.50
N TYR B 299 -9.70 28.40 47.19
CA TYR B 299 -10.90 28.13 46.41
C TYR B 299 -11.90 27.31 47.23
N ALA B 300 -13.13 27.27 46.73
CA ALA B 300 -14.16 26.56 47.46
C ALA B 300 -14.05 25.06 47.23
N PRO B 301 -14.70 24.26 48.06
CA PRO B 301 -14.59 22.79 47.92
C PRO B 301 -15.19 22.32 46.61
N PRO B 302 -14.90 21.10 46.20
CA PRO B 302 -15.22 20.71 44.83
C PRO B 302 -16.71 20.63 44.58
N ILE B 303 -17.09 20.93 43.33
CA ILE B 303 -18.45 20.66 42.89
C ILE B 303 -18.82 19.20 43.11
N GLU B 304 -20.00 18.81 42.65
CA GLU B 304 -20.50 17.48 43.00
C GLU B 304 -20.68 16.65 41.73
N GLY B 305 -20.63 15.35 41.93
CA GLY B 305 -20.74 14.45 40.80
C GLY B 305 -19.38 14.09 40.24
N GLU B 306 -19.43 13.51 39.04
CA GLU B 306 -18.24 13.02 38.38
C GLU B 306 -17.52 14.17 37.69
N ILE B 307 -16.29 14.42 38.13
CA ILE B 307 -15.43 15.41 37.51
C ILE B 307 -14.43 14.62 36.66
N THR B 308 -14.54 14.73 35.34
CA THR B 308 -13.65 13.93 34.50
C THR B 308 -13.10 14.75 33.35
N CYS B 309 -11.79 14.66 33.15
CA CYS B 309 -11.11 15.23 32.01
C CYS B 309 -10.42 14.13 31.24
N ASN B 310 -10.66 14.10 29.94
CA ASN B 310 -10.04 13.13 29.05
C ASN B 310 -9.10 13.92 28.14
N SER B 311 -7.79 13.83 28.39
CA SER B 311 -6.85 14.74 27.78
C SER B 311 -5.82 13.96 26.99
N ASN B 312 -5.13 14.67 26.08
CA ASN B 312 -4.01 14.13 25.31
C ASN B 312 -2.69 14.64 25.89
N ILE B 313 -1.87 13.77 26.50
CA ILE B 313 -0.50 14.17 26.76
C ILE B 313 0.21 14.33 25.43
N THR B 314 0.64 15.56 25.12
CA THR B 314 1.32 15.84 23.86
C THR B 314 2.74 16.40 24.05
N GLY B 315 3.25 16.47 25.27
CA GLY B 315 4.65 16.81 25.47
C GLY B 315 5.00 16.67 26.93
N LEU B 316 6.29 16.79 27.22
CA LEU B 316 6.78 16.67 28.59
C LEU B 316 7.62 17.88 28.95
N LEU B 317 7.68 18.17 30.26
CA LEU B 317 8.59 19.17 30.82
C LEU B 317 9.57 18.45 31.74
N LEU B 318 10.84 18.44 31.38
CA LEU B 318 11.85 17.66 32.09
C LEU B 318 12.96 18.56 32.63
N LEU B 319 13.61 18.08 33.69
CA LEU B 319 14.80 18.68 34.25
C LEU B 319 15.82 17.58 34.48
N ARG B 320 17.03 17.79 33.97
CA ARG B 320 18.14 16.86 34.16
C ARG B 320 18.90 17.18 35.43
N ASP B 321 19.25 16.15 36.21
CA ASP B 321 20.14 16.37 37.36
C ASP B 321 21.52 16.85 36.90
N ASP B 330 28.41 6.71 32.05
CA ASP B 330 27.76 7.11 33.30
C ASP B 330 26.25 7.36 33.05
N THR B 331 25.52 7.98 34.00
CA THR B 331 24.08 8.14 33.86
C THR B 331 23.64 9.60 33.81
N GLU B 332 22.63 9.88 32.99
CA GLU B 332 21.85 11.11 33.04
C GLU B 332 20.44 10.77 33.49
N THR B 333 19.90 11.58 34.42
CA THR B 333 18.58 11.36 35.00
C THR B 333 17.67 12.55 34.75
N PHE B 334 16.46 12.27 34.30
CA PHE B 334 15.46 13.29 33.99
C PHE B 334 14.26 13.14 34.92
N ARG B 335 13.88 14.23 35.58
CA ARG B 335 12.66 14.22 36.37
C ARG B 335 11.66 15.21 35.81
N PRO B 336 10.38 15.03 36.09
CA PRO B 336 9.38 15.99 35.61
C PRO B 336 9.61 17.35 36.24
N GLY B 337 9.41 18.39 35.42
CA GLY B 337 9.54 19.77 35.87
C GLY B 337 8.30 20.61 35.59
N GLY B 338 8.45 21.92 35.56
CA GLY B 338 7.34 22.81 35.32
C GLY B 338 7.25 23.89 36.38
N GLY B 339 6.29 24.77 36.22
CA GLY B 339 6.07 25.80 37.23
C GLY B 339 6.02 27.18 36.60
N ASP B 340 6.72 27.36 35.47
CA ASP B 340 6.79 28.62 34.75
C ASP B 340 5.88 28.45 33.54
N MET B 341 4.64 28.93 33.63
CA MET B 341 3.70 28.63 32.55
C MET B 341 4.14 29.18 31.21
N ARG B 342 5.10 30.10 31.17
CA ARG B 342 5.57 30.56 29.87
C ARG B 342 6.07 29.39 29.02
N ASP B 343 6.71 28.41 29.67
CA ASP B 343 7.20 27.26 28.90
C ASP B 343 6.04 26.58 28.19
N ASN B 344 4.88 26.48 28.83
CA ASN B 344 3.74 25.88 28.14
C ASN B 344 3.44 26.67 26.86
N TRP B 345 3.29 28.00 26.98
CA TRP B 345 3.08 28.80 25.79
C TRP B 345 4.23 28.61 24.79
N ARG B 346 5.49 28.58 25.27
CA ARG B 346 6.62 28.38 24.36
C ARG B 346 6.40 27.14 23.50
N SER B 347 5.95 26.06 24.14
CA SER B 347 5.88 24.79 23.44
C SER B 347 5.01 24.91 22.19
N GLU B 348 4.01 25.80 22.19
CA GLU B 348 3.23 26.04 20.98
C GLU B 348 3.74 27.21 20.14
N LEU B 349 4.39 28.21 20.74
CA LEU B 349 4.72 29.41 20.00
C LEU B 349 6.10 29.33 19.36
N TYR B 350 6.80 28.21 19.48
CA TYR B 350 8.24 28.19 19.19
C TYR B 350 8.52 28.54 17.73
N LYS B 351 7.66 28.09 16.83
CA LYS B 351 7.86 28.25 15.40
C LYS B 351 7.42 29.61 14.87
N TYR B 352 7.19 30.62 15.71
CA TYR B 352 6.69 31.90 15.22
C TYR B 352 7.53 33.04 15.75
N LYS B 353 7.76 34.06 14.92
CA LYS B 353 8.22 35.35 15.42
C LYS B 353 7.47 36.46 14.71
N VAL B 354 7.50 37.65 15.29
CA VAL B 354 6.81 38.81 14.73
C VAL B 354 7.82 39.69 14.02
N VAL B 355 7.52 40.09 12.79
CA VAL B 355 8.51 40.85 12.05
C VAL B 355 7.89 42.14 11.52
N GLU B 356 8.75 43.18 11.46
CA GLU B 356 8.65 44.38 10.59
C GLU B 356 7.95 45.56 11.26
N LYS C 6 43.20 -33.18 -21.16
CA LYS C 6 44.56 -32.73 -21.42
C LYS C 6 45.61 -33.55 -20.63
N THR C 7 45.57 -33.54 -19.29
CA THR C 7 46.62 -34.17 -18.48
C THR C 7 46.09 -34.51 -17.09
N THR C 8 46.99 -34.98 -16.22
CA THR C 8 46.67 -35.34 -14.84
C THR C 8 47.12 -34.20 -13.92
N LEU C 9 46.17 -33.55 -13.25
CA LEU C 9 46.48 -32.51 -12.28
C LEU C 9 47.03 -33.13 -10.99
N PHE C 10 47.52 -32.28 -10.12
CA PHE C 10 47.89 -32.72 -8.78
C PHE C 10 47.34 -31.71 -7.77
N CYS C 11 47.20 -32.12 -6.52
CA CYS C 11 46.59 -31.20 -5.56
C CYS C 11 47.60 -30.75 -4.52
N ALA C 12 47.48 -29.48 -4.17
CA ALA C 12 48.25 -28.86 -3.10
C ALA C 12 47.29 -28.44 -2.02
N SER C 13 47.64 -28.72 -0.77
CA SER C 13 46.75 -28.34 0.31
C SER C 13 47.61 -27.86 1.45
N ASP C 14 46.96 -27.38 2.50
CA ASP C 14 47.67 -26.81 3.62
C ASP C 14 47.39 -27.66 4.85
N ALA C 15 47.05 -28.92 4.62
CA ALA C 15 46.67 -29.78 5.74
C ALA C 15 47.88 -30.13 6.59
N LYS C 16 47.65 -30.52 7.85
CA LYS C 16 48.81 -30.93 8.63
C LYS C 16 48.63 -32.40 8.94
N ALA C 17 49.76 -33.08 9.11
CA ALA C 17 49.69 -34.50 9.33
C ALA C 17 49.41 -34.89 10.77
N TYR C 18 49.29 -33.94 11.69
CA TYR C 18 48.86 -34.24 13.06
C TYR C 18 47.37 -34.05 13.27
N GLU C 19 46.66 -33.48 12.31
CA GLU C 19 45.22 -33.44 12.46
C GLU C 19 44.68 -34.87 12.33
N LYS C 20 43.74 -35.23 13.20
CA LYS C 20 42.88 -36.41 13.01
C LYS C 20 41.76 -36.14 12.00
N GLU C 21 41.58 -34.90 11.59
CA GLU C 21 40.46 -34.58 10.72
C GLU C 21 40.71 -35.21 9.35
N VAL C 22 39.65 -35.78 8.77
CA VAL C 22 39.88 -36.70 7.69
C VAL C 22 40.24 -36.00 6.37
N HIS C 23 39.76 -34.79 6.12
CA HIS C 23 40.27 -34.10 4.93
C HIS C 23 41.78 -33.86 5.06
N ASN C 24 42.23 -33.47 6.26
CA ASN C 24 43.66 -33.31 6.50
C ASN C 24 44.42 -34.60 6.22
N VAL C 25 43.93 -35.72 6.77
CA VAL C 25 44.63 -36.98 6.56
C VAL C 25 44.72 -37.31 5.08
N TRP C 26 43.57 -37.34 4.40
CA TRP C 26 43.60 -37.63 2.98
C TRP C 26 44.57 -36.70 2.27
N ALA C 27 44.46 -35.40 2.53
CA ALA C 27 45.29 -34.45 1.79
C ALA C 27 46.78 -34.67 2.08
N THR C 28 47.12 -35.04 3.33
CA THR C 28 48.55 -35.19 3.59
C THR C 28 49.11 -36.41 2.90
N HIS C 29 48.29 -37.41 2.54
CA HIS C 29 48.96 -38.37 1.66
C HIS C 29 48.70 -38.17 0.18
N ALA C 30 47.72 -37.37 -0.21
CA ALA C 30 47.42 -37.25 -1.63
C ALA C 30 47.86 -35.94 -2.23
N CYS C 31 48.08 -34.90 -1.44
CA CYS C 31 48.45 -33.61 -1.97
C CYS C 31 49.85 -33.23 -1.50
N VAL C 32 50.44 -32.31 -2.25
CA VAL C 32 51.74 -31.72 -1.93
C VAL C 32 51.48 -30.40 -1.22
N PRO C 33 52.39 -29.92 -0.38
CA PRO C 33 52.20 -28.62 0.25
C PRO C 33 52.15 -27.50 -0.77
N THR C 34 51.64 -26.35 -0.33
CA THR C 34 51.28 -25.26 -1.21
C THR C 34 52.41 -24.24 -1.31
N ASP C 35 52.62 -23.71 -2.52
CA ASP C 35 53.61 -22.65 -2.72
C ASP C 35 53.25 -21.43 -1.88
N PRO C 36 54.06 -21.06 -0.89
CA PRO C 36 53.68 -19.95 0.00
C PRO C 36 53.47 -18.66 -0.76
N ASN C 37 54.21 -18.44 -1.83
CA ASN C 37 53.94 -17.36 -2.77
C ASN C 37 53.87 -17.88 -4.20
N PRO C 38 52.67 -18.13 -4.69
CA PRO C 38 52.50 -18.55 -6.08
C PRO C 38 52.78 -17.35 -6.98
N GLN C 39 52.60 -17.57 -8.27
CA GLN C 39 52.99 -16.56 -9.24
C GLN C 39 52.08 -16.60 -10.45
N GLU C 40 51.37 -15.49 -10.65
CA GLU C 40 50.41 -15.26 -11.70
C GLU C 40 51.10 -14.58 -12.87
N MET C 41 50.33 -14.28 -13.90
CA MET C 41 50.94 -13.96 -15.19
C MET C 41 49.82 -13.52 -16.13
N VAL C 42 49.65 -12.20 -16.24
CA VAL C 42 48.49 -11.56 -16.84
C VAL C 42 48.58 -11.75 -18.34
N LEU C 43 47.53 -11.36 -19.08
CA LEU C 43 47.60 -11.40 -20.54
C LEU C 43 46.32 -10.76 -21.10
N ALA C 44 46.05 -9.50 -20.72
CA ALA C 44 44.73 -8.85 -20.87
C ALA C 44 44.32 -8.56 -22.32
N ASN C 45 45.17 -8.82 -23.32
CA ASN C 45 44.71 -8.80 -24.72
C ASN C 45 44.31 -10.17 -25.25
N VAL C 46 44.72 -11.25 -24.57
CA VAL C 46 44.78 -12.58 -25.20
C VAL C 46 43.39 -13.05 -25.65
N THR C 47 42.44 -13.09 -24.72
CA THR C 47 41.11 -13.63 -25.05
C THR C 47 41.15 -15.10 -25.48
N GLU C 48 40.73 -16.01 -24.58
CA GLU C 48 40.54 -17.43 -24.92
C GLU C 48 39.17 -17.87 -24.40
N ASN C 49 38.60 -18.97 -24.97
CA ASN C 49 37.27 -19.38 -24.57
C ASN C 49 37.34 -20.44 -23.49
N PHE C 50 36.36 -20.44 -22.60
CA PHE C 50 36.25 -21.65 -21.81
C PHE C 50 34.85 -22.20 -21.89
N ASN C 51 34.67 -23.40 -21.34
CA ASN C 51 33.33 -23.98 -21.19
C ASN C 51 33.29 -24.72 -19.84
N MET C 52 32.81 -24.01 -18.82
CA MET C 52 32.69 -24.59 -17.49
C MET C 52 31.96 -25.92 -17.49
N TRP C 53 31.03 -26.14 -18.44
CA TRP C 53 30.23 -27.36 -18.44
C TRP C 53 30.93 -28.55 -19.06
N LYS C 54 32.07 -28.35 -19.69
CA LYS C 54 32.78 -29.47 -20.27
C LYS C 54 34.26 -29.36 -19.87
N ASN C 55 34.56 -29.37 -18.58
CA ASN C 55 35.88 -28.95 -18.10
C ASN C 55 36.44 -30.19 -17.41
N ASP C 56 37.60 -30.70 -17.90
CA ASP C 56 38.12 -31.95 -17.34
C ASP C 56 38.52 -31.84 -15.87
N MET C 57 38.97 -30.65 -15.45
CA MET C 57 39.31 -30.44 -14.05
C MET C 57 38.19 -30.89 -13.12
N VAL C 58 36.94 -30.62 -13.51
CA VAL C 58 35.81 -31.08 -12.72
C VAL C 58 35.82 -32.60 -12.55
N GLU C 59 35.97 -33.34 -13.65
CA GLU C 59 36.04 -34.79 -13.51
C GLU C 59 37.15 -35.20 -12.53
N GLN C 60 38.35 -34.61 -12.68
CA GLN C 60 39.46 -35.03 -11.84
C GLN C 60 39.18 -34.75 -10.37
N MET C 61 38.65 -33.56 -10.05
CA MET C 61 38.38 -33.29 -8.63
C MET C 61 37.25 -34.16 -8.12
N HIS C 62 36.26 -34.45 -8.96
CA HIS C 62 35.21 -35.39 -8.58
C HIS C 62 35.80 -36.73 -8.17
N GLU C 63 36.71 -37.26 -9.00
CA GLU C 63 37.45 -38.47 -8.63
C GLU C 63 38.06 -38.31 -7.25
N ASP C 64 38.75 -37.18 -7.02
CA ASP C 64 39.50 -37.08 -5.77
C ASP C 64 38.55 -37.07 -4.60
N ILE C 65 37.45 -36.32 -4.71
CA ILE C 65 36.54 -36.24 -3.59
C ILE C 65 35.90 -37.59 -3.33
N ILE C 66 35.58 -38.36 -4.38
CA ILE C 66 35.09 -39.72 -4.13
C ILE C 66 36.11 -40.50 -3.33
N SER C 67 37.39 -40.41 -3.74
CA SER C 67 38.45 -41.08 -3.01
C SER C 67 38.45 -40.68 -1.55
N LEU C 68 38.45 -39.36 -1.32
CA LEU C 68 38.47 -38.82 0.02
C LEU C 68 37.34 -39.39 0.87
N TRP C 69 36.12 -39.37 0.32
CA TRP C 69 34.99 -39.86 1.09
C TRP C 69 35.10 -41.36 1.32
N ASP C 70 35.64 -42.12 0.35
CA ASP C 70 35.76 -43.56 0.58
C ASP C 70 36.74 -43.85 1.69
N GLU C 71 37.80 -43.04 1.82
CA GLU C 71 38.79 -43.38 2.83
C GLU C 71 38.42 -42.81 4.18
N SER C 72 37.54 -41.80 4.22
CA SER C 72 37.23 -41.03 5.42
C SER C 72 35.88 -41.33 6.03
N LEU C 73 34.82 -41.35 5.23
CA LEU C 73 33.48 -41.59 5.74
C LEU C 73 33.00 -42.98 5.34
N LYS C 74 33.61 -44.01 5.85
CA LYS C 74 33.16 -45.36 5.49
C LYS C 74 31.78 -45.66 6.09
N PRO C 75 30.87 -46.21 5.29
CA PRO C 75 29.56 -46.61 5.82
C PRO C 75 29.66 -47.95 6.50
N CYS C 76 28.81 -48.14 7.50
CA CYS C 76 28.66 -49.48 8.04
C CYS C 76 28.23 -50.43 6.95
N VAL C 77 27.29 -50.03 6.13
CA VAL C 77 26.87 -50.90 5.03
C VAL C 77 26.81 -50.09 3.75
N LYS C 78 27.15 -50.73 2.66
CA LYS C 78 27.06 -50.10 1.35
C LYS C 78 26.32 -51.08 0.46
N LEU C 79 25.17 -50.67 -0.05
CA LEU C 79 24.40 -51.46 -0.98
C LEU C 79 24.58 -50.91 -2.38
N THR C 80 25.20 -51.68 -3.26
CA THR C 80 25.19 -51.33 -4.68
C THR C 80 25.00 -52.59 -5.51
N GLY C 81 24.25 -52.45 -6.59
CA GLY C 81 23.86 -53.65 -7.31
C GLY C 81 23.17 -54.60 -6.35
N GLY C 82 23.60 -55.87 -6.38
CA GLY C 82 23.05 -56.84 -5.46
C GLY C 82 23.86 -56.87 -4.18
N SER C 83 25.12 -56.44 -4.30
CA SER C 83 26.11 -56.59 -3.24
C SER C 83 25.82 -55.65 -2.07
N ALA C 84 26.18 -56.12 -0.87
CA ALA C 84 26.26 -55.31 0.33
C ALA C 84 27.66 -55.46 0.93
N ILE C 85 28.36 -54.35 1.16
CA ILE C 85 29.69 -54.37 1.78
C ILE C 85 29.53 -53.91 3.21
N THR C 86 30.12 -54.63 4.17
CA THR C 86 30.24 -54.16 5.54
C THR C 86 31.65 -53.75 5.91
N GLN C 87 31.76 -52.63 6.62
CA GLN C 87 33.04 -52.11 7.07
C GLN C 87 32.85 -51.49 8.44
N ALA C 88 33.95 -51.23 9.11
CA ALA C 88 33.91 -50.44 10.33
C ALA C 88 33.56 -49.01 9.95
N CYS C 89 32.59 -48.42 10.66
CA CYS C 89 32.12 -47.04 10.39
C CYS C 89 32.31 -46.17 11.65
N PRO C 90 33.58 -45.94 12.04
CA PRO C 90 33.82 -45.11 13.22
C PRO C 90 33.35 -43.70 12.95
N LYS C 91 32.85 -43.04 14.01
CA LYS C 91 32.63 -41.60 13.96
C LYS C 91 33.98 -40.87 13.88
N VAL C 92 34.04 -39.80 13.08
CA VAL C 92 35.33 -39.19 12.77
C VAL C 92 35.22 -37.67 12.83
N SER C 93 36.38 -37.04 12.80
CA SER C 93 36.47 -35.58 12.78
C SER C 93 36.44 -35.13 11.33
N PHE C 94 35.40 -34.38 10.97
CA PHE C 94 35.07 -34.11 9.57
C PHE C 94 34.78 -32.62 9.38
N ASP C 95 35.72 -31.91 8.78
CA ASP C 95 35.53 -30.50 8.47
C ASP C 95 36.35 -30.09 7.23
N PRO C 96 35.70 -29.89 6.08
CA PRO C 96 36.45 -29.79 4.81
C PRO C 96 37.49 -28.70 4.86
N ILE C 97 38.63 -28.95 4.20
CA ILE C 97 39.71 -27.97 4.08
C ILE C 97 39.81 -27.58 2.62
N PRO C 98 40.44 -26.46 2.28
CA PRO C 98 40.57 -26.10 0.86
C PRO C 98 41.64 -26.93 0.19
N LEU C 99 41.39 -27.25 -1.08
CA LEU C 99 42.27 -28.01 -1.95
C LEU C 99 42.56 -27.16 -3.17
N HIS C 100 43.81 -27.17 -3.62
CA HIS C 100 44.24 -26.47 -4.81
C HIS C 100 44.55 -27.48 -5.89
N TYR C 101 44.12 -27.21 -7.11
CA TYR C 101 44.47 -28.08 -8.23
C TYR C 101 45.52 -27.39 -9.06
N CYS C 102 46.56 -28.15 -9.41
CA CYS C 102 47.82 -27.63 -9.93
C CYS C 102 48.15 -28.33 -11.23
N ALA C 103 48.66 -27.55 -12.19
CA ALA C 103 49.10 -28.13 -13.47
C ALA C 103 50.52 -28.67 -13.30
N PRO C 104 50.78 -29.88 -13.80
CA PRO C 104 52.14 -30.45 -13.68
C PRO C 104 53.04 -29.79 -14.71
N ALA C 105 54.34 -30.14 -14.63
CA ALA C 105 55.37 -29.56 -15.51
C ALA C 105 54.97 -29.59 -16.99
N GLY C 106 55.13 -28.44 -17.66
CA GLY C 106 54.84 -28.32 -19.08
C GLY C 106 53.41 -27.94 -19.41
N PHE C 107 52.58 -27.79 -18.38
CA PHE C 107 51.19 -27.40 -18.45
C PHE C 107 50.96 -26.16 -17.61
N ALA C 108 49.96 -25.37 -18.00
CA ALA C 108 49.56 -24.23 -17.16
C ALA C 108 48.06 -24.27 -16.94
N ILE C 109 47.59 -23.39 -16.05
CA ILE C 109 46.17 -23.20 -15.84
C ILE C 109 45.84 -21.78 -16.24
N LEU C 110 45.03 -21.63 -17.27
CA LEU C 110 44.49 -20.32 -17.59
C LEU C 110 43.34 -20.02 -16.67
N LYS C 111 43.33 -18.80 -16.15
CA LYS C 111 42.32 -18.28 -15.24
C LYS C 111 41.65 -17.12 -15.94
N CYS C 112 40.34 -17.17 -16.07
CA CYS C 112 39.62 -16.04 -16.63
C CYS C 112 39.45 -14.96 -15.57
N ASN C 113 39.85 -13.73 -15.90
CA ASN C 113 39.80 -12.65 -14.92
C ASN C 113 38.58 -11.74 -15.06
N ASN C 114 37.74 -11.94 -16.08
CA ASN C 114 36.53 -11.14 -16.23
C ASN C 114 35.60 -11.40 -15.04
N LYS C 115 35.42 -10.41 -14.15
CA LYS C 115 34.58 -10.80 -13.02
C LYS C 115 33.08 -11.00 -13.32
N THR C 116 32.64 -10.92 -14.57
CA THR C 116 31.25 -11.20 -14.87
C THR C 116 31.14 -12.38 -15.81
N PHE C 117 32.28 -13.03 -16.13
CA PHE C 117 32.30 -14.17 -17.04
C PHE C 117 31.27 -15.22 -16.62
N ASN C 118 30.37 -15.56 -17.54
CA ASN C 118 29.33 -16.48 -17.12
C ASN C 118 29.77 -17.94 -17.17
N GLY C 119 30.97 -18.23 -17.65
CA GLY C 119 31.51 -19.57 -17.61
C GLY C 119 31.62 -20.26 -18.96
N THR C 120 30.95 -19.74 -19.99
CA THR C 120 31.12 -20.28 -21.33
C THR C 120 31.38 -19.13 -22.29
N GLY C 121 32.20 -19.41 -23.30
CA GLY C 121 32.44 -18.45 -24.35
C GLY C 121 33.78 -17.78 -24.16
N PRO C 122 34.02 -16.69 -24.90
CA PRO C 122 35.34 -16.06 -24.88
C PRO C 122 35.52 -15.17 -23.66
N CYS C 123 36.73 -15.17 -23.13
CA CYS C 123 37.11 -14.36 -21.97
C CYS C 123 38.28 -13.50 -22.38
N ARG C 124 38.13 -12.17 -22.17
CA ARG C 124 39.03 -11.10 -22.55
C ARG C 124 40.38 -11.11 -21.81
N ASN C 125 40.33 -10.93 -20.50
CA ASN C 125 41.48 -10.79 -19.61
C ASN C 125 41.78 -12.15 -18.97
N VAL C 126 42.97 -12.67 -19.20
CA VAL C 126 43.33 -14.05 -18.86
C VAL C 126 44.68 -14.06 -18.15
N SER C 127 44.85 -14.97 -17.21
CA SER C 127 46.14 -15.13 -16.56
C SER C 127 46.62 -16.56 -16.69
N THR C 128 47.90 -16.76 -16.40
CA THR C 128 48.45 -18.09 -16.22
C THR C 128 48.80 -18.29 -14.76
N VAL C 129 48.47 -19.48 -14.25
CA VAL C 129 48.70 -19.81 -12.86
C VAL C 129 49.16 -21.26 -12.77
N GLN C 130 49.86 -21.54 -11.69
CA GLN C 130 50.25 -22.89 -11.32
C GLN C 130 49.05 -23.67 -10.75
N CYS C 131 48.19 -23.00 -9.96
CA CYS C 131 47.12 -23.68 -9.26
C CYS C 131 45.88 -22.81 -9.15
N THR C 132 44.75 -23.48 -8.98
CA THR C 132 43.50 -22.82 -8.65
C THR C 132 43.56 -22.29 -7.22
N HIS C 133 42.62 -21.41 -6.88
CA HIS C 133 42.49 -21.06 -5.48
C HIS C 133 42.12 -22.29 -4.65
N GLY C 134 42.19 -22.13 -3.33
CA GLY C 134 41.75 -23.20 -2.44
C GLY C 134 40.25 -23.42 -2.59
N ILE C 135 39.84 -24.68 -2.73
CA ILE C 135 38.44 -25.02 -2.97
C ILE C 135 38.03 -26.01 -1.90
N LYS C 136 37.03 -25.63 -1.10
CA LYS C 136 36.54 -26.56 -0.09
C LYS C 136 35.60 -27.58 -0.75
N PRO C 137 35.93 -28.88 -0.76
CA PRO C 137 35.05 -29.84 -1.44
C PRO C 137 33.79 -30.11 -0.65
N VAL C 138 32.76 -29.26 -0.77
CA VAL C 138 31.61 -29.32 0.11
C VAL C 138 30.44 -29.98 -0.62
N VAL C 139 30.04 -31.17 -0.15
CA VAL C 139 28.95 -31.90 -0.77
C VAL C 139 27.64 -31.37 -0.20
N SER C 140 26.75 -30.90 -1.06
CA SER C 140 25.41 -30.52 -0.62
C SER C 140 24.49 -30.45 -1.84
N THR C 141 23.21 -30.24 -1.56
CA THR C 141 22.20 -30.01 -2.60
C THR C 141 21.52 -28.66 -2.37
N GLN C 142 20.82 -28.17 -3.39
CA GLN C 142 20.01 -26.95 -3.32
C GLN C 142 20.86 -25.72 -3.05
N LEU C 143 21.51 -25.66 -1.89
CA LEU C 143 22.37 -24.54 -1.54
C LEU C 143 23.82 -24.96 -1.65
N LEU C 144 24.65 -24.11 -2.30
CA LEU C 144 26.09 -24.28 -2.29
C LEU C 144 26.70 -23.50 -1.12
N LEU C 145 27.53 -24.16 -0.32
CA LEU C 145 27.99 -23.63 0.96
C LEU C 145 29.49 -23.39 0.95
N ASN C 146 29.92 -22.30 1.58
CA ASN C 146 31.32 -22.05 1.85
C ASN C 146 32.12 -21.91 0.55
N GLY C 147 31.51 -21.42 -0.52
CA GLY C 147 32.22 -21.20 -1.75
C GLY C 147 32.86 -19.83 -1.82
N SER C 148 33.08 -19.35 -3.03
CA SER C 148 33.72 -18.08 -3.33
C SER C 148 32.68 -17.15 -3.93
N LEU C 149 32.43 -16.01 -3.30
CA LEU C 149 31.41 -15.13 -3.86
C LEU C 149 31.87 -14.53 -5.19
N ALA C 150 30.90 -14.26 -6.08
CA ALA C 150 31.19 -13.44 -7.26
C ALA C 150 31.59 -12.05 -6.80
N GLU C 151 32.38 -11.34 -7.62
CA GLU C 151 32.96 -10.13 -7.06
C GLU C 151 32.15 -8.87 -7.40
N GLU C 152 31.63 -8.84 -8.63
CA GLU C 152 30.69 -7.83 -9.08
C GLU C 152 29.27 -8.20 -8.68
N GLU C 153 28.51 -8.79 -9.58
CA GLU C 153 27.08 -8.98 -9.36
C GLU C 153 26.71 -10.47 -9.45
N ILE C 154 25.59 -10.83 -8.81
CA ILE C 154 25.08 -12.19 -8.91
C ILE C 154 25.18 -12.65 -10.36
N ILE C 155 25.59 -13.91 -10.59
CA ILE C 155 25.86 -14.43 -11.94
C ILE C 155 25.07 -15.71 -12.22
N ILE C 156 24.32 -15.75 -13.32
CA ILE C 156 23.57 -16.94 -13.69
C ILE C 156 24.41 -17.78 -14.65
N ARG C 157 24.64 -19.05 -14.29
CA ARG C 157 25.40 -19.97 -15.13
C ARG C 157 24.53 -21.15 -15.55
N SER C 158 24.63 -21.52 -16.83
CA SER C 158 23.94 -22.70 -17.29
C SER C 158 24.55 -23.16 -18.59
N GLU C 159 24.63 -24.49 -18.77
CA GLU C 159 25.08 -25.07 -20.03
C GLU C 159 24.23 -24.55 -21.19
N ASN C 160 22.93 -24.33 -20.94
CA ASN C 160 21.96 -23.91 -21.94
C ASN C 160 20.65 -23.57 -21.24
N LEU C 161 20.49 -22.29 -20.92
CA LEU C 161 19.35 -21.78 -20.17
C LEU C 161 18.03 -22.01 -20.88
N THR C 162 18.02 -22.28 -22.16
CA THR C 162 16.74 -22.61 -22.81
C THR C 162 16.31 -24.04 -22.49
N ASN C 163 17.26 -24.92 -22.27
CA ASN C 163 16.99 -26.33 -22.00
C ASN C 163 16.64 -26.48 -20.53
N ASN C 164 15.36 -26.58 -20.20
CA ASN C 164 15.02 -26.50 -18.80
C ASN C 164 15.55 -27.70 -18.00
N ALA C 165 15.91 -28.80 -18.67
CA ALA C 165 16.55 -29.92 -17.99
C ALA C 165 17.98 -29.63 -17.51
N LYS C 166 18.59 -28.50 -17.88
CA LYS C 166 19.97 -28.22 -17.50
C LYS C 166 19.99 -27.48 -16.17
N THR C 167 20.76 -27.97 -15.21
CA THR C 167 20.91 -27.29 -13.92
C THR C 167 21.34 -25.83 -14.13
N ILE C 168 20.82 -24.94 -13.28
CA ILE C 168 21.27 -23.53 -13.25
C ILE C 168 22.07 -23.31 -11.98
N ILE C 169 23.22 -22.65 -12.10
CA ILE C 169 24.02 -22.30 -10.92
C ILE C 169 23.93 -20.81 -10.73
N VAL C 170 23.34 -20.39 -9.63
CA VAL C 170 23.31 -18.98 -9.26
C VAL C 170 24.53 -18.73 -8.39
N HIS C 171 25.37 -17.77 -8.78
CA HIS C 171 26.59 -17.41 -8.06
C HIS C 171 26.35 -16.09 -7.32
N LEU C 172 26.05 -16.17 -6.02
CA LEU C 172 25.78 -14.97 -5.25
C LEU C 172 27.04 -14.11 -5.09
N ASN C 173 26.81 -12.80 -4.92
CA ASN C 173 27.89 -11.90 -4.53
C ASN C 173 27.86 -11.54 -3.05
N GLU C 174 26.99 -12.16 -2.25
CA GLU C 174 26.99 -11.77 -0.85
C GLU C 174 26.52 -12.96 -0.02
N SER C 175 27.34 -13.41 0.93
CA SER C 175 26.96 -14.56 1.72
C SER C 175 25.60 -14.36 2.39
N VAL C 176 24.86 -15.44 2.53
CA VAL C 176 23.72 -15.51 3.43
C VAL C 176 24.01 -16.58 4.48
N ASN C 177 24.11 -16.18 5.74
CA ASN C 177 24.37 -17.12 6.81
C ASN C 177 23.30 -18.20 6.87
N ILE C 178 23.71 -19.44 7.13
CA ILE C 178 22.76 -20.47 7.53
C ILE C 178 23.38 -21.21 8.69
N VAL C 179 22.62 -21.37 9.78
CA VAL C 179 23.12 -22.02 10.99
C VAL C 179 22.28 -23.25 11.26
N CYS C 180 22.91 -24.41 11.30
CA CYS C 180 22.19 -25.66 11.46
C CYS C 180 22.68 -26.33 12.70
N THR C 181 21.72 -26.84 13.48
CA THR C 181 22.08 -27.37 14.78
C THR C 181 21.13 -28.50 15.14
N ARG C 182 21.73 -29.56 15.68
CA ARG C 182 21.06 -30.56 16.48
C ARG C 182 21.46 -30.28 17.90
N PRO C 183 20.55 -29.89 18.76
CA PRO C 183 20.90 -29.37 20.08
C PRO C 183 21.20 -30.52 21.05
N ASN C 184 21.48 -30.14 22.29
CA ASN C 184 21.74 -31.04 23.41
C ASN C 184 20.63 -30.98 24.43
N ASN C 193 13.87 -36.59 20.41
CA ASN C 193 14.45 -37.18 19.20
C ASN C 193 15.85 -36.68 18.82
N ILE C 194 16.82 -37.60 18.94
CA ILE C 194 18.22 -37.26 18.72
C ILE C 194 18.52 -36.93 17.26
N ARG C 195 17.61 -37.30 16.35
CA ARG C 195 17.68 -37.10 14.91
C ARG C 195 16.98 -35.82 14.42
N GLN C 196 16.41 -35.00 15.34
CA GLN C 196 15.81 -33.71 15.00
C GLN C 196 16.82 -32.58 15.06
N ALA C 197 16.75 -31.66 14.11
CA ALA C 197 17.59 -30.47 14.10
C ALA C 197 16.88 -29.37 13.30
N HIS C 198 17.52 -28.21 13.24
CA HIS C 198 16.88 -27.08 12.58
C HIS C 198 17.94 -26.11 12.12
N CYS C 199 17.60 -25.35 11.08
CA CYS C 199 18.46 -24.33 10.53
C CYS C 199 17.79 -22.96 10.61
N ASN C 200 18.57 -21.93 10.88
CA ASN C 200 18.09 -20.57 10.92
C ASN C 200 18.78 -19.75 9.85
N ILE C 201 17.97 -19.08 9.03
CA ILE C 201 18.40 -18.02 8.12
C ILE C 201 17.67 -16.72 8.46
N ASN C 202 18.42 -15.62 8.43
CA ASN C 202 17.86 -14.29 8.66
C ASN C 202 16.95 -13.94 7.47
N GLU C 203 15.63 -13.82 7.71
CA GLU C 203 14.70 -13.62 6.59
C GLU C 203 15.03 -12.39 5.77
N SER C 204 15.52 -11.31 6.39
CA SER C 204 15.78 -10.09 5.61
C SER C 204 16.82 -10.33 4.56
N LYS C 205 17.90 -11.01 4.94
CA LYS C 205 18.92 -11.20 3.93
C LYS C 205 18.52 -12.25 2.91
N TRP C 206 17.75 -13.26 3.29
CA TRP C 206 17.18 -14.10 2.25
C TRP C 206 16.30 -13.29 1.30
N ASN C 207 15.38 -12.48 1.85
CA ASN C 207 14.50 -11.55 1.17
C ASN C 207 15.27 -10.86 0.04
N ASN C 208 16.31 -10.18 0.50
CA ASN C 208 17.15 -9.37 -0.35
C ASN C 208 17.77 -10.20 -1.45
N THR C 209 18.37 -11.34 -1.07
CA THR C 209 19.11 -12.15 -2.01
C THR C 209 18.20 -12.65 -3.09
N LEU C 210 17.04 -13.16 -2.71
CA LEU C 210 16.17 -13.65 -3.75
C LEU C 210 15.64 -12.52 -4.61
N GLN C 211 15.54 -11.30 -4.07
CA GLN C 211 15.07 -10.23 -4.94
C GLN C 211 16.10 -9.95 -6.02
N LYS C 212 17.37 -9.81 -5.63
CA LYS C 212 18.42 -9.57 -6.61
C LYS C 212 18.55 -10.74 -7.59
N VAL C 213 18.34 -11.96 -7.10
CA VAL C 213 18.40 -13.11 -8.00
C VAL C 213 17.26 -13.03 -9.01
N GLY C 214 16.05 -12.71 -8.54
CA GLY C 214 14.94 -12.56 -9.46
C GLY C 214 15.19 -11.48 -10.50
N GLU C 215 15.81 -10.37 -10.09
CA GLU C 215 16.31 -9.40 -11.06
C GLU C 215 17.10 -10.07 -12.19
N GLU C 216 18.20 -10.75 -11.83
CA GLU C 216 19.04 -11.36 -12.86
C GLU C 216 18.27 -12.38 -13.72
N LEU C 217 17.55 -13.28 -13.06
CA LEU C 217 16.76 -14.25 -13.80
C LEU C 217 15.81 -13.53 -14.77
N ALA C 218 15.33 -12.35 -14.38
CA ALA C 218 14.39 -11.62 -15.23
C ALA C 218 15.08 -11.11 -16.48
N LYS C 219 16.30 -10.57 -16.32
CA LYS C 219 17.11 -10.25 -17.49
C LYS C 219 17.08 -11.45 -18.43
N HIS C 220 17.21 -12.69 -17.91
CA HIS C 220 17.26 -13.79 -18.88
C HIS C 220 15.88 -14.26 -19.37
N PHE C 221 14.82 -14.08 -18.58
CA PHE C 221 13.46 -14.38 -19.03
C PHE C 221 12.60 -13.13 -18.80
N PRO C 222 12.32 -12.37 -19.85
CA PRO C 222 12.01 -10.95 -19.63
C PRO C 222 10.53 -10.61 -19.50
N SER C 223 9.64 -11.35 -20.19
CA SER C 223 8.25 -10.90 -20.10
C SER C 223 7.54 -11.43 -18.85
N LYS C 224 8.19 -12.27 -18.06
CA LYS C 224 7.51 -13.27 -17.23
C LYS C 224 7.74 -12.96 -15.76
N THR C 225 6.76 -13.30 -14.92
CA THR C 225 6.98 -13.27 -13.48
C THR C 225 7.81 -14.49 -13.08
N ILE C 226 8.52 -14.37 -11.96
CA ILE C 226 9.58 -15.31 -11.59
C ILE C 226 9.22 -15.88 -10.23
N LYS C 227 8.87 -17.16 -10.19
CA LYS C 227 8.39 -17.79 -8.95
C LYS C 227 9.44 -18.75 -8.42
N PHE C 228 9.76 -18.62 -7.14
CA PHE C 228 10.55 -19.59 -6.40
C PHE C 228 9.60 -20.51 -5.62
N GLU C 229 9.72 -21.78 -5.88
CA GLU C 229 8.93 -22.84 -5.21
C GLU C 229 9.83 -24.00 -4.76
N PRO C 230 9.35 -24.77 -3.82
CA PRO C 230 10.19 -25.86 -3.26
C PRO C 230 10.25 -27.03 -4.22
N SER C 231 11.31 -27.81 -4.07
CA SER C 231 11.56 -28.91 -4.99
C SER C 231 10.37 -29.84 -5.07
N SER C 232 9.92 -30.10 -6.30
CA SER C 232 8.81 -31.02 -6.54
C SER C 232 9.07 -32.41 -5.94
N GLY C 233 9.84 -33.27 -6.62
CA GLY C 233 10.00 -34.63 -6.12
C GLY C 233 11.38 -35.22 -6.40
N GLY C 234 11.58 -36.42 -5.84
CA GLY C 234 12.85 -37.11 -5.92
C GLY C 234 13.23 -37.69 -4.57
N ASP C 235 14.42 -38.26 -4.50
CA ASP C 235 14.92 -38.71 -3.21
C ASP C 235 15.04 -37.54 -2.24
N LEU C 236 14.93 -37.85 -0.95
CA LEU C 236 15.10 -36.82 0.05
C LEU C 236 16.37 -36.01 -0.14
N GLU C 237 17.44 -36.64 -0.63
CA GLU C 237 18.69 -35.92 -0.75
C GLU C 237 18.55 -34.70 -1.66
N ILE C 238 17.65 -34.73 -2.67
CA ILE C 238 17.51 -33.57 -3.56
C ILE C 238 16.23 -32.77 -3.32
N THR C 239 15.23 -33.35 -2.65
CA THR C 239 14.05 -32.56 -2.35
C THR C 239 14.21 -31.79 -1.07
N THR C 240 15.27 -32.01 -0.34
CA THR C 240 15.63 -31.16 0.79
C THR C 240 17.04 -30.66 0.55
N HIS C 241 17.43 -29.68 1.35
CA HIS C 241 18.81 -29.22 1.37
C HIS C 241 19.58 -30.18 2.25
N SER C 242 20.32 -31.10 1.63
CA SER C 242 21.05 -32.12 2.35
C SER C 242 22.53 -31.81 2.31
N PHE C 243 23.24 -32.17 3.38
CA PHE C 243 24.67 -31.88 3.46
C PHE C 243 25.24 -32.62 4.65
N ASN C 244 26.58 -32.75 4.70
CA ASN C 244 27.22 -33.40 5.83
C ASN C 244 27.82 -32.36 6.78
N CYS C 245 27.43 -32.44 8.04
CA CYS C 245 27.89 -31.51 9.06
C CYS C 245 28.59 -32.34 10.13
N ARG C 246 29.90 -32.20 10.28
CA ARG C 246 30.53 -32.80 11.44
C ARG C 246 30.30 -34.33 11.44
N GLY C 247 30.34 -34.92 10.23
CA GLY C 247 30.12 -36.34 10.04
C GLY C 247 28.68 -36.78 9.85
N GLU C 248 27.70 -36.03 10.34
CA GLU C 248 26.31 -36.48 10.26
C GLU C 248 25.61 -35.88 9.04
N PHE C 249 24.65 -36.64 8.51
CA PHE C 249 23.98 -36.28 7.26
C PHE C 249 22.68 -35.56 7.60
N PHE C 250 22.68 -34.23 7.43
CA PHE C 250 21.50 -33.40 7.66
C PHE C 250 20.65 -33.33 6.41
N TYR C 251 19.34 -33.40 6.62
CA TYR C 251 18.35 -33.22 5.56
C TYR C 251 17.41 -32.12 6.05
N CYS C 252 17.42 -30.96 5.37
CA CYS C 252 16.71 -29.78 5.87
C CYS C 252 15.63 -29.37 4.89
N ASN C 253 14.42 -29.16 5.39
CA ASN C 253 13.29 -28.81 4.56
C ASN C 253 13.45 -27.37 4.06
N THR C 254 13.29 -27.15 2.77
CA THR C 254 13.49 -25.79 2.26
C THR C 254 12.21 -25.15 1.75
N SER C 255 11.04 -25.75 2.02
CA SER C 255 9.82 -25.17 1.50
C SER C 255 9.51 -23.80 2.08
N ASP C 256 9.98 -23.48 3.26
CA ASP C 256 9.77 -22.06 3.52
C ASP C 256 10.92 -21.20 3.00
N LEU C 257 11.85 -21.77 2.25
CA LEU C 257 12.92 -20.98 1.68
C LEU C 257 12.71 -20.71 0.20
N PHE C 258 12.46 -21.74 -0.60
CA PHE C 258 12.20 -21.55 -2.02
C PHE C 258 10.69 -21.42 -2.19
N ASN C 259 10.23 -20.20 -1.93
CA ASN C 259 8.81 -19.89 -1.74
C ASN C 259 8.59 -18.39 -1.77
N GLY C 260 8.31 -17.85 -2.95
CA GLY C 260 8.20 -16.41 -3.10
C GLY C 260 8.02 -16.08 -4.53
N THR C 261 7.50 -14.87 -4.81
CA THR C 261 7.30 -14.39 -6.16
C THR C 261 7.98 -13.05 -6.38
N TYR C 262 8.56 -12.89 -7.57
CA TYR C 262 9.15 -11.63 -8.02
C TYR C 262 8.45 -11.24 -9.31
N ARG C 263 7.59 -10.21 -9.23
CA ARG C 263 6.66 -9.84 -10.29
C ARG C 263 6.92 -8.44 -10.85
N ASN C 264 6.87 -7.40 -10.04
CA ASN C 264 7.00 -6.11 -10.72
C ASN C 264 8.31 -5.47 -10.32
N GLY C 265 9.43 -6.06 -10.74
CA GLY C 265 10.70 -5.64 -10.18
C GLY C 265 10.69 -5.66 -8.65
N THR C 266 9.76 -6.41 -8.03
CA THR C 266 9.73 -6.58 -6.59
C THR C 266 9.71 -8.05 -6.20
N TYR C 267 10.43 -8.40 -5.14
CA TYR C 267 10.32 -9.73 -4.55
C TYR C 267 9.41 -9.70 -3.32
N ASN C 268 8.44 -10.63 -3.30
CA ASN C 268 7.56 -10.95 -2.18
C ASN C 268 7.93 -12.34 -1.69
N HIS C 269 8.28 -12.48 -0.40
CA HIS C 269 8.53 -13.80 0.14
C HIS C 269 7.26 -14.44 0.66
N THR C 270 7.01 -15.68 0.26
CA THR C 270 5.77 -16.38 0.56
C THR C 270 5.90 -17.44 1.65
N GLY C 271 7.11 -17.97 1.88
CA GLY C 271 7.25 -19.02 2.86
C GLY C 271 7.11 -18.48 4.28
N ARG C 272 6.64 -19.33 5.19
CA ARG C 272 6.41 -18.84 6.54
C ARG C 272 7.73 -18.49 7.22
N SER C 273 7.80 -17.31 7.83
CA SER C 273 8.92 -16.94 8.67
C SER C 273 8.40 -16.70 10.09
N SER C 274 9.27 -16.15 10.96
CA SER C 274 8.88 -15.93 12.35
C SER C 274 9.93 -15.21 13.16
N ASN C 275 9.55 -14.16 13.89
CA ASN C 275 10.51 -13.29 14.59
C ASN C 275 11.66 -12.87 13.65
N GLY C 276 11.38 -12.87 12.34
CA GLY C 276 12.35 -12.41 11.35
C GLY C 276 13.41 -13.41 10.91
N THR C 277 13.19 -14.72 11.11
CA THR C 277 14.11 -15.75 10.65
C THR C 277 13.30 -16.91 10.10
N ILE C 278 13.75 -17.44 8.95
CA ILE C 278 13.23 -18.69 8.42
C ILE C 278 13.92 -19.81 9.17
N THR C 279 13.16 -20.84 9.52
CA THR C 279 13.71 -21.97 10.27
C THR C 279 13.34 -23.26 9.56
N LEU C 280 14.36 -23.94 9.05
CA LEU C 280 14.22 -25.22 8.40
C LEU C 280 14.18 -26.33 9.43
N GLN C 281 13.18 -27.21 9.31
CA GLN C 281 13.17 -28.45 10.08
C GLN C 281 14.10 -29.47 9.39
N CYS C 282 15.00 -30.10 10.17
CA CYS C 282 15.95 -31.06 9.64
C CYS C 282 15.85 -32.40 10.38
N LYS C 283 16.13 -33.47 9.64
CA LYS C 283 16.35 -34.81 10.16
C LYS C 283 17.82 -35.18 9.96
N ILE C 284 18.42 -35.85 10.94
CA ILE C 284 19.71 -36.50 10.72
C ILE C 284 19.43 -37.92 10.33
N LYS C 285 20.13 -38.43 9.31
CA LYS C 285 19.69 -39.70 8.76
C LYS C 285 20.82 -40.71 8.71
N GLN C 286 20.45 -41.99 8.76
CA GLN C 286 21.43 -43.07 8.71
C GLN C 286 21.50 -43.70 7.33
N ILE C 287 20.39 -43.74 6.59
CA ILE C 287 20.35 -44.37 5.28
C ILE C 287 20.44 -43.31 4.20
N ILE C 288 21.49 -43.34 3.40
CA ILE C 288 21.83 -42.27 2.49
C ILE C 288 21.80 -42.79 1.07
N ASN C 289 21.14 -42.08 0.16
CA ASN C 289 21.38 -42.30 -1.25
C ASN C 289 22.68 -41.62 -1.64
N MET C 290 23.58 -42.39 -2.24
CA MET C 290 24.95 -41.95 -2.44
C MET C 290 25.04 -40.96 -3.59
N TRP C 291 25.87 -39.92 -3.40
CA TRP C 291 26.16 -39.03 -4.52
C TRP C 291 27.23 -39.62 -5.42
N GLN C 292 28.10 -40.48 -4.86
CA GLN C 292 29.23 -40.99 -5.63
C GLN C 292 28.80 -41.90 -6.77
N GLU C 293 27.76 -42.70 -6.55
CA GLU C 293 27.29 -43.68 -7.52
C GLU C 293 25.86 -44.02 -7.12
N VAL C 294 25.23 -44.88 -7.92
CA VAL C 294 23.85 -45.28 -7.63
C VAL C 294 23.92 -46.39 -6.59
N GLY C 295 23.49 -46.08 -5.38
CA GLY C 295 23.65 -47.04 -4.30
C GLY C 295 23.22 -46.41 -3.01
N ARG C 296 23.07 -47.24 -2.00
CA ARG C 296 22.66 -46.79 -0.67
C ARG C 296 23.76 -47.04 0.33
N ALA C 297 23.80 -46.23 1.38
CA ALA C 297 24.88 -46.30 2.36
C ALA C 297 24.33 -46.12 3.76
N ILE C 298 24.64 -47.01 4.68
CA ILE C 298 24.08 -46.96 6.03
C ILE C 298 25.18 -46.61 7.01
N TYR C 299 24.88 -45.66 7.89
CA TYR C 299 25.80 -45.10 8.88
C TYR C 299 25.25 -45.29 10.29
N ALA C 300 26.13 -45.08 11.26
CA ALA C 300 25.72 -45.30 12.64
C ALA C 300 24.93 -44.10 13.15
N PRO C 301 24.21 -44.27 14.26
CA PRO C 301 23.36 -43.18 14.77
C PRO C 301 24.22 -42.00 15.22
N PRO C 302 23.62 -40.85 15.40
CA PRO C 302 24.42 -39.63 15.53
C PRO C 302 25.23 -39.62 16.81
N ILE C 303 26.41 -38.97 16.73
CA ILE C 303 27.18 -38.66 17.93
C ILE C 303 26.33 -37.91 18.93
N GLU C 304 26.95 -37.49 20.04
CA GLU C 304 26.16 -36.92 21.13
C GLU C 304 26.56 -35.47 21.37
N GLY C 305 25.64 -34.73 21.95
CA GLY C 305 25.88 -33.33 22.18
C GLY C 305 25.40 -32.48 21.03
N GLU C 306 25.85 -31.23 21.06
CA GLU C 306 25.41 -30.23 20.09
C GLU C 306 26.20 -30.39 18.80
N ILE C 307 25.50 -30.70 17.72
CA ILE C 307 26.09 -30.78 16.39
C ILE C 307 25.70 -29.49 15.69
N THR C 308 26.66 -28.61 15.44
CA THR C 308 26.31 -27.34 14.82
C THR C 308 27.29 -26.96 13.72
N CYS C 309 26.73 -26.55 12.59
CA CYS C 309 27.51 -26.01 11.48
C CYS C 309 27.01 -24.61 11.19
N ASN C 310 27.94 -23.67 11.13
CA ASN C 310 27.65 -22.29 10.81
C ASN C 310 28.27 -22.01 9.44
N SER C 311 27.42 -21.95 8.40
CA SER C 311 27.93 -21.98 7.04
C SER C 311 27.49 -20.72 6.30
N ASN C 312 28.17 -20.43 5.19
CA ASN C 312 27.82 -19.33 4.28
C ASN C 312 27.13 -19.91 3.04
N ILE C 313 25.83 -19.64 2.86
CA ILE C 313 25.25 -19.89 1.55
C ILE C 313 25.87 -18.93 0.56
N THR C 314 26.61 -19.45 -0.43
CA THR C 314 27.27 -18.63 -1.43
C THR C 314 26.81 -18.92 -2.86
N GLY C 315 25.81 -19.78 -3.05
CA GLY C 315 25.24 -19.95 -4.38
C GLY C 315 24.04 -20.87 -4.29
N LEU C 316 23.31 -20.97 -5.41
CA LEU C 316 22.13 -21.81 -5.47
C LEU C 316 22.22 -22.76 -6.65
N LEU C 317 21.51 -23.89 -6.54
CA LEU C 317 21.33 -24.84 -7.63
C LEU C 317 19.84 -24.87 -7.96
N LEU C 318 19.46 -24.41 -9.15
CA LEU C 318 18.06 -24.27 -9.51
C LEU C 318 17.73 -25.09 -10.75
N LEU C 319 16.45 -25.43 -10.86
CA LEU C 319 15.88 -26.07 -12.04
C LEU C 319 14.59 -25.35 -12.38
N ARG C 320 14.47 -24.94 -13.65
CA ARG C 320 13.28 -24.28 -14.16
C ARG C 320 12.28 -25.32 -14.68
N ASP C 321 11.00 -25.14 -14.35
CA ASP C 321 9.95 -25.99 -14.95
C ASP C 321 9.90 -25.77 -16.47
N ASP C 330 3.71 -14.42 -19.09
CA ASP C 330 3.45 -15.70 -18.41
C ASP C 330 4.47 -15.91 -17.27
N THR C 331 4.58 -17.12 -16.70
CA THR C 331 5.45 -17.34 -15.55
C THR C 331 6.55 -18.36 -15.82
N GLU C 332 7.73 -18.10 -15.25
CA GLU C 332 8.80 -19.07 -15.10
C GLU C 332 8.97 -19.39 -13.62
N THR C 333 9.12 -20.68 -13.31
CA THR C 333 9.22 -21.16 -11.93
C THR C 333 10.53 -21.91 -11.73
N PHE C 334 11.23 -21.57 -10.65
CA PHE C 334 12.51 -22.18 -10.30
C PHE C 334 12.38 -22.93 -8.98
N ARG C 335 12.78 -24.20 -8.97
CA ARG C 335 12.85 -24.95 -7.73
C ARG C 335 14.28 -25.35 -7.43
N PRO C 336 14.60 -25.63 -6.17
CA PRO C 336 15.94 -26.08 -5.83
C PRO C 336 16.25 -27.41 -6.49
N GLY C 337 17.49 -27.54 -6.97
CA GLY C 337 17.97 -28.76 -7.58
C GLY C 337 19.23 -29.31 -6.93
N GLY C 338 19.97 -30.14 -7.65
CA GLY C 338 21.17 -30.73 -7.14
C GLY C 338 21.19 -32.24 -7.30
N GLY C 339 22.26 -32.86 -6.88
CA GLY C 339 22.34 -34.31 -6.91
C GLY C 339 23.59 -34.78 -7.62
N ASP C 340 24.09 -33.98 -8.56
CA ASP C 340 25.28 -34.28 -9.34
C ASP C 340 26.39 -33.42 -8.76
N MET C 341 27.21 -34.00 -7.87
CA MET C 341 28.17 -33.16 -7.16
C MET C 341 29.17 -32.48 -8.08
N ARG C 342 29.29 -32.93 -9.34
CA ARG C 342 30.18 -32.21 -10.25
C ARG C 342 29.79 -30.74 -10.36
N ASP C 343 28.49 -30.45 -10.34
CA ASP C 343 28.06 -29.06 -10.41
C ASP C 343 28.66 -28.25 -9.28
N ASN C 344 28.73 -28.83 -8.08
CA ASN C 344 29.38 -28.10 -6.99
C ASN C 344 30.81 -27.74 -7.36
N TRP C 345 31.59 -28.74 -7.79
CA TRP C 345 32.94 -28.43 -8.23
C TRP C 345 32.93 -27.41 -9.37
N ARG C 346 32.02 -27.56 -10.35
CA ARG C 346 31.95 -26.59 -11.44
C ARG C 346 31.86 -25.16 -10.90
N SER C 347 31.02 -24.97 -9.88
CA SER C 347 30.74 -23.63 -9.43
C SER C 347 32.03 -22.92 -9.01
N GLU C 348 33.04 -23.67 -8.54
CA GLU C 348 34.33 -23.08 -8.23
C GLU C 348 35.34 -23.17 -9.38
N LEU C 349 35.24 -24.18 -10.25
CA LEU C 349 36.28 -24.39 -11.24
C LEU C 349 36.01 -23.66 -12.54
N TYR C 350 34.92 -22.89 -12.63
CA TYR C 350 34.42 -22.46 -13.94
C TYR C 350 35.44 -21.58 -14.66
N LYS C 351 36.16 -20.76 -13.92
CA LYS C 351 37.09 -19.79 -14.49
C LYS C 351 38.45 -20.38 -14.83
N TYR C 352 38.62 -21.71 -14.89
CA TYR C 352 39.93 -22.27 -15.12
C TYR C 352 39.88 -23.30 -16.24
N LYS C 353 40.93 -23.34 -17.07
CA LYS C 353 41.15 -24.51 -17.92
C LYS C 353 42.63 -24.85 -17.93
N VAL C 354 42.95 -26.06 -18.35
CA VAL C 354 44.34 -26.53 -18.38
C VAL C 354 44.84 -26.45 -19.81
N VAL C 355 46.02 -25.87 -20.00
CA VAL C 355 46.48 -25.69 -21.37
C VAL C 355 47.90 -26.27 -21.52
N GLU C 356 48.15 -26.78 -22.74
CA GLU C 356 49.48 -26.97 -23.37
C GLU C 356 50.09 -28.35 -23.14
N LYS D 6 -6.15 23.23 -46.59
CA LYS D 6 -6.56 23.80 -47.87
C LYS D 6 -7.85 24.66 -47.74
N THR D 7 -8.97 24.08 -47.30
CA THR D 7 -10.25 24.80 -47.30
C THR D 7 -11.21 24.17 -46.28
N THR D 8 -12.45 24.67 -46.27
CA THR D 8 -13.51 24.18 -45.40
C THR D 8 -14.43 23.25 -46.19
N LEU D 9 -14.46 21.97 -45.83
CA LEU D 9 -15.36 21.01 -46.46
C LEU D 9 -16.80 21.24 -46.00
N PHE D 10 -17.73 20.55 -46.63
CA PHE D 10 -19.11 20.54 -46.15
C PHE D 10 -19.60 19.10 -46.19
N CYS D 11 -20.65 18.79 -45.44
CA CYS D 11 -21.08 17.40 -45.39
C CYS D 11 -22.45 17.24 -46.03
N ALA D 12 -22.58 16.12 -46.74
CA ALA D 12 -23.82 15.69 -47.34
C ALA D 12 -24.24 14.40 -46.67
N SER D 13 -25.51 14.29 -46.33
CA SER D 13 -25.96 13.06 -45.69
C SER D 13 -27.33 12.75 -46.23
N ASP D 14 -27.86 11.61 -45.82
CA ASP D 14 -29.13 11.15 -46.34
C ASP D 14 -30.13 11.09 -45.19
N ALA D 15 -29.88 11.89 -44.15
CA ALA D 15 -30.71 11.83 -42.96
C ALA D 15 -32.09 12.43 -43.25
N LYS D 16 -33.09 12.05 -42.45
CA LYS D 16 -34.38 12.69 -42.67
C LYS D 16 -34.70 13.49 -41.43
N ALA D 17 -35.46 14.57 -41.64
CA ALA D 17 -35.74 15.46 -40.53
C ALA D 17 -36.88 14.98 -39.64
N TYR D 18 -37.52 13.85 -39.94
CA TYR D 18 -38.51 13.26 -39.04
C TYR D 18 -37.93 12.19 -38.14
N GLU D 19 -36.70 11.76 -38.37
CA GLU D 19 -36.09 10.85 -37.41
C GLU D 19 -35.84 11.62 -36.12
N LYS D 20 -36.14 10.97 -34.98
CA LYS D 20 -35.65 11.40 -33.66
C LYS D 20 -34.21 10.98 -33.44
N GLU D 21 -33.65 10.17 -34.31
CA GLU D 21 -32.31 9.65 -34.07
C GLU D 21 -31.31 10.80 -34.21
N VAL D 22 -30.33 10.83 -33.31
CA VAL D 22 -29.60 12.07 -33.14
C VAL D 22 -28.58 12.31 -34.26
N HIS D 23 -28.01 11.28 -34.88
CA HIS D 23 -27.20 11.56 -36.06
C HIS D 23 -28.04 12.20 -37.16
N ASN D 24 -29.27 11.70 -37.36
CA ASN D 24 -30.17 12.31 -38.33
C ASN D 24 -30.43 13.77 -38.00
N VAL D 25 -30.76 14.06 -36.74
CA VAL D 25 -31.04 15.44 -36.37
C VAL D 25 -29.84 16.33 -36.66
N TRP D 26 -28.68 15.97 -36.10
CA TRP D 26 -27.50 16.77 -36.36
C TRP D 26 -27.30 16.95 -37.84
N ALA D 27 -27.34 15.86 -38.61
CA ALA D 27 -27.05 15.96 -40.03
C ALA D 27 -28.06 16.86 -40.75
N THR D 28 -29.34 16.82 -40.33
CA THR D 28 -30.29 17.62 -41.07
C THR D 28 -30.09 19.09 -40.79
N HIS D 29 -29.45 19.48 -39.67
CA HIS D 29 -29.12 20.91 -39.71
C HIS D 29 -27.70 21.22 -40.13
N ALA D 30 -26.81 20.26 -40.18
CA ALA D 30 -25.42 20.57 -40.50
C ALA D 30 -25.01 20.13 -41.88
N CYS D 31 -25.71 19.20 -42.50
CA CYS D 31 -25.32 18.71 -43.82
C CYS D 31 -26.39 19.05 -44.84
N VAL D 32 -25.97 19.04 -46.10
CA VAL D 32 -26.84 19.24 -47.25
C VAL D 32 -27.21 17.86 -47.79
N PRO D 33 -28.34 17.70 -48.46
CA PRO D 33 -28.68 16.40 -49.04
C PRO D 33 -27.66 16.00 -50.10
N THR D 34 -27.70 14.71 -50.44
CA THR D 34 -26.65 14.09 -51.23
C THR D 34 -27.05 14.06 -52.70
N ASP D 35 -26.06 14.29 -53.58
CA ASP D 35 -26.29 14.18 -55.02
C ASP D 35 -26.72 12.76 -55.39
N PRO D 36 -27.96 12.57 -55.87
CA PRO D 36 -28.43 11.19 -56.12
C PRO D 36 -27.56 10.46 -57.11
N ASN D 37 -26.99 11.17 -58.08
CA ASN D 37 -25.95 10.63 -58.95
C ASN D 37 -24.73 11.54 -58.98
N PRO D 38 -23.71 11.24 -58.18
CA PRO D 38 -22.49 12.00 -58.20
C PRO D 38 -21.74 11.67 -59.48
N GLN D 39 -20.56 12.25 -59.62
CA GLN D 39 -19.85 12.15 -60.88
C GLN D 39 -18.34 12.16 -60.62
N GLU D 40 -17.71 11.05 -61.00
CA GLU D 40 -16.30 10.75 -60.86
C GLU D 40 -15.59 11.14 -62.14
N MET D 41 -14.29 10.91 -62.17
CA MET D 41 -13.45 11.57 -63.17
C MET D 41 -12.05 11.00 -63.05
N VAL D 42 -11.75 10.00 -63.89
CA VAL D 42 -10.59 9.12 -63.77
C VAL D 42 -9.36 9.92 -64.16
N LEU D 43 -8.17 9.34 -63.98
CA LEU D 43 -6.95 10.01 -64.45
C LEU D 43 -5.77 9.06 -64.24
N ALA D 44 -5.85 7.84 -64.82
CA ALA D 44 -5.00 6.70 -64.47
C ALA D 44 -3.52 6.84 -64.84
N ASN D 45 -3.11 7.92 -65.51
CA ASN D 45 -1.68 8.22 -65.67
C ASN D 45 -1.14 9.17 -64.60
N VAL D 46 -2.02 9.91 -63.91
CA VAL D 46 -1.63 11.13 -63.21
C VAL D 46 -0.59 10.85 -62.14
N THR D 47 -0.91 9.96 -61.19
CA THR D 47 -0.01 9.72 -60.06
C THR D 47 0.21 10.96 -59.19
N GLU D 48 -0.43 11.01 -58.01
CA GLU D 48 -0.18 12.03 -57.01
C GLU D 48 0.03 11.36 -55.64
N ASN D 49 0.71 12.05 -54.69
CA ASN D 49 0.99 11.41 -53.41
C ASN D 49 -0.06 11.77 -52.39
N PHE D 50 -0.33 10.84 -51.48
CA PHE D 50 -1.07 11.32 -50.33
C PHE D 50 -0.35 10.94 -49.06
N ASN D 51 -0.83 11.47 -47.94
CA ASN D 51 -0.35 11.05 -46.62
C ASN D 51 -1.54 11.00 -45.67
N MET D 52 -2.12 9.81 -45.54
CA MET D 52 -3.26 9.60 -44.65
C MET D 52 -3.01 10.15 -43.24
N TRP D 53 -1.74 10.15 -42.79
CA TRP D 53 -1.43 10.55 -41.42
C TRP D 53 -1.38 12.06 -41.23
N LYS D 54 -1.38 12.82 -42.30
CA LYS D 54 -1.34 14.26 -42.16
C LYS D 54 -2.42 14.87 -43.06
N ASN D 55 -3.68 14.52 -42.86
CA ASN D 55 -4.72 14.78 -43.86
C ASN D 55 -5.71 15.70 -43.15
N ASP D 56 -5.91 16.93 -43.70
CA ASP D 56 -6.77 17.89 -42.99
C ASP D 56 -8.22 17.44 -42.88
N MET D 57 -8.70 16.68 -43.85
CA MET D 57 -10.06 16.15 -43.80
C MET D 57 -10.34 15.46 -42.47
N VAL D 58 -9.35 14.71 -41.97
CA VAL D 58 -9.50 14.06 -40.68
C VAL D 58 -9.79 15.08 -39.58
N GLU D 59 -8.98 16.14 -39.49
CA GLU D 59 -9.28 17.15 -38.48
C GLU D 59 -10.70 17.68 -38.62
N GLN D 60 -11.12 18.00 -39.84
CA GLN D 60 -12.44 18.60 -40.02
C GLN D 60 -13.54 17.65 -39.58
N MET D 61 -13.44 16.36 -39.97
CA MET D 61 -14.50 15.43 -39.55
C MET D 61 -14.45 15.20 -38.05
N HIS D 62 -13.25 15.17 -37.47
CA HIS D 62 -13.13 15.09 -36.02
C HIS D 62 -13.91 16.22 -35.34
N GLU D 63 -13.71 17.45 -35.80
CA GLU D 63 -14.50 18.58 -35.33
C GLU D 63 -15.97 18.26 -35.42
N ASP D 64 -16.42 17.77 -36.58
CA ASP D 64 -17.86 17.61 -36.75
C ASP D 64 -18.39 16.58 -35.78
N ILE D 65 -17.68 15.47 -35.64
CA ILE D 65 -18.18 14.42 -34.76
C ILE D 65 -18.20 14.91 -33.31
N ILE D 66 -17.21 15.70 -32.90
CA ILE D 66 -17.29 16.29 -31.56
C ILE D 66 -18.56 17.11 -31.43
N SER D 67 -18.84 17.93 -32.44
CA SER D 67 -20.06 18.73 -32.44
C SER D 67 -21.29 17.84 -32.28
N LEU D 68 -21.36 16.82 -33.12
CA LEU D 68 -22.49 15.89 -33.10
C LEU D 68 -22.69 15.31 -31.72
N TRP D 69 -21.61 14.81 -31.11
CA TRP D 69 -21.75 14.20 -29.79
C TRP D 69 -22.13 15.23 -28.75
N ASP D 70 -21.64 16.48 -28.86
CA ASP D 70 -22.02 17.48 -27.87
C ASP D 70 -23.49 17.80 -27.96
N GLU D 71 -24.06 17.77 -29.17
CA GLU D 71 -25.46 18.17 -29.26
C GLU D 71 -26.38 17.00 -29.00
N SER D 72 -25.89 15.76 -29.14
CA SER D 72 -26.70 14.54 -29.11
C SER D 72 -26.57 13.73 -27.82
N LEU D 73 -25.35 13.48 -27.37
CA LEU D 73 -25.14 12.67 -26.18
C LEU D 73 -24.67 13.54 -25.02
N LYS D 74 -25.53 14.42 -24.55
CA LYS D 74 -25.10 15.26 -23.43
C LYS D 74 -24.94 14.46 -22.14
N PRO D 75 -23.85 14.64 -21.40
CA PRO D 75 -23.68 13.96 -20.12
C PRO D 75 -24.44 14.69 -19.04
N CYS D 76 -24.89 13.93 -18.05
CA CYS D 76 -25.40 14.58 -16.85
C CYS D 76 -24.32 15.46 -16.24
N VAL D 77 -23.11 14.97 -16.18
CA VAL D 77 -22.04 15.79 -15.62
C VAL D 77 -20.84 15.70 -16.54
N LYS D 78 -20.12 16.80 -16.66
CA LYS D 78 -18.90 16.83 -17.43
C LYS D 78 -17.85 17.46 -16.54
N LEU D 79 -16.79 16.73 -16.25
CA LEU D 79 -15.67 17.23 -15.48
C LEU D 79 -14.52 17.52 -16.41
N THR D 80 -14.13 18.78 -16.54
CA THR D 80 -12.88 19.10 -17.21
C THR D 80 -12.18 20.22 -16.47
N GLY D 81 -10.86 20.14 -16.41
CA GLY D 81 -10.15 21.06 -15.54
C GLY D 81 -10.72 20.95 -14.13
N GLY D 82 -11.02 22.11 -13.54
CA GLY D 82 -11.63 22.09 -12.22
C GLY D 82 -13.13 22.07 -12.33
N SER D 83 -13.63 22.54 -13.49
CA SER D 83 -15.05 22.78 -13.70
C SER D 83 -15.82 21.47 -13.81
N ALA D 84 -17.07 21.51 -13.35
CA ALA D 84 -18.08 20.50 -13.60
C ALA D 84 -19.32 21.16 -14.22
N ILE D 85 -19.76 20.67 -15.37
CA ILE D 85 -20.97 21.20 -16.02
C ILE D 85 -22.08 20.20 -15.80
N THR D 86 -23.26 20.66 -15.40
CA THR D 86 -24.45 19.83 -15.38
C THR D 86 -25.45 20.19 -16.46
N GLN D 87 -26.02 19.17 -17.10
CA GLN D 87 -27.01 19.35 -18.15
C GLN D 87 -28.02 18.24 -18.04
N ALA D 88 -29.14 18.42 -18.73
CA ALA D 88 -30.08 17.33 -18.88
C ALA D 88 -29.47 16.28 -19.78
N CYS D 89 -29.53 15.00 -19.34
CA CYS D 89 -28.95 13.88 -20.07
C CYS D 89 -30.04 12.85 -20.42
N PRO D 90 -30.98 13.25 -21.28
CA PRO D 90 -32.05 12.30 -21.66
C PRO D 90 -31.47 11.15 -22.42
N LYS D 91 -32.08 9.97 -22.24
CA LYS D 91 -31.79 8.83 -23.12
C LYS D 91 -32.32 9.12 -24.52
N VAL D 92 -31.58 8.72 -25.54
CA VAL D 92 -31.90 9.15 -26.90
C VAL D 92 -31.77 7.99 -27.88
N SER D 93 -32.26 8.21 -29.09
CA SER D 93 -32.17 7.23 -30.16
C SER D 93 -30.86 7.49 -30.90
N PHE D 94 -29.95 6.51 -30.85
CA PHE D 94 -28.56 6.70 -31.27
C PHE D 94 -28.13 5.56 -32.16
N ASP D 95 -28.02 5.83 -33.46
CA ASP D 95 -27.53 4.85 -34.41
C ASP D 95 -26.84 5.52 -35.61
N PRO D 96 -25.51 5.49 -35.68
CA PRO D 96 -24.78 6.36 -36.62
C PRO D 96 -25.25 6.16 -38.05
N ILE D 97 -25.28 7.26 -38.80
CA ILE D 97 -25.63 7.23 -40.22
C ILE D 97 -24.40 7.61 -41.02
N PRO D 98 -24.32 7.31 -42.31
CA PRO D 98 -23.12 7.70 -43.08
C PRO D 98 -23.16 9.19 -43.39
N LEU D 99 -21.97 9.78 -43.40
CA LEU D 99 -21.74 11.18 -43.71
C LEU D 99 -20.75 11.25 -44.87
N HIS D 100 -21.00 12.15 -45.79
CA HIS D 100 -20.12 12.38 -46.93
C HIS D 100 -19.45 13.73 -46.75
N TYR D 101 -18.16 13.78 -47.05
CA TYR D 101 -17.45 15.06 -47.00
C TYR D 101 -17.20 15.51 -48.43
N CYS D 102 -17.49 16.79 -48.67
CA CYS D 102 -17.63 17.35 -50.00
C CYS D 102 -16.74 18.57 -50.13
N ALA D 103 -16.09 18.70 -51.30
CA ALA D 103 -15.28 19.87 -51.58
C ALA D 103 -16.18 21.01 -52.07
N PRO D 104 -15.99 22.22 -51.54
CA PRO D 104 -16.82 23.35 -51.98
C PRO D 104 -16.33 23.82 -53.36
N ALA D 105 -17.08 24.78 -53.93
CA ALA D 105 -16.79 25.32 -55.26
C ALA D 105 -15.32 25.71 -55.44
N GLY D 106 -14.72 25.26 -56.55
CA GLY D 106 -13.34 25.59 -56.88
C GLY D 106 -12.32 24.63 -56.33
N PHE D 107 -12.77 23.64 -55.58
CA PHE D 107 -11.98 22.59 -54.96
C PHE D 107 -12.48 21.23 -55.42
N ALA D 108 -11.56 20.25 -55.45
CA ALA D 108 -11.98 18.88 -55.73
C ALA D 108 -11.43 17.95 -54.66
N ILE D 109 -11.88 16.70 -54.69
CA ILE D 109 -11.32 15.66 -53.85
C ILE D 109 -10.69 14.63 -54.74
N LEU D 110 -9.37 14.48 -54.64
CA LEU D 110 -8.72 13.37 -55.30
C LEU D 110 -8.91 12.12 -54.48
N LYS D 111 -9.23 11.04 -55.18
CA LYS D 111 -9.46 9.72 -54.60
C LYS D 111 -8.42 8.80 -55.19
N CYS D 112 -7.66 8.13 -54.35
CA CYS D 112 -6.72 7.15 -54.84
C CYS D 112 -7.44 5.85 -55.16
N ASN D 113 -7.25 5.33 -56.38
CA ASN D 113 -7.97 4.14 -56.80
C ASN D 113 -7.16 2.85 -56.69
N ASN D 114 -5.88 2.93 -56.30
CA ASN D 114 -5.07 1.73 -56.12
C ASN D 114 -5.65 0.90 -54.98
N LYS D 115 -6.23 -0.28 -55.28
CA LYS D 115 -6.83 -0.94 -54.12
C LYS D 115 -5.83 -1.53 -53.12
N THR D 116 -4.53 -1.33 -53.26
CA THR D 116 -3.60 -1.81 -52.26
C THR D 116 -2.84 -0.64 -51.65
N PHE D 117 -3.19 0.59 -52.03
CA PHE D 117 -2.52 1.79 -51.52
C PHE D 117 -2.45 1.77 -50.00
N ASN D 118 -1.24 1.88 -49.46
CA ASN D 118 -1.15 1.76 -48.01
C ASN D 118 -1.46 3.08 -47.29
N GLY D 119 -1.68 4.17 -48.02
CA GLY D 119 -2.11 5.42 -47.42
C GLY D 119 -1.07 6.51 -47.43
N THR D 120 0.20 6.19 -47.67
CA THR D 120 1.22 7.20 -47.82
C THR D 120 2.02 6.94 -49.08
N GLY D 121 2.45 8.02 -49.72
CA GLY D 121 3.32 7.90 -50.87
C GLY D 121 2.55 8.10 -52.14
N PRO D 122 3.16 7.79 -53.29
CA PRO D 122 2.53 8.08 -54.59
C PRO D 122 1.47 7.05 -54.94
N CYS D 123 0.39 7.52 -55.56
CA CYS D 123 -0.71 6.69 -56.02
C CYS D 123 -0.88 6.92 -57.51
N ARG D 124 -0.85 5.81 -58.27
CA ARG D 124 -0.89 5.71 -59.73
C ARG D 124 -2.20 6.19 -60.37
N ASN D 125 -3.28 5.49 -60.04
CA ASN D 125 -4.62 5.70 -60.62
C ASN D 125 -5.45 6.56 -59.66
N VAL D 126 -5.89 7.72 -60.15
CA VAL D 126 -6.48 8.76 -59.32
C VAL D 126 -7.76 9.26 -59.97
N SER D 127 -8.75 9.62 -59.15
CA SER D 127 -9.98 10.20 -59.68
C SER D 127 -10.22 11.55 -59.02
N THR D 128 -11.13 12.30 -59.63
CA THR D 128 -11.69 13.49 -59.00
C THR D 128 -13.14 13.23 -58.64
N VAL D 129 -13.51 13.69 -57.45
CA VAL D 129 -14.86 13.49 -56.94
C VAL D 129 -15.29 14.74 -56.20
N GLN D 130 -16.61 14.91 -56.12
CA GLN D 130 -17.23 15.93 -55.31
C GLN D 130 -17.19 15.58 -53.83
N CYS D 131 -17.37 14.28 -53.50
CA CYS D 131 -17.50 13.86 -52.10
C CYS D 131 -16.90 12.49 -51.88
N THR D 132 -16.54 12.25 -50.63
CA THR D 132 -16.13 10.93 -50.17
C THR D 132 -17.34 10.01 -50.15
N HIS D 133 -17.08 8.71 -50.05
CA HIS D 133 -18.19 7.81 -49.78
C HIS D 133 -18.83 8.14 -48.43
N GLY D 134 -19.98 7.52 -48.19
CA GLY D 134 -20.63 7.66 -46.89
C GLY D 134 -19.76 7.02 -45.80
N ILE D 135 -19.55 7.74 -44.70
CA ILE D 135 -18.67 7.27 -43.63
C ILE D 135 -19.47 7.31 -42.34
N LYS D 136 -19.63 6.14 -41.71
CA LYS D 136 -20.33 6.11 -40.43
C LYS D 136 -19.38 6.56 -39.32
N PRO D 137 -19.65 7.68 -38.63
CA PRO D 137 -18.70 8.14 -37.60
C PRO D 137 -18.78 7.28 -36.35
N VAL D 138 -18.08 6.16 -36.31
CA VAL D 138 -18.27 5.16 -35.26
C VAL D 138 -17.11 5.27 -34.26
N VAL D 139 -17.42 5.69 -33.04
CA VAL D 139 -16.40 5.84 -32.01
C VAL D 139 -16.19 4.49 -31.35
N SER D 140 -14.96 3.98 -31.37
CA SER D 140 -14.63 2.78 -30.62
C SER D 140 -13.12 2.69 -30.46
N THR D 141 -12.68 1.70 -29.69
CA THR D 141 -11.27 1.38 -29.52
C THR D 141 -11.01 -0.07 -29.93
N GLN D 142 -9.73 -0.40 -30.15
CA GLN D 142 -9.27 -1.76 -30.45
C GLN D 142 -9.83 -2.26 -31.77
N LEU D 143 -11.15 -2.40 -31.88
CA LEU D 143 -11.79 -2.85 -33.11
C LEU D 143 -12.45 -1.67 -33.80
N LEU D 144 -12.23 -1.53 -35.11
CA LEU D 144 -12.99 -0.59 -35.93
C LEU D 144 -14.22 -1.28 -36.51
N LEU D 145 -15.39 -0.66 -36.35
CA LEU D 145 -16.68 -1.28 -36.62
C LEU D 145 -17.40 -0.60 -37.77
N ASN D 146 -18.06 -1.39 -38.61
CA ASN D 146 -18.97 -0.87 -39.62
C ASN D 146 -18.25 0.02 -40.62
N GLY D 147 -16.97 -0.25 -40.89
CA GLY D 147 -16.25 0.50 -41.89
C GLY D 147 -16.40 -0.08 -43.27
N SER D 148 -15.41 0.20 -44.12
CA SER D 148 -15.37 -0.21 -45.52
C SER D 148 -14.25 -1.22 -45.69
N LEU D 149 -14.57 -2.43 -46.12
CA LEU D 149 -13.49 -3.42 -46.24
C LEU D 149 -12.52 -3.04 -47.37
N ALA D 150 -11.25 -3.42 -47.21
CA ALA D 150 -10.32 -3.35 -48.32
C ALA D 150 -10.78 -4.30 -49.41
N GLU D 151 -10.41 -4.02 -50.66
CA GLU D 151 -11.07 -4.77 -51.71
C GLU D 151 -10.27 -5.99 -52.16
N GLU D 152 -8.95 -5.81 -52.23
CA GLU D 152 -7.99 -6.89 -52.47
C GLU D 152 -7.66 -7.60 -51.17
N GLU D 153 -6.54 -7.25 -50.54
CA GLU D 153 -6.04 -8.02 -49.41
C GLU D 153 -5.90 -7.15 -48.17
N ILE D 154 -5.93 -7.78 -46.99
CA ILE D 154 -5.71 -7.07 -45.73
C ILE D 154 -4.55 -6.09 -45.92
N ILE D 155 -4.67 -4.87 -45.38
CA ILE D 155 -3.70 -3.79 -45.61
C ILE D 155 -3.18 -3.23 -44.29
N ILE D 156 -1.86 -3.18 -44.12
CA ILE D 156 -1.26 -2.60 -42.92
C ILE D 156 -0.94 -1.13 -43.17
N ARG D 157 -1.47 -0.25 -42.31
CA ARG D 157 -1.22 1.18 -42.42
C ARG D 157 -0.52 1.71 -41.17
N SER D 158 0.50 2.53 -41.37
CA SER D 158 1.14 3.17 -40.24
C SER D 158 1.90 4.38 -40.71
N GLU D 159 1.90 5.44 -39.89
CA GLU D 159 2.72 6.63 -40.16
C GLU D 159 4.19 6.25 -40.34
N ASN D 160 4.64 5.25 -39.57
CA ASN D 160 6.03 4.80 -39.54
C ASN D 160 6.12 3.51 -38.71
N LEU D 161 6.03 2.39 -39.41
CA LEU D 161 6.01 1.07 -38.79
C LEU D 161 7.25 0.75 -37.98
N THR D 162 8.35 1.47 -38.19
CA THR D 162 9.50 1.24 -37.33
C THR D 162 9.32 1.87 -35.96
N ASN D 163 8.58 2.96 -35.89
CA ASN D 163 8.36 3.70 -34.65
C ASN D 163 7.25 3.01 -33.87
N ASN D 164 7.61 2.21 -32.87
CA ASN D 164 6.57 1.38 -32.27
C ASN D 164 5.52 2.21 -31.53
N ALA D 165 5.81 3.46 -31.21
CA ALA D 165 4.81 4.35 -30.62
C ALA D 165 3.71 4.78 -31.60
N LYS D 166 3.82 4.47 -32.90
CA LYS D 166 2.83 4.91 -33.88
C LYS D 166 1.74 3.84 -34.00
N THR D 167 0.47 4.25 -33.87
CA THR D 167 -0.64 3.32 -34.04
C THR D 167 -0.54 2.62 -35.39
N ILE D 168 -0.94 1.34 -35.43
CA ILE D 168 -1.07 0.59 -36.68
C ILE D 168 -2.54 0.36 -36.97
N ILE D 169 -2.97 0.60 -38.21
CA ILE D 169 -4.34 0.34 -38.61
C ILE D 169 -4.34 -0.86 -39.54
N VAL D 170 -4.94 -1.95 -39.11
CA VAL D 170 -5.12 -3.11 -39.97
C VAL D 170 -6.46 -2.95 -40.67
N HIS D 171 -6.46 -2.98 -42.00
CA HIS D 171 -7.66 -2.84 -42.82
C HIS D 171 -8.05 -4.21 -43.35
N LEU D 172 -9.03 -4.85 -42.71
CA LEU D 172 -9.45 -6.18 -43.14
C LEU D 172 -10.15 -6.15 -44.50
N ASN D 173 -10.06 -7.27 -45.21
CA ASN D 173 -10.85 -7.46 -46.42
C ASN D 173 -12.08 -8.33 -46.20
N GLU D 174 -12.38 -8.71 -44.96
CA GLU D 174 -13.56 -9.55 -44.80
C GLU D 174 -14.15 -9.32 -43.42
N SER D 175 -15.42 -8.92 -43.34
CA SER D 175 -16.01 -8.64 -42.04
C SER D 175 -15.88 -9.84 -41.11
N VAL D 176 -15.73 -9.55 -39.81
CA VAL D 176 -15.93 -10.53 -38.76
C VAL D 176 -17.07 -10.02 -37.88
N ASN D 177 -18.17 -10.77 -37.84
CA ASN D 177 -19.31 -10.38 -37.02
C ASN D 177 -18.91 -10.25 -35.56
N ILE D 178 -19.46 -9.25 -34.88
CA ILE D 178 -19.41 -9.23 -33.43
C ILE D 178 -20.79 -8.81 -32.95
N VAL D 179 -21.35 -9.57 -32.02
CA VAL D 179 -22.71 -9.33 -31.52
C VAL D 179 -22.63 -9.05 -30.03
N CYS D 180 -23.09 -7.87 -29.62
CA CYS D 180 -22.97 -7.47 -28.24
C CYS D 180 -24.35 -7.21 -27.70
N THR D 181 -24.57 -7.71 -26.49
CA THR D 181 -25.92 -7.66 -25.95
C THR D 181 -25.85 -7.55 -24.44
N ARG D 182 -26.71 -6.67 -23.93
CA ARG D 182 -27.16 -6.68 -22.54
C ARG D 182 -28.56 -7.22 -22.56
N PRO D 183 -28.81 -8.38 -21.98
CA PRO D 183 -30.07 -9.07 -22.17
C PRO D 183 -31.15 -8.48 -21.26
N ASN D 184 -32.32 -9.10 -21.33
CA ASN D 184 -33.50 -8.76 -20.53
C ASN D 184 -33.81 -9.87 -19.54
N ASN D 193 -27.46 -8.09 -12.47
CA ASN D 193 -26.76 -6.86 -12.82
C ASN D 193 -27.10 -6.26 -14.19
N ILE D 194 -27.77 -5.10 -14.14
CA ILE D 194 -28.25 -4.44 -15.34
C ILE D 194 -27.12 -3.92 -16.22
N ARG D 195 -25.90 -3.80 -15.65
CA ARG D 195 -24.68 -3.32 -16.28
C ARG D 195 -23.81 -4.43 -16.87
N GLN D 196 -24.24 -5.70 -16.79
CA GLN D 196 -23.53 -6.83 -17.39
C GLN D 196 -23.99 -7.08 -18.82
N ALA D 197 -23.04 -7.39 -19.71
CA ALA D 197 -23.36 -7.76 -21.08
C ALA D 197 -22.22 -8.61 -21.64
N HIS D 198 -22.38 -9.05 -22.89
CA HIS D 198 -21.39 -9.94 -23.45
C HIS D 198 -21.44 -9.83 -24.96
N CYS D 199 -20.31 -10.15 -25.59
CA CYS D 199 -20.18 -10.16 -27.04
C CYS D 199 -19.78 -11.54 -27.53
N ASN D 200 -20.33 -11.94 -28.66
CA ASN D 200 -20.00 -13.21 -29.29
C ASN D 200 -19.35 -12.96 -30.64
N ILE D 201 -18.18 -13.57 -30.83
CA ILE D 201 -17.52 -13.70 -32.13
C ILE D 201 -17.32 -15.17 -32.46
N ASN D 202 -17.59 -15.52 -33.72
CA ASN D 202 -17.37 -16.88 -34.21
C ASN D 202 -15.86 -17.16 -34.23
N GLU D 203 -15.39 -18.11 -33.40
CA GLU D 203 -13.95 -18.32 -33.26
C GLU D 203 -13.30 -18.68 -34.60
N SER D 204 -13.98 -19.41 -35.47
CA SER D 204 -13.33 -19.81 -36.73
C SER D 204 -12.98 -18.61 -37.56
N LYS D 205 -13.91 -17.67 -37.66
CA LYS D 205 -13.57 -16.55 -38.50
C LYS D 205 -12.58 -15.61 -37.83
N TRP D 206 -12.61 -15.49 -36.51
CA TRP D 206 -11.50 -14.78 -35.87
C TRP D 206 -10.17 -15.48 -36.16
N ASN D 207 -10.12 -16.80 -35.96
CA ASN D 207 -8.99 -17.70 -36.24
C ASN D 207 -8.35 -17.28 -37.57
N ASN D 208 -9.21 -17.36 -38.57
CA ASN D 208 -8.83 -17.11 -39.95
C ASN D 208 -8.28 -15.71 -40.11
N THR D 209 -9.00 -14.71 -39.58
CA THR D 209 -8.65 -13.32 -39.79
C THR D 209 -7.29 -13.05 -39.18
N LEU D 210 -7.08 -13.51 -37.96
CA LEU D 210 -5.80 -13.23 -37.36
C LEU D 210 -4.69 -13.99 -38.07
N GLN D 211 -5.00 -15.14 -38.69
CA GLN D 211 -3.92 -15.80 -39.41
C GLN D 211 -3.49 -14.98 -40.61
N LYS D 212 -4.45 -14.52 -41.40
CA LYS D 212 -4.12 -13.68 -42.55
C LYS D 212 -3.43 -12.38 -42.11
N VAL D 213 -3.85 -11.83 -40.97
CA VAL D 213 -3.21 -10.61 -40.50
C VAL D 213 -1.77 -10.90 -40.12
N GLY D 214 -1.53 -12.03 -39.42
CA GLY D 214 -0.16 -12.39 -39.08
C GLY D 214 0.69 -12.59 -40.32
N GLU D 215 0.13 -13.19 -41.36
CA GLU D 215 0.80 -13.21 -42.65
C GLU D 215 1.31 -11.81 -43.04
N GLU D 216 0.39 -10.84 -43.18
CA GLU D 216 0.80 -9.51 -43.62
C GLU D 216 1.84 -8.87 -42.66
N LEU D 217 1.54 -8.90 -41.38
CA LEU D 217 2.50 -8.38 -40.41
C LEU D 217 3.87 -9.03 -40.60
N ALA D 218 3.88 -10.30 -40.99
CA ALA D 218 5.15 -11.03 -41.15
C ALA D 218 5.92 -10.47 -42.33
N LYS D 219 5.23 -10.23 -43.45
CA LYS D 219 5.86 -9.51 -44.55
C LYS D 219 6.57 -8.29 -43.98
N HIS D 220 5.94 -7.55 -43.06
CA HIS D 220 6.67 -6.35 -42.62
C HIS D 220 7.73 -6.60 -41.54
N PHE D 221 7.59 -7.65 -40.74
CA PHE D 221 8.64 -8.03 -39.78
C PHE D 221 8.99 -9.50 -40.02
N PRO D 222 10.10 -9.78 -40.71
CA PRO D 222 10.18 -11.07 -41.42
C PRO D 222 10.86 -12.20 -40.66
N SER D 223 11.83 -11.91 -39.78
CA SER D 223 12.49 -13.06 -39.16
C SER D 223 11.72 -13.61 -37.95
N LYS D 224 10.63 -12.95 -37.54
CA LYS D 224 10.19 -12.97 -36.15
C LYS D 224 8.83 -13.65 -36.07
N THR D 225 8.57 -14.31 -34.94
CA THR D 225 7.22 -14.80 -34.67
C THR D 225 6.36 -13.62 -34.23
N ILE D 226 5.04 -13.76 -34.43
CA ILE D 226 4.11 -12.63 -34.34
C ILE D 226 3.07 -12.98 -33.29
N LYS D 227 3.09 -12.29 -32.15
CA LYS D 227 2.22 -12.63 -31.04
C LYS D 227 1.15 -11.56 -30.88
N PHE D 228 -0.11 -12.00 -30.79
CA PHE D 228 -1.22 -11.15 -30.40
C PHE D 228 -1.50 -11.36 -28.91
N GLU D 229 -1.45 -10.29 -28.17
CA GLU D 229 -1.72 -10.26 -26.72
C GLU D 229 -2.66 -9.10 -26.35
N PRO D 230 -3.30 -9.20 -25.22
CA PRO D 230 -4.30 -8.18 -24.83
C PRO D 230 -3.61 -6.92 -24.35
N SER D 231 -4.34 -5.82 -24.44
CA SER D 231 -3.77 -4.53 -24.12
C SER D 231 -3.18 -4.52 -22.73
N SER D 232 -1.92 -4.09 -22.63
CA SER D 232 -1.24 -3.96 -21.34
C SER D 232 -2.01 -3.07 -20.35
N GLY D 233 -1.89 -1.74 -20.46
CA GLY D 233 -2.52 -0.88 -19.47
C GLY D 233 -3.04 0.43 -20.03
N GLY D 234 -3.71 1.18 -19.16
CA GLY D 234 -4.34 2.43 -19.53
C GLY D 234 -5.75 2.50 -18.94
N ASP D 235 -6.46 3.57 -19.30
CA ASP D 235 -7.87 3.64 -18.92
C ASP D 235 -8.66 2.49 -19.52
N LEU D 236 -9.73 2.12 -18.83
CA LEU D 236 -10.59 1.07 -19.34
C LEU D 236 -10.99 1.31 -20.80
N GLU D 237 -11.16 2.56 -21.20
CA GLU D 237 -11.63 2.81 -22.54
C GLU D 237 -10.66 2.23 -23.59
N ILE D 238 -9.35 2.16 -23.30
CA ILE D 238 -8.41 1.61 -24.27
C ILE D 238 -7.90 0.21 -23.94
N THR D 239 -8.02 -0.22 -22.68
CA THR D 239 -7.61 -1.58 -22.37
C THR D 239 -8.73 -2.57 -22.62
N THR D 240 -9.92 -2.09 -22.94
CA THR D 240 -10.98 -2.95 -23.41
C THR D 240 -11.44 -2.40 -24.74
N HIS D 241 -12.23 -3.20 -25.45
CA HIS D 241 -12.91 -2.74 -26.65
C HIS D 241 -14.14 -1.97 -26.21
N SER D 242 -14.06 -0.65 -26.24
CA SER D 242 -15.14 0.20 -25.77
C SER D 242 -15.81 0.85 -26.97
N PHE D 243 -17.12 1.07 -26.85
CA PHE D 243 -17.89 1.65 -27.95
C PHE D 243 -19.27 2.02 -27.43
N ASN D 244 -19.99 2.85 -28.20
CA ASN D 244 -21.35 3.22 -27.82
C ASN D 244 -22.36 2.44 -28.64
N CYS D 245 -23.26 1.76 -27.95
CA CYS D 245 -24.30 0.95 -28.58
C CYS D 245 -25.64 1.49 -28.12
N ARG D 246 -26.41 2.09 -29.03
CA ARG D 246 -27.78 2.40 -28.65
C ARG D 246 -27.80 3.36 -27.45
N GLY D 247 -26.83 4.29 -27.42
CA GLY D 247 -26.68 5.26 -26.35
C GLY D 247 -25.83 4.82 -25.17
N GLU D 248 -25.70 3.53 -24.91
CA GLU D 248 -24.97 3.08 -23.72
C GLU D 248 -23.52 2.76 -24.05
N PHE D 249 -22.65 2.97 -23.07
CA PHE D 249 -21.20 2.83 -23.26
C PHE D 249 -20.78 1.44 -22.83
N PHE D 250 -20.52 0.55 -23.81
CA PHE D 250 -20.05 -0.79 -23.54
C PHE D 250 -18.54 -0.83 -23.43
N TYR D 251 -18.06 -1.61 -22.47
CA TYR D 251 -16.64 -1.88 -22.28
C TYR D 251 -16.48 -3.39 -22.29
N CYS D 252 -15.81 -3.94 -23.30
CA CYS D 252 -15.78 -5.39 -23.51
C CYS D 252 -14.35 -5.90 -23.41
N ASN D 253 -14.16 -6.94 -22.62
CA ASN D 253 -12.85 -7.49 -22.39
C ASN D 253 -12.37 -8.23 -23.64
N THR D 254 -11.15 -7.95 -24.09
CA THR D 254 -10.71 -8.59 -25.32
C THR D 254 -9.56 -9.57 -25.09
N SER D 255 -9.27 -9.93 -23.84
CA SER D 255 -8.15 -10.82 -23.61
C SER D 255 -8.36 -12.21 -24.19
N ASP D 256 -9.59 -12.67 -24.35
CA ASP D 256 -9.59 -13.89 -25.13
C ASP D 256 -9.62 -13.64 -26.63
N LEU D 257 -9.51 -12.38 -27.07
CA LEU D 257 -9.50 -12.10 -28.49
C LEU D 257 -8.09 -11.81 -29.00
N PHE D 258 -7.37 -10.89 -28.35
CA PHE D 258 -6.00 -10.60 -28.75
C PHE D 258 -5.09 -11.48 -27.92
N ASN D 259 -4.96 -12.73 -28.40
CA ASN D 259 -4.39 -13.83 -27.63
C ASN D 259 -4.12 -15.02 -28.55
N GLY D 260 -2.92 -15.08 -29.11
CA GLY D 260 -2.59 -16.10 -30.08
C GLY D 260 -1.24 -15.86 -30.63
N THR D 261 -0.64 -16.90 -31.22
CA THR D 261 0.67 -16.81 -31.84
C THR D 261 0.63 -17.28 -33.28
N TYR D 262 1.38 -16.58 -34.14
CA TYR D 262 1.58 -16.95 -35.54
C TYR D 262 3.09 -17.10 -35.75
N ARG D 263 3.52 -18.36 -35.89
CA ARG D 263 4.94 -18.72 -35.87
C ARG D 263 5.41 -19.33 -37.18
N ASN D 264 4.84 -20.45 -37.63
CA ASN D 264 5.48 -21.01 -38.82
C ASN D 264 4.52 -20.87 -39.99
N GLY D 265 4.28 -19.64 -40.43
CA GLY D 265 3.19 -19.45 -41.38
C GLY D 265 1.88 -20.06 -40.89
N THR D 266 1.75 -20.31 -39.59
CA THR D 266 0.50 -20.81 -39.00
C THR D 266 0.06 -19.92 -37.84
N TYR D 267 -1.26 -19.69 -37.74
CA TYR D 267 -1.83 -19.05 -36.55
C TYR D 267 -2.42 -20.10 -35.60
N ASN D 268 -2.03 -20.00 -34.33
CA ASN D 268 -2.58 -20.73 -33.19
C ASN D 268 -3.31 -19.73 -32.31
N HIS D 269 -4.60 -19.96 -32.05
CA HIS D 269 -5.32 -19.09 -31.12
C HIS D 269 -5.18 -19.58 -29.69
N THR D 270 -4.82 -18.68 -28.79
CA THR D 270 -4.52 -19.01 -27.41
C THR D 270 -5.62 -18.62 -26.42
N GLY D 271 -6.47 -17.65 -26.75
CA GLY D 271 -7.48 -17.24 -25.81
C GLY D 271 -8.58 -18.27 -25.68
N ARG D 272 -9.20 -18.30 -24.49
CA ARG D 272 -10.19 -19.34 -24.28
C ARG D 272 -11.42 -19.11 -25.17
N SER D 273 -11.86 -20.15 -25.84
CA SER D 273 -13.13 -20.13 -26.57
C SER D 273 -14.07 -21.17 -25.97
N SER D 274 -15.20 -21.42 -26.65
CA SER D 274 -16.17 -22.36 -26.13
C SER D 274 -17.35 -22.60 -27.07
N ASN D 275 -17.69 -23.87 -27.33
CA ASN D 275 -18.70 -24.21 -28.34
C ASN D 275 -18.43 -23.48 -29.66
N GLY D 276 -17.17 -23.10 -29.88
CA GLY D 276 -16.76 -22.47 -31.12
C GLY D 276 -16.99 -20.98 -31.26
N THR D 277 -17.18 -20.25 -30.14
CA THR D 277 -17.34 -18.80 -30.16
C THR D 277 -16.56 -18.20 -28.99
N ILE D 278 -15.84 -17.11 -29.27
CA ILE D 278 -15.24 -16.31 -28.22
C ILE D 278 -16.33 -15.41 -27.66
N THR D 279 -16.34 -15.26 -26.33
CA THR D 279 -17.36 -14.46 -25.67
C THR D 279 -16.67 -13.46 -24.76
N LEU D 280 -16.82 -12.19 -25.10
CA LEU D 280 -16.29 -11.08 -24.31
C LEU D 280 -17.25 -10.73 -23.19
N GLN D 281 -16.73 -10.63 -21.98
CA GLN D 281 -17.49 -10.08 -20.87
C GLN D 281 -17.47 -8.54 -20.97
N CYS D 282 -18.63 -7.89 -20.87
CA CYS D 282 -18.76 -6.45 -20.98
C CYS D 282 -19.45 -5.86 -19.75
N LYS D 283 -19.05 -4.63 -19.41
CA LYS D 283 -19.74 -3.77 -18.46
C LYS D 283 -20.33 -2.58 -19.22
N ILE D 284 -21.53 -2.16 -18.85
CA ILE D 284 -22.05 -0.87 -19.30
C ILE D 284 -21.70 0.15 -18.23
N LYS D 285 -21.23 1.32 -18.64
CA LYS D 285 -20.64 2.19 -17.64
C LYS D 285 -21.25 3.59 -17.69
N GLN D 286 -21.22 4.26 -16.54
CA GLN D 286 -21.77 5.60 -16.44
C GLN D 286 -20.68 6.66 -16.47
N ILE D 287 -19.49 6.36 -15.94
CA ILE D 287 -18.40 7.31 -15.88
C ILE D 287 -17.42 7.04 -17.01
N ILE D 288 -17.26 8.01 -17.91
CA ILE D 288 -16.55 7.80 -19.16
C ILE D 288 -15.35 8.74 -19.21
N ASN D 289 -14.18 8.22 -19.56
CA ASN D 289 -13.11 9.10 -19.99
C ASN D 289 -13.37 9.53 -21.44
N MET D 290 -13.37 10.82 -21.65
CA MET D 290 -13.85 11.38 -22.91
C MET D 290 -12.82 11.18 -24.02
N TRP D 291 -13.31 10.85 -25.22
CA TRP D 291 -12.41 10.85 -26.37
C TRP D 291 -12.22 12.24 -26.93
N GLN D 292 -13.22 13.12 -26.73
CA GLN D 292 -13.18 14.45 -27.34
C GLN D 292 -12.05 15.32 -26.76
N GLU D 293 -11.79 15.19 -25.48
CA GLU D 293 -10.82 16.02 -24.79
C GLU D 293 -10.47 15.28 -23.49
N VAL D 294 -9.55 15.86 -22.73
CA VAL D 294 -9.14 15.23 -21.47
C VAL D 294 -10.17 15.63 -20.43
N GLY D 295 -10.96 14.68 -19.98
CA GLY D 295 -12.05 15.02 -19.09
C GLY D 295 -12.89 13.79 -18.87
N ARG D 296 -13.75 13.88 -17.86
CA ARG D 296 -14.65 12.79 -17.51
C ARG D 296 -16.09 13.19 -17.74
N ALA D 297 -16.94 12.19 -18.01
CA ALA D 297 -18.33 12.48 -18.38
C ALA D 297 -19.24 11.45 -17.70
N ILE D 298 -20.26 11.90 -16.99
CA ILE D 298 -21.14 10.98 -16.27
C ILE D 298 -22.51 10.97 -16.91
N TYR D 299 -23.04 9.76 -17.12
CA TYR D 299 -24.29 9.49 -17.80
C TYR D 299 -25.24 8.74 -16.88
N ALA D 300 -26.51 8.69 -17.29
CA ALA D 300 -27.50 8.04 -16.45
C ALA D 300 -27.44 6.54 -16.62
N PRO D 301 -28.05 5.79 -15.69
CA PRO D 301 -27.97 4.32 -15.76
C PRO D 301 -28.67 3.80 -17.00
N PRO D 302 -28.43 2.55 -17.36
CA PRO D 302 -28.84 2.09 -18.68
C PRO D 302 -30.35 2.02 -18.83
N ILE D 303 -30.80 2.27 -20.06
CA ILE D 303 -32.19 2.00 -20.41
C ILE D 303 -32.57 0.57 -20.08
N GLU D 304 -33.79 0.17 -20.44
CA GLU D 304 -34.28 -1.12 -19.99
C GLU D 304 -34.57 -2.02 -21.18
N GLY D 305 -34.53 -3.31 -20.93
CA GLY D 305 -34.73 -4.27 -21.99
C GLY D 305 -33.42 -4.68 -22.61
N GLU D 306 -33.56 -5.33 -23.78
CA GLU D 306 -32.42 -5.88 -24.49
C GLU D 306 -31.72 -4.79 -25.28
N ILE D 307 -30.47 -4.53 -24.94
CA ILE D 307 -29.63 -3.60 -25.67
C ILE D 307 -28.72 -4.45 -26.53
N THR D 308 -28.90 -4.42 -27.85
CA THR D 308 -28.08 -5.27 -28.70
C THR D 308 -27.59 -4.54 -29.93
N CYS D 309 -26.30 -4.68 -30.19
CA CYS D 309 -25.69 -4.17 -31.42
C CYS D 309 -25.08 -5.34 -32.17
N ASN D 310 -25.39 -5.44 -33.44
CA ASN D 310 -24.86 -6.46 -34.32
C ASN D 310 -23.96 -5.74 -35.32
N SER D 311 -22.64 -5.85 -35.15
CA SER D 311 -21.72 -4.99 -35.88
C SER D 311 -20.76 -5.84 -36.69
N ASN D 312 -20.12 -5.19 -37.68
CA ASN D 312 -19.07 -5.80 -38.49
C ASN D 312 -17.71 -5.29 -38.02
N ILE D 313 -16.87 -6.14 -37.41
CA ILE D 313 -15.46 -5.76 -37.28
C ILE D 313 -14.85 -5.69 -38.65
N THR D 314 -14.41 -4.49 -39.06
CA THR D 314 -13.81 -4.29 -40.38
C THR D 314 -12.38 -3.76 -40.31
N GLY D 315 -11.79 -3.64 -39.13
CA GLY D 315 -10.37 -3.31 -39.05
C GLY D 315 -9.92 -3.37 -37.60
N LEU D 316 -8.61 -3.26 -37.40
CA LEU D 316 -8.04 -3.33 -36.06
C LEU D 316 -7.15 -2.12 -35.81
N LEU D 317 -7.00 -1.77 -34.54
CA LEU D 317 -6.04 -0.75 -34.10
C LEU D 317 -5.01 -1.45 -33.21
N LEU D 318 -3.77 -1.50 -33.65
CA LEU D 318 -2.74 -2.25 -32.95
C LEU D 318 -1.58 -1.36 -32.54
N LEU D 319 -0.87 -1.80 -31.50
CA LEU D 319 0.38 -1.19 -31.07
C LEU D 319 1.38 -2.30 -30.83
N ARG D 320 2.57 -2.15 -31.42
CA ARG D 320 3.67 -3.09 -31.27
C ARG D 320 4.51 -2.71 -30.06
N ASP D 321 4.89 -3.71 -29.24
CA ASP D 321 5.87 -3.45 -28.17
C ASP D 321 7.22 -3.02 -28.74
N ASP D 330 13.58 -13.57 -33.45
CA ASP D 330 13.02 -13.09 -32.19
C ASP D 330 11.50 -12.82 -32.36
N THR D 331 10.86 -12.12 -31.40
CA THR D 331 9.41 -11.94 -31.46
C THR D 331 8.99 -10.47 -31.56
N GLU D 332 7.93 -10.22 -32.32
CA GLU D 332 7.18 -8.97 -32.29
C GLU D 332 5.79 -9.24 -31.73
N THR D 333 5.34 -8.38 -30.82
CA THR D 333 4.06 -8.55 -30.14
C THR D 333 3.16 -7.34 -30.40
N PHE D 334 1.91 -7.62 -30.76
CA PHE D 334 0.92 -6.60 -31.05
C PHE D 334 -0.23 -6.67 -30.05
N ARG D 335 -0.53 -5.54 -29.42
CA ARG D 335 -1.71 -5.48 -28.56
C ARG D 335 -2.72 -4.49 -29.11
N PRO D 336 -3.99 -4.64 -28.73
CA PRO D 336 -5.00 -3.69 -29.19
C PRO D 336 -4.70 -2.30 -28.66
N GLY D 337 -4.92 -1.30 -29.52
CA GLY D 337 -4.74 0.10 -29.16
C GLY D 337 -5.98 0.94 -29.40
N GLY D 338 -5.82 2.26 -29.52
CA GLY D 338 -6.92 3.15 -29.73
C GLY D 338 -6.92 4.29 -28.74
N GLY D 339 -7.87 5.18 -28.87
CA GLY D 339 -8.02 6.27 -27.93
C GLY D 339 -8.08 7.62 -28.61
N ASP D 340 -7.45 7.72 -29.79
CA ASP D 340 -7.40 8.94 -30.60
C ASP D 340 -8.38 8.73 -31.73
N MET D 341 -9.60 9.23 -31.59
CA MET D 341 -10.63 8.89 -32.58
C MET D 341 -10.27 9.36 -33.98
N ARG D 342 -9.30 10.25 -34.13
CA ARG D 342 -8.90 10.64 -35.49
C ARG D 342 -8.47 9.40 -36.30
N ASP D 343 -7.81 8.46 -35.64
CA ASP D 343 -7.41 7.25 -36.36
C ASP D 343 -8.62 6.56 -36.97
N ASN D 344 -9.73 6.52 -36.25
CA ASN D 344 -10.93 5.92 -36.83
C ASN D 344 -11.30 6.64 -38.12
N TRP D 345 -11.41 7.97 -38.07
CA TRP D 345 -11.68 8.71 -39.30
C TRP D 345 -10.61 8.44 -40.35
N ARG D 346 -9.33 8.41 -39.96
CA ARG D 346 -8.26 8.14 -40.92
C ARG D 346 -8.56 6.85 -41.69
N SER D 347 -8.98 5.82 -40.97
CA SER D 347 -9.13 4.52 -41.59
C SER D 347 -10.07 4.58 -42.79
N GLU D 348 -11.04 5.51 -42.76
CA GLU D 348 -11.91 5.69 -43.93
C GLU D 348 -11.43 6.80 -44.87
N LEU D 349 -10.73 7.82 -44.37
CA LEU D 349 -10.41 8.97 -45.20
C LEU D 349 -9.09 8.83 -45.93
N TYR D 350 -8.40 7.69 -45.79
CA TYR D 350 -6.99 7.64 -46.17
C TYR D 350 -6.81 7.90 -47.66
N LYS D 351 -7.72 7.42 -48.48
CA LYS D 351 -7.62 7.49 -49.93
C LYS D 351 -8.07 8.83 -50.50
N TYR D 352 -8.22 9.89 -49.70
CA TYR D 352 -8.73 11.14 -50.23
C TYR D 352 -7.83 12.29 -49.82
N LYS D 353 -7.64 13.27 -50.72
CA LYS D 353 -7.13 14.57 -50.31
C LYS D 353 -7.90 15.65 -51.05
N VAL D 354 -7.80 16.88 -50.54
CA VAL D 354 -8.51 18.02 -51.11
C VAL D 354 -7.52 18.83 -51.94
N VAL D 355 -7.90 19.18 -53.16
CA VAL D 355 -6.94 19.87 -54.00
C VAL D 355 -7.58 21.15 -54.56
N GLU D 356 -6.71 22.16 -54.74
CA GLU D 356 -6.85 23.31 -55.66
C GLU D 356 -7.48 24.55 -55.03
#